data_3EVZ
# 
_entry.id   3EVZ 
# 
_audit_conform.dict_name       mmcif_pdbx.dic 
_audit_conform.dict_version    5.399 
_audit_conform.dict_location   http://mmcif.pdb.org/dictionaries/ascii/mmcif_pdbx.dic 
# 
loop_
_database_2.database_id 
_database_2.database_code 
_database_2.pdbx_database_accession 
_database_2.pdbx_DOI 
PDB   3EVZ         pdb_00003evz 10.2210/pdb3evz/pdb 
RCSB  RCSB049835   ?            ?                   
WWPDB D_1000049835 ?            ?                   
# 
loop_
_pdbx_audit_revision_history.ordinal 
_pdbx_audit_revision_history.data_content_type 
_pdbx_audit_revision_history.major_revision 
_pdbx_audit_revision_history.minor_revision 
_pdbx_audit_revision_history.revision_date 
1 'Structure model' 1 0 2008-11-11 
2 'Structure model' 1 1 2011-07-13 
3 'Structure model' 1 2 2016-12-21 
4 'Structure model' 1 3 2021-02-10 
5 'Structure model' 1 4 2023-12-27 
6 'Structure model' 1 5 2024-11-20 
# 
_pdbx_audit_revision_details.ordinal             1 
_pdbx_audit_revision_details.revision_ordinal    1 
_pdbx_audit_revision_details.data_content_type   'Structure model' 
_pdbx_audit_revision_details.provider            repository 
_pdbx_audit_revision_details.type                'Initial release' 
_pdbx_audit_revision_details.description         ? 
_pdbx_audit_revision_details.details             ? 
# 
loop_
_pdbx_audit_revision_group.ordinal 
_pdbx_audit_revision_group.revision_ordinal 
_pdbx_audit_revision_group.data_content_type 
_pdbx_audit_revision_group.group 
1  2 'Structure model' Advisory                    
2  2 'Structure model' 'Refinement description'    
3  2 'Structure model' 'Version format compliance' 
4  3 'Structure model' 'Structure summary'         
5  4 'Structure model' 'Database references'       
6  4 'Structure model' 'Derived calculations'      
7  4 'Structure model' 'Structure summary'         
8  5 'Structure model' 'Data collection'           
9  5 'Structure model' 'Database references'       
10 6 'Structure model' 'Structure summary'         
# 
loop_
_pdbx_audit_revision_category.ordinal 
_pdbx_audit_revision_category.revision_ordinal 
_pdbx_audit_revision_category.data_content_type 
_pdbx_audit_revision_category.category 
1 4 'Structure model' audit_author              
2 4 'Structure model' citation_author           
3 4 'Structure model' struct_conn               
4 5 'Structure model' chem_comp_atom            
5 5 'Structure model' chem_comp_bond            
6 5 'Structure model' database_2                
7 6 'Structure model' pdbx_entry_details        
8 6 'Structure model' pdbx_modification_feature 
# 
loop_
_pdbx_audit_revision_item.ordinal 
_pdbx_audit_revision_item.revision_ordinal 
_pdbx_audit_revision_item.data_content_type 
_pdbx_audit_revision_item.item 
1 4 'Structure model' '_audit_author.identifier_ORCID'      
2 4 'Structure model' '_citation_author.identifier_ORCID'   
3 4 'Structure model' '_struct_conn.pdbx_leaving_atom_flag' 
4 5 'Structure model' '_database_2.pdbx_DOI'                
5 5 'Structure model' '_database_2.pdbx_database_accession' 
# 
_pdbx_database_status.status_code                     REL 
_pdbx_database_status.entry_id                        3EVZ 
_pdbx_database_status.recvd_initial_deposition_date   2008-10-13 
_pdbx_database_status.deposit_site                    RCSB 
_pdbx_database_status.process_site                    RCSB 
_pdbx_database_status.status_code_sf                  REL 
_pdbx_database_status.status_code_mr                  ? 
_pdbx_database_status.SG_entry                        Y 
_pdbx_database_status.status_code_cs                  ? 
_pdbx_database_status.methods_development_category    ? 
_pdbx_database_status.pdb_format_compatible           Y 
_pdbx_database_status.status_code_nmr_data            ? 
# 
_pdbx_database_related.db_name        TargetDB 
_pdbx_database_related.db_id          NYSGXRC-11120i 
_pdbx_database_related.details        . 
_pdbx_database_related.content_type   unspecified 
# 
loop_
_audit_author.name 
_audit_author.pdbx_ordinal 
_audit_author.identifier_ORCID 
'Zhang, Z.'                                                      1 ?                   
'Eswaramoorthy, S.'                                              2 ?                   
'Burley, S.K.'                                                   3 0000-0002-2487-9713 
'Swaminathan, S.'                                                4 ?                   
'New York SGX Research Center for Structural Genomics (NYSGXRC)' 5 ?                   
# 
_citation.id                        primary 
_citation.title                     
;Crystal structure of methyltransferase from     
Pyrococcus furiosus
;
_citation.journal_abbrev            'To be Published' 
_citation.journal_volume            ? 
_citation.page_first                ? 
_citation.page_last                 ? 
_citation.year                      ? 
_citation.journal_id_ASTM           ? 
_citation.country                   ? 
_citation.journal_id_ISSN           ? 
_citation.journal_id_CSD            0353 
_citation.book_publisher            ? 
_citation.pdbx_database_id_PubMed   ? 
_citation.pdbx_database_id_DOI      ? 
# 
loop_
_citation_author.citation_id 
_citation_author.name 
_citation_author.ordinal 
_citation_author.identifier_ORCID 
primary 'Zhang, Z.'         1 ?                   
primary 'Eswaramoorthy, S.' 2 ?                   
primary 'Burley, S.K.'      3 0000-0002-2487-9713 
primary 'Swaminathan, S.'   4 ?                   
# 
loop_
_entity.id 
_entity.type 
_entity.src_method 
_entity.pdbx_description 
_entity.formula_weight 
_entity.pdbx_number_of_molecules 
_entity.pdbx_ec 
_entity.pdbx_mutation 
_entity.pdbx_fragment 
_entity.details 
1 polymer man methyltransferase 26246.688 1  ? ? ? ? 
2 water   nat water             18.015    51 ? ? ? ? 
# 
_entity_poly.entity_id                      1 
_entity_poly.type                           'polypeptide(L)' 
_entity_poly.nstd_linkage                   no 
_entity_poly.nstd_monomer                   yes 
_entity_poly.pdbx_seq_one_letter_code       
;(MSE)SLNGKLDFSNRQARILYNKAIAKALFGLDIEYHPKGLVTTPISRYIFLKTFLRGGEVALEIGTGHTA(MSE)
(MSE)AL(MSE)AEKFFNCKVTATEVDEEFFEYARRNIERNNSNVRLVKSNGGIIKGVVEGTFDVIFSAPPYYDKPLGRV
LTEREAIGGGKYGEEFSVKLLEEAFDHLNPGGKVALYLPDKEKLLNVIKERGIKLGYSVKDIKFKVGTRWRHSLIFFKGI
SEGHHHHHH
;
_entity_poly.pdbx_seq_one_letter_code_can   
;MSLNGKLDFSNRQARILYNKAIAKALFGLDIEYHPKGLVTTPISRYIFLKTFLRGGEVALEIGTGHTAMMALMAEKFFNC
KVTATEVDEEFFEYARRNIERNNSNVRLVKSNGGIIKGVVEGTFDVIFSAPPYYDKPLGRVLTEREAIGGGKYGEEFSVK
LLEEAFDHLNPGGKVALYLPDKEKLLNVIKERGIKLGYSVKDIKFKVGTRWRHSLIFFKGISEGHHHHHH
;
_entity_poly.pdbx_strand_id                 A 
_entity_poly.pdbx_target_identifier         NYSGXRC-11120i 
# 
_pdbx_entity_nonpoly.entity_id   2 
_pdbx_entity_nonpoly.name        water 
_pdbx_entity_nonpoly.comp_id     HOH 
# 
loop_
_entity_poly_seq.entity_id 
_entity_poly_seq.num 
_entity_poly_seq.mon_id 
_entity_poly_seq.hetero 
1 1   MSE n 
1 2   SER n 
1 3   LEU n 
1 4   ASN n 
1 5   GLY n 
1 6   LYS n 
1 7   LEU n 
1 8   ASP n 
1 9   PHE n 
1 10  SER n 
1 11  ASN n 
1 12  ARG n 
1 13  GLN n 
1 14  ALA n 
1 15  ARG n 
1 16  ILE n 
1 17  LEU n 
1 18  TYR n 
1 19  ASN n 
1 20  LYS n 
1 21  ALA n 
1 22  ILE n 
1 23  ALA n 
1 24  LYS n 
1 25  ALA n 
1 26  LEU n 
1 27  PHE n 
1 28  GLY n 
1 29  LEU n 
1 30  ASP n 
1 31  ILE n 
1 32  GLU n 
1 33  TYR n 
1 34  HIS n 
1 35  PRO n 
1 36  LYS n 
1 37  GLY n 
1 38  LEU n 
1 39  VAL n 
1 40  THR n 
1 41  THR n 
1 42  PRO n 
1 43  ILE n 
1 44  SER n 
1 45  ARG n 
1 46  TYR n 
1 47  ILE n 
1 48  PHE n 
1 49  LEU n 
1 50  LYS n 
1 51  THR n 
1 52  PHE n 
1 53  LEU n 
1 54  ARG n 
1 55  GLY n 
1 56  GLY n 
1 57  GLU n 
1 58  VAL n 
1 59  ALA n 
1 60  LEU n 
1 61  GLU n 
1 62  ILE n 
1 63  GLY n 
1 64  THR n 
1 65  GLY n 
1 66  HIS n 
1 67  THR n 
1 68  ALA n 
1 69  MSE n 
1 70  MSE n 
1 71  ALA n 
1 72  LEU n 
1 73  MSE n 
1 74  ALA n 
1 75  GLU n 
1 76  LYS n 
1 77  PHE n 
1 78  PHE n 
1 79  ASN n 
1 80  CYS n 
1 81  LYS n 
1 82  VAL n 
1 83  THR n 
1 84  ALA n 
1 85  THR n 
1 86  GLU n 
1 87  VAL n 
1 88  ASP n 
1 89  GLU n 
1 90  GLU n 
1 91  PHE n 
1 92  PHE n 
1 93  GLU n 
1 94  TYR n 
1 95  ALA n 
1 96  ARG n 
1 97  ARG n 
1 98  ASN n 
1 99  ILE n 
1 100 GLU n 
1 101 ARG n 
1 102 ASN n 
1 103 ASN n 
1 104 SER n 
1 105 ASN n 
1 106 VAL n 
1 107 ARG n 
1 108 LEU n 
1 109 VAL n 
1 110 LYS n 
1 111 SER n 
1 112 ASN n 
1 113 GLY n 
1 114 GLY n 
1 115 ILE n 
1 116 ILE n 
1 117 LYS n 
1 118 GLY n 
1 119 VAL n 
1 120 VAL n 
1 121 GLU n 
1 122 GLY n 
1 123 THR n 
1 124 PHE n 
1 125 ASP n 
1 126 VAL n 
1 127 ILE n 
1 128 PHE n 
1 129 SER n 
1 130 ALA n 
1 131 PRO n 
1 132 PRO n 
1 133 TYR n 
1 134 TYR n 
1 135 ASP n 
1 136 LYS n 
1 137 PRO n 
1 138 LEU n 
1 139 GLY n 
1 140 ARG n 
1 141 VAL n 
1 142 LEU n 
1 143 THR n 
1 144 GLU n 
1 145 ARG n 
1 146 GLU n 
1 147 ALA n 
1 148 ILE n 
1 149 GLY n 
1 150 GLY n 
1 151 GLY n 
1 152 LYS n 
1 153 TYR n 
1 154 GLY n 
1 155 GLU n 
1 156 GLU n 
1 157 PHE n 
1 158 SER n 
1 159 VAL n 
1 160 LYS n 
1 161 LEU n 
1 162 LEU n 
1 163 GLU n 
1 164 GLU n 
1 165 ALA n 
1 166 PHE n 
1 167 ASP n 
1 168 HIS n 
1 169 LEU n 
1 170 ASN n 
1 171 PRO n 
1 172 GLY n 
1 173 GLY n 
1 174 LYS n 
1 175 VAL n 
1 176 ALA n 
1 177 LEU n 
1 178 TYR n 
1 179 LEU n 
1 180 PRO n 
1 181 ASP n 
1 182 LYS n 
1 183 GLU n 
1 184 LYS n 
1 185 LEU n 
1 186 LEU n 
1 187 ASN n 
1 188 VAL n 
1 189 ILE n 
1 190 LYS n 
1 191 GLU n 
1 192 ARG n 
1 193 GLY n 
1 194 ILE n 
1 195 LYS n 
1 196 LEU n 
1 197 GLY n 
1 198 TYR n 
1 199 SER n 
1 200 VAL n 
1 201 LYS n 
1 202 ASP n 
1 203 ILE n 
1 204 LYS n 
1 205 PHE n 
1 206 LYS n 
1 207 VAL n 
1 208 GLY n 
1 209 THR n 
1 210 ARG n 
1 211 TRP n 
1 212 ARG n 
1 213 HIS n 
1 214 SER n 
1 215 LEU n 
1 216 ILE n 
1 217 PHE n 
1 218 PHE n 
1 219 LYS n 
1 220 GLY n 
1 221 ILE n 
1 222 SER n 
1 223 GLU n 
1 224 GLY n 
1 225 HIS n 
1 226 HIS n 
1 227 HIS n 
1 228 HIS n 
1 229 HIS n 
1 230 HIS n 
# 
_entity_src_gen.entity_id                          1 
_entity_src_gen.pdbx_src_id                        1 
_entity_src_gen.pdbx_alt_source_flag               sample 
_entity_src_gen.pdbx_seq_type                      ? 
_entity_src_gen.pdbx_beg_seq_num                   ? 
_entity_src_gen.pdbx_end_seq_num                   ? 
_entity_src_gen.gene_src_common_name               ? 
_entity_src_gen.gene_src_genus                     ? 
_entity_src_gen.pdbx_gene_src_gene                 PF0847 
_entity_src_gen.gene_src_species                   ? 
_entity_src_gen.gene_src_strain                    ? 
_entity_src_gen.gene_src_tissue                    ? 
_entity_src_gen.gene_src_tissue_fraction           ? 
_entity_src_gen.gene_src_details                   ? 
_entity_src_gen.pdbx_gene_src_fragment             ? 
_entity_src_gen.pdbx_gene_src_scientific_name      'Pyrococcus furiosus' 
_entity_src_gen.pdbx_gene_src_ncbi_taxonomy_id     2261 
_entity_src_gen.pdbx_gene_src_variant              ? 
_entity_src_gen.pdbx_gene_src_cell_line            ? 
_entity_src_gen.pdbx_gene_src_atcc                 ? 
_entity_src_gen.pdbx_gene_src_organ                ? 
_entity_src_gen.pdbx_gene_src_organelle            ? 
_entity_src_gen.pdbx_gene_src_cell                 ? 
_entity_src_gen.pdbx_gene_src_cellular_location    ? 
_entity_src_gen.host_org_common_name               ? 
_entity_src_gen.pdbx_host_org_scientific_name      'Escherichia coli' 
_entity_src_gen.pdbx_host_org_ncbi_taxonomy_id     562 
_entity_src_gen.host_org_genus                     ? 
_entity_src_gen.pdbx_host_org_gene                 ? 
_entity_src_gen.pdbx_host_org_organ                ? 
_entity_src_gen.host_org_species                   ? 
_entity_src_gen.pdbx_host_org_tissue               ? 
_entity_src_gen.pdbx_host_org_tissue_fraction      ? 
_entity_src_gen.pdbx_host_org_strain               DE3 
_entity_src_gen.pdbx_host_org_variant              ? 
_entity_src_gen.pdbx_host_org_cell_line            ? 
_entity_src_gen.pdbx_host_org_atcc                 ? 
_entity_src_gen.pdbx_host_org_culture_collection   ? 
_entity_src_gen.pdbx_host_org_cell                 ? 
_entity_src_gen.pdbx_host_org_organelle            ? 
_entity_src_gen.pdbx_host_org_cellular_location    ? 
_entity_src_gen.pdbx_host_org_vector_type          plasmid 
_entity_src_gen.pdbx_host_org_vector               ? 
_entity_src_gen.host_org_details                   ? 
_entity_src_gen.expression_system_id               ? 
_entity_src_gen.plasmid_name                       'BC-pSGX3(BC)' 
_entity_src_gen.plasmid_details                    ? 
_entity_src_gen.pdbx_description                   ? 
# 
loop_
_chem_comp.id 
_chem_comp.type 
_chem_comp.mon_nstd_flag 
_chem_comp.name 
_chem_comp.pdbx_synonyms 
_chem_comp.formula 
_chem_comp.formula_weight 
ALA 'L-peptide linking' y ALANINE          ? 'C3 H7 N O2'     89.093  
ARG 'L-peptide linking' y ARGININE         ? 'C6 H15 N4 O2 1' 175.209 
ASN 'L-peptide linking' y ASPARAGINE       ? 'C4 H8 N2 O3'    132.118 
ASP 'L-peptide linking' y 'ASPARTIC ACID'  ? 'C4 H7 N O4'     133.103 
CYS 'L-peptide linking' y CYSTEINE         ? 'C3 H7 N O2 S'   121.158 
GLN 'L-peptide linking' y GLUTAMINE        ? 'C5 H10 N2 O3'   146.144 
GLU 'L-peptide linking' y 'GLUTAMIC ACID'  ? 'C5 H9 N O4'     147.129 
GLY 'peptide linking'   y GLYCINE          ? 'C2 H5 N O2'     75.067  
HIS 'L-peptide linking' y HISTIDINE        ? 'C6 H10 N3 O2 1' 156.162 
HOH non-polymer         . WATER            ? 'H2 O'           18.015  
ILE 'L-peptide linking' y ISOLEUCINE       ? 'C6 H13 N O2'    131.173 
LEU 'L-peptide linking' y LEUCINE          ? 'C6 H13 N O2'    131.173 
LYS 'L-peptide linking' y LYSINE           ? 'C6 H15 N2 O2 1' 147.195 
MSE 'L-peptide linking' n SELENOMETHIONINE ? 'C5 H11 N O2 Se' 196.106 
PHE 'L-peptide linking' y PHENYLALANINE    ? 'C9 H11 N O2'    165.189 
PRO 'L-peptide linking' y PROLINE          ? 'C5 H9 N O2'     115.130 
SER 'L-peptide linking' y SERINE           ? 'C3 H7 N O3'     105.093 
THR 'L-peptide linking' y THREONINE        ? 'C4 H9 N O3'     119.119 
TRP 'L-peptide linking' y TRYPTOPHAN       ? 'C11 H12 N2 O2'  204.225 
TYR 'L-peptide linking' y TYROSINE         ? 'C9 H11 N O3'    181.189 
VAL 'L-peptide linking' y VALINE           ? 'C5 H11 N O2'    117.146 
# 
loop_
_pdbx_poly_seq_scheme.asym_id 
_pdbx_poly_seq_scheme.entity_id 
_pdbx_poly_seq_scheme.seq_id 
_pdbx_poly_seq_scheme.mon_id 
_pdbx_poly_seq_scheme.ndb_seq_num 
_pdbx_poly_seq_scheme.pdb_seq_num 
_pdbx_poly_seq_scheme.auth_seq_num 
_pdbx_poly_seq_scheme.pdb_mon_id 
_pdbx_poly_seq_scheme.auth_mon_id 
_pdbx_poly_seq_scheme.pdb_strand_id 
_pdbx_poly_seq_scheme.pdb_ins_code 
_pdbx_poly_seq_scheme.hetero 
A 1 1   MSE 1   26  ?   ?   ?   A . n 
A 1 2   SER 2   27  ?   ?   ?   A . n 
A 1 3   LEU 3   28  ?   ?   ?   A . n 
A 1 4   ASN 4   29  ?   ?   ?   A . n 
A 1 5   GLY 5   30  ?   ?   ?   A . n 
A 1 6   LYS 6   31  ?   ?   ?   A . n 
A 1 7   LEU 7   32  ?   ?   ?   A . n 
A 1 8   ASP 8   33  ?   ?   ?   A . n 
A 1 9   PHE 9   34  34  PHE PHE A . n 
A 1 10  SER 10  35  35  SER SER A . n 
A 1 11  ASN 11  36  36  ASN ASN A . n 
A 1 12  ARG 12  37  37  ARG ARG A . n 
A 1 13  GLN 13  38  38  GLN GLN A . n 
A 1 14  ALA 14  39  39  ALA ALA A . n 
A 1 15  ARG 15  40  40  ARG ARG A . n 
A 1 16  ILE 16  41  41  ILE ILE A . n 
A 1 17  LEU 17  42  42  LEU LEU A . n 
A 1 18  TYR 18  43  43  TYR TYR A . n 
A 1 19  ASN 19  44  44  ASN ASN A . n 
A 1 20  LYS 20  45  45  LYS LYS A . n 
A 1 21  ALA 21  46  46  ALA ALA A . n 
A 1 22  ILE 22  47  47  ILE ILE A . n 
A 1 23  ALA 23  48  48  ALA ALA A . n 
A 1 24  LYS 24  49  49  LYS LYS A . n 
A 1 25  ALA 25  50  50  ALA ALA A . n 
A 1 26  LEU 26  51  51  LEU LEU A . n 
A 1 27  PHE 27  52  52  PHE PHE A . n 
A 1 28  GLY 28  53  53  GLY GLY A . n 
A 1 29  LEU 29  54  54  LEU LEU A . n 
A 1 30  ASP 30  55  55  ASP ASP A . n 
A 1 31  ILE 31  56  56  ILE ILE A . n 
A 1 32  GLU 32  57  57  GLU GLU A . n 
A 1 33  TYR 33  58  58  TYR TYR A . n 
A 1 34  HIS 34  59  59  HIS HIS A . n 
A 1 35  PRO 35  60  60  PRO PRO A . n 
A 1 36  LYS 36  61  61  LYS LYS A . n 
A 1 37  GLY 37  62  62  GLY GLY A . n 
A 1 38  LEU 38  63  63  LEU LEU A . n 
A 1 39  VAL 39  64  64  VAL VAL A . n 
A 1 40  THR 40  65  65  THR THR A . n 
A 1 41  THR 41  66  66  THR THR A . n 
A 1 42  PRO 42  67  67  PRO PRO A . n 
A 1 43  ILE 43  68  68  ILE ILE A . n 
A 1 44  SER 44  69  69  SER SER A . n 
A 1 45  ARG 45  70  70  ARG ARG A . n 
A 1 46  TYR 46  71  71  TYR TYR A . n 
A 1 47  ILE 47  72  72  ILE ILE A . n 
A 1 48  PHE 48  73  73  PHE PHE A . n 
A 1 49  LEU 49  74  74  LEU LEU A . n 
A 1 50  LYS 50  75  75  LYS LYS A . n 
A 1 51  THR 51  76  76  THR THR A . n 
A 1 52  PHE 52  77  77  PHE PHE A . n 
A 1 53  LEU 53  78  78  LEU LEU A . n 
A 1 54  ARG 54  79  79  ARG ARG A . n 
A 1 55  GLY 55  80  80  GLY GLY A . n 
A 1 56  GLY 56  81  81  GLY GLY A . n 
A 1 57  GLU 57  82  82  GLU GLU A . n 
A 1 58  VAL 58  83  83  VAL VAL A . n 
A 1 59  ALA 59  84  84  ALA ALA A . n 
A 1 60  LEU 60  85  85  LEU LEU A . n 
A 1 61  GLU 61  86  86  GLU GLU A . n 
A 1 62  ILE 62  87  87  ILE ILE A . n 
A 1 63  GLY 63  88  88  GLY GLY A . n 
A 1 64  THR 64  89  89  THR THR A . n 
A 1 65  GLY 65  90  90  GLY GLY A . n 
A 1 66  HIS 66  91  91  HIS HIS A . n 
A 1 67  THR 67  92  92  THR THR A . n 
A 1 68  ALA 68  93  93  ALA ALA A . n 
A 1 69  MSE 69  94  94  MSE MSE A . n 
A 1 70  MSE 70  95  95  MSE MSE A . n 
A 1 71  ALA 71  96  96  ALA ALA A . n 
A 1 72  LEU 72  97  97  LEU LEU A . n 
A 1 73  MSE 73  98  98  MSE MSE A . n 
A 1 74  ALA 74  99  99  ALA ALA A . n 
A 1 75  GLU 75  100 100 GLU GLU A . n 
A 1 76  LYS 76  101 101 LYS LYS A . n 
A 1 77  PHE 77  102 102 PHE PHE A . n 
A 1 78  PHE 78  103 103 PHE PHE A . n 
A 1 79  ASN 79  104 104 ASN ASN A . n 
A 1 80  CYS 80  105 105 CYS CYS A . n 
A 1 81  LYS 81  106 106 LYS LYS A . n 
A 1 82  VAL 82  107 107 VAL VAL A . n 
A 1 83  THR 83  108 108 THR THR A . n 
A 1 84  ALA 84  109 109 ALA ALA A . n 
A 1 85  THR 85  110 110 THR THR A . n 
A 1 86  GLU 86  111 111 GLU GLU A . n 
A 1 87  VAL 87  112 112 VAL VAL A . n 
A 1 88  ASP 88  113 113 ASP ASP A . n 
A 1 89  GLU 89  114 114 GLU GLU A . n 
A 1 90  GLU 90  115 115 GLU GLU A . n 
A 1 91  PHE 91  116 116 PHE PHE A . n 
A 1 92  PHE 92  117 117 PHE PHE A . n 
A 1 93  GLU 93  118 118 GLU GLU A . n 
A 1 94  TYR 94  119 119 TYR TYR A . n 
A 1 95  ALA 95  120 120 ALA ALA A . n 
A 1 96  ARG 96  121 121 ARG ARG A . n 
A 1 97  ARG 97  122 122 ARG ARG A . n 
A 1 98  ASN 98  123 123 ASN ASN A . n 
A 1 99  ILE 99  124 124 ILE ILE A . n 
A 1 100 GLU 100 125 125 GLU GLU A . n 
A 1 101 ARG 101 126 126 ARG ARG A . n 
A 1 102 ASN 102 127 127 ASN ASN A . n 
A 1 103 ASN 103 128 128 ASN ASN A . n 
A 1 104 SER 104 129 129 SER SER A . n 
A 1 105 ASN 105 130 130 ASN ASN A . n 
A 1 106 VAL 106 131 131 VAL VAL A . n 
A 1 107 ARG 107 132 132 ARG ARG A . n 
A 1 108 LEU 108 133 133 LEU LEU A . n 
A 1 109 VAL 109 134 134 VAL VAL A . n 
A 1 110 LYS 110 135 135 LYS LYS A . n 
A 1 111 SER 111 136 136 SER SER A . n 
A 1 112 ASN 112 137 137 ASN ASN A . n 
A 1 113 GLY 113 138 138 GLY GLY A . n 
A 1 114 GLY 114 139 139 GLY GLY A . n 
A 1 115 ILE 115 140 140 ILE ILE A . n 
A 1 116 ILE 116 141 141 ILE ILE A . n 
A 1 117 LYS 117 142 142 LYS LYS A . n 
A 1 118 GLY 118 143 143 GLY GLY A . n 
A 1 119 VAL 119 144 144 VAL VAL A . n 
A 1 120 VAL 120 145 145 VAL VAL A . n 
A 1 121 GLU 121 146 146 GLU GLU A . n 
A 1 122 GLY 122 147 147 GLY GLY A . n 
A 1 123 THR 123 148 148 THR THR A . n 
A 1 124 PHE 124 149 149 PHE PHE A . n 
A 1 125 ASP 125 150 150 ASP ASP A . n 
A 1 126 VAL 126 151 151 VAL VAL A . n 
A 1 127 ILE 127 152 152 ILE ILE A . n 
A 1 128 PHE 128 153 153 PHE PHE A . n 
A 1 129 SER 129 154 154 SER SER A . n 
A 1 130 ALA 130 155 155 ALA ALA A . n 
A 1 131 PRO 131 156 156 PRO PRO A . n 
A 1 132 PRO 132 157 157 PRO PRO A . n 
A 1 133 TYR 133 158 158 TYR TYR A . n 
A 1 134 TYR 134 159 159 TYR TYR A . n 
A 1 135 ASP 135 160 ?   ?   ?   A . n 
A 1 136 LYS 136 161 ?   ?   ?   A . n 
A 1 137 PRO 137 162 ?   ?   ?   A . n 
A 1 138 LEU 138 163 ?   ?   ?   A . n 
A 1 139 GLY 139 164 ?   ?   ?   A . n 
A 1 140 ARG 140 165 ?   ?   ?   A . n 
A 1 141 VAL 141 166 ?   ?   ?   A . n 
A 1 142 LEU 142 167 ?   ?   ?   A . n 
A 1 143 THR 143 168 ?   ?   ?   A . n 
A 1 144 GLU 144 169 ?   ?   ?   A . n 
A 1 145 ARG 145 170 ?   ?   ?   A . n 
A 1 146 GLU 146 171 ?   ?   ?   A . n 
A 1 147 ALA 147 172 ?   ?   ?   A . n 
A 1 148 ILE 148 173 ?   ?   ?   A . n 
A 1 149 GLY 149 174 ?   ?   ?   A . n 
A 1 150 GLY 150 175 175 GLY GLY A . n 
A 1 151 GLY 151 176 176 GLY GLY A . n 
A 1 152 LYS 152 177 177 LYS LYS A . n 
A 1 153 TYR 153 178 178 TYR TYR A . n 
A 1 154 GLY 154 179 179 GLY GLY A . n 
A 1 155 GLU 155 180 180 GLU GLU A . n 
A 1 156 GLU 156 181 181 GLU GLU A . n 
A 1 157 PHE 157 182 182 PHE PHE A . n 
A 1 158 SER 158 183 183 SER SER A . n 
A 1 159 VAL 159 184 184 VAL VAL A . n 
A 1 160 LYS 160 185 185 LYS LYS A . n 
A 1 161 LEU 161 186 186 LEU LEU A . n 
A 1 162 LEU 162 187 187 LEU LEU A . n 
A 1 163 GLU 163 188 188 GLU GLU A . n 
A 1 164 GLU 164 189 189 GLU GLU A . n 
A 1 165 ALA 165 190 190 ALA ALA A . n 
A 1 166 PHE 166 191 191 PHE PHE A . n 
A 1 167 ASP 167 192 192 ASP ASP A . n 
A 1 168 HIS 168 193 193 HIS HIS A . n 
A 1 169 LEU 169 194 194 LEU LEU A . n 
A 1 170 ASN 170 195 195 ASN ASN A . n 
A 1 171 PRO 171 196 196 PRO PRO A . n 
A 1 172 GLY 172 197 197 GLY GLY A . n 
A 1 173 GLY 173 198 198 GLY GLY A . n 
A 1 174 LYS 174 199 199 LYS LYS A . n 
A 1 175 VAL 175 200 200 VAL VAL A . n 
A 1 176 ALA 176 201 201 ALA ALA A . n 
A 1 177 LEU 177 202 202 LEU LEU A . n 
A 1 178 TYR 178 203 203 TYR TYR A . n 
A 1 179 LEU 179 204 204 LEU LEU A . n 
A 1 180 PRO 180 205 205 PRO PRO A . n 
A 1 181 ASP 181 206 206 ASP ASP A . n 
A 1 182 LYS 182 207 207 LYS LYS A . n 
A 1 183 GLU 183 208 208 GLU GLU A . n 
A 1 184 LYS 184 209 209 LYS LYS A . n 
A 1 185 LEU 185 210 210 LEU LEU A . n 
A 1 186 LEU 186 211 211 LEU LEU A . n 
A 1 187 ASN 187 212 212 ASN ASN A . n 
A 1 188 VAL 188 213 213 VAL VAL A . n 
A 1 189 ILE 189 214 214 ILE ILE A . n 
A 1 190 LYS 190 215 215 LYS LYS A . n 
A 1 191 GLU 191 216 216 GLU GLU A . n 
A 1 192 ARG 192 217 217 ARG ARG A . n 
A 1 193 GLY 193 218 218 GLY GLY A . n 
A 1 194 ILE 194 219 219 ILE ILE A . n 
A 1 195 LYS 195 220 220 LYS LYS A . n 
A 1 196 LEU 196 221 221 LEU LEU A . n 
A 1 197 GLY 197 222 222 GLY GLY A . n 
A 1 198 TYR 198 223 223 TYR TYR A . n 
A 1 199 SER 199 224 224 SER SER A . n 
A 1 200 VAL 200 225 225 VAL VAL A . n 
A 1 201 LYS 201 226 226 LYS LYS A . n 
A 1 202 ASP 202 227 227 ASP ASP A . n 
A 1 203 ILE 203 228 228 ILE ILE A . n 
A 1 204 LYS 204 229 229 LYS LYS A . n 
A 1 205 PHE 205 230 230 PHE PHE A . n 
A 1 206 LYS 206 231 231 LYS LYS A . n 
A 1 207 VAL 207 232 232 VAL VAL A . n 
A 1 208 GLY 208 233 233 GLY GLY A . n 
A 1 209 THR 209 234 234 THR THR A . n 
A 1 210 ARG 210 235 ?   ?   ?   A . n 
A 1 211 TRP 211 236 236 TRP TRP A . n 
A 1 212 ARG 212 237 237 ARG ARG A . n 
A 1 213 HIS 213 238 238 HIS HIS A . n 
A 1 214 SER 214 239 239 SER SER A . n 
A 1 215 LEU 215 240 240 LEU LEU A . n 
A 1 216 ILE 216 241 241 ILE ILE A . n 
A 1 217 PHE 217 242 242 PHE PHE A . n 
A 1 218 PHE 218 243 243 PHE PHE A . n 
A 1 219 LYS 219 244 244 LYS LYS A . n 
A 1 220 GLY 220 245 245 GLY GLY A . n 
A 1 221 ILE 221 246 246 ILE ILE A . n 
A 1 222 SER 222 247 ?   ?   ?   A . n 
A 1 223 GLU 223 248 ?   ?   ?   A . n 
A 1 224 GLY 224 249 ?   ?   ?   A . n 
A 1 225 HIS 225 250 ?   ?   ?   A . n 
A 1 226 HIS 226 251 ?   ?   ?   A . n 
A 1 227 HIS 227 252 ?   ?   ?   A . n 
A 1 228 HIS 228 253 ?   ?   ?   A . n 
A 1 229 HIS 229 254 ?   ?   ?   A . n 
A 1 230 HIS 230 255 ?   ?   ?   A . n 
# 
loop_
_pdbx_nonpoly_scheme.asym_id 
_pdbx_nonpoly_scheme.entity_id 
_pdbx_nonpoly_scheme.mon_id 
_pdbx_nonpoly_scheme.ndb_seq_num 
_pdbx_nonpoly_scheme.pdb_seq_num 
_pdbx_nonpoly_scheme.auth_seq_num 
_pdbx_nonpoly_scheme.pdb_mon_id 
_pdbx_nonpoly_scheme.auth_mon_id 
_pdbx_nonpoly_scheme.pdb_strand_id 
_pdbx_nonpoly_scheme.pdb_ins_code 
B 2 HOH 1  1   1  HOH HOH A . 
B 2 HOH 2  2   2  HOH HOH A . 
B 2 HOH 3  3   3  HOH HOH A . 
B 2 HOH 4  4   4  HOH HOH A . 
B 2 HOH 5  5   5  HOH HOH A . 
B 2 HOH 6  6   6  HOH HOH A . 
B 2 HOH 7  7   7  HOH HOH A . 
B 2 HOH 8  8   8  HOH HOH A . 
B 2 HOH 9  9   9  HOH HOH A . 
B 2 HOH 10 10  10 HOH HOH A . 
B 2 HOH 11 11  11 HOH HOH A . 
B 2 HOH 12 12  12 HOH HOH A . 
B 2 HOH 13 13  13 HOH HOH A . 
B 2 HOH 14 14  14 HOH HOH A . 
B 2 HOH 15 15  15 HOH HOH A . 
B 2 HOH 16 17  17 HOH HOH A . 
B 2 HOH 17 18  18 HOH HOH A . 
B 2 HOH 18 19  19 HOH HOH A . 
B 2 HOH 19 20  20 HOH HOH A . 
B 2 HOH 20 21  21 HOH HOH A . 
B 2 HOH 21 22  22 HOH HOH A . 
B 2 HOH 22 23  23 HOH HOH A . 
B 2 HOH 23 24  24 HOH HOH A . 
B 2 HOH 24 256 26 HOH HOH A . 
B 2 HOH 25 257 27 HOH HOH A . 
B 2 HOH 26 258 28 HOH HOH A . 
B 2 HOH 27 259 29 HOH HOH A . 
B 2 HOH 28 260 30 HOH HOH A . 
B 2 HOH 29 261 31 HOH HOH A . 
B 2 HOH 30 262 32 HOH HOH A . 
B 2 HOH 31 263 34 HOH HOH A . 
B 2 HOH 32 264 35 HOH HOH A . 
B 2 HOH 33 265 37 HOH HOH A . 
B 2 HOH 34 266 38 HOH HOH A . 
B 2 HOH 35 267 40 HOH HOH A . 
B 2 HOH 36 268 43 HOH HOH A . 
B 2 HOH 37 269 46 HOH HOH A . 
B 2 HOH 38 270 53 HOH HOH A . 
B 2 HOH 39 271 71 HOH HOH A . 
B 2 HOH 40 272 73 HOH HOH A . 
B 2 HOH 41 273 74 HOH HOH A . 
B 2 HOH 42 274 75 HOH HOH A . 
B 2 HOH 43 275 76 HOH HOH A . 
B 2 HOH 44 276 77 HOH HOH A . 
B 2 HOH 45 277 79 HOH HOH A . 
B 2 HOH 46 278 80 HOH HOH A . 
B 2 HOH 47 279 81 HOH HOH A . 
B 2 HOH 48 280 82 HOH HOH A . 
B 2 HOH 49 281 83 HOH HOH A . 
B 2 HOH 50 282 84 HOH HOH A . 
B 2 HOH 51 283 85 HOH HOH A . 
# 
loop_
_software.name 
_software.classification 
_software.version 
_software.citation_id 
_software.pdbx_ordinal 
CBASS    'data collection' .        ? 1 
SHELXS   phasing           .        ? 2 
REFMAC   refinement        5.2.0019 ? 3 
HKL-2000 'data reduction'  .        ? 4 
HKL-2000 'data scaling'    .        ? 5 
# 
_cell.entry_id           3EVZ 
_cell.length_a           46.877 
_cell.length_b           46.877 
_cell.length_c           331.412 
_cell.angle_alpha        90.00 
_cell.angle_beta         90.00 
_cell.angle_gamma        120.00 
_cell.Z_PDB              12 
_cell.pdbx_unique_axis   ? 
_cell.length_a_esd       ? 
_cell.length_b_esd       ? 
_cell.length_c_esd       ? 
_cell.angle_alpha_esd    ? 
_cell.angle_beta_esd     ? 
_cell.angle_gamma_esd    ? 
# 
_symmetry.entry_id                         3EVZ 
_symmetry.space_group_name_H-M             'P 61 2 2' 
_symmetry.pdbx_full_space_group_name_H-M   ? 
_symmetry.cell_setting                     ? 
_symmetry.Int_Tables_number                178 
_symmetry.space_group_name_Hall            ? 
# 
_exptl.entry_id          3EVZ 
_exptl.method            'X-RAY DIFFRACTION' 
_exptl.crystals_number   1 
# 
_exptl_crystal.id                    1 
_exptl_crystal.density_meas          ? 
_exptl_crystal.density_Matthews      2.00 
_exptl_crystal.density_percent_sol   38.57 
_exptl_crystal.description           ? 
_exptl_crystal.F_000                 ? 
_exptl_crystal.preparation           ? 
# 
_exptl_crystal_grow.crystal_id      1 
_exptl_crystal_grow.method          'VAPOR DIFFUSION, SITTING DROP' 
_exptl_crystal_grow.temp            291 
_exptl_crystal_grow.temp_details    ? 
_exptl_crystal_grow.pH              8.5 
_exptl_crystal_grow.pdbx_pH_range   ? 
_exptl_crystal_grow.pdbx_details    
;D9. 0.1 M Tris pH 8.5,  
25% w/v PEG 3350, VAPOR DIFFUSION, SITTING DROP, temperature 291K
;
# 
_diffrn.id                     1 
_diffrn.ambient_temp           110 
_diffrn.ambient_temp_details   ? 
_diffrn.crystal_id             1 
# 
_diffrn_detector.diffrn_id              1 
_diffrn_detector.detector               CCD 
_diffrn_detector.type                   'ADSC QUANTUM 210' 
_diffrn_detector.pdbx_collection_date   2008-10-01 
_diffrn_detector.details                mirrors 
# 
_diffrn_radiation.diffrn_id                        1 
_diffrn_radiation.wavelength_id                    1 
_diffrn_radiation.pdbx_monochromatic_or_laue_m_l   M 
_diffrn_radiation.monochromator                    'Si 111 CHANNEL' 
_diffrn_radiation.pdbx_diffrn_protocol             'SINGLE WAVELENGTH' 
_diffrn_radiation.pdbx_scattering_type             x-ray 
# 
_diffrn_radiation_wavelength.id           1 
_diffrn_radiation_wavelength.wavelength   0.9792 
_diffrn_radiation_wavelength.wt           1.0 
# 
_diffrn_source.diffrn_id                   1 
_diffrn_source.source                      SYNCHROTRON 
_diffrn_source.type                        'NSLS BEAMLINE X29A' 
_diffrn_source.pdbx_synchrotron_site       NSLS 
_diffrn_source.pdbx_synchrotron_beamline   X29A 
_diffrn_source.pdbx_wavelength             0.9792 
_diffrn_source.pdbx_wavelength_list        ? 
# 
_reflns.entry_id                     3EVZ 
_reflns.observed_criterion_sigma_I   0 
_reflns.observed_criterion_sigma_F   0 
_reflns.d_resolution_low             55.22 
_reflns.d_resolution_high            2.2 
_reflns.number_obs                   10605 
_reflns.number_all                   11261 
_reflns.percent_possible_obs         92.3 
_reflns.pdbx_Rmerge_I_obs            0.111 
_reflns.pdbx_Rsym_value              0.114 
_reflns.pdbx_netI_over_sigmaI        29.1 
_reflns.B_iso_Wilson_estimate        ? 
_reflns.pdbx_redundancy              28.4 
_reflns.R_free_details               ? 
_reflns.limit_h_max                  ? 
_reflns.limit_h_min                  ? 
_reflns.limit_k_max                  ? 
_reflns.limit_k_min                  ? 
_reflns.limit_l_max                  ? 
_reflns.limit_l_min                  ? 
_reflns.observed_criterion_F_max     ? 
_reflns.observed_criterion_F_min     ? 
_reflns.pdbx_chi_squared             ? 
_reflns.pdbx_scaling_rejects         ? 
_reflns.pdbx_ordinal                 1 
_reflns.pdbx_diffrn_id               1 
# 
_reflns_shell.d_res_high             2.20 
_reflns_shell.d_res_low              2.26 
_reflns_shell.percent_possible_all   85 
_reflns_shell.Rmerge_I_obs           0.331 
_reflns_shell.pdbx_Rsym_value        0.342 
_reflns_shell.meanI_over_sigI_obs    8.6 
_reflns_shell.pdbx_redundancy        27.2 
_reflns_shell.percent_possible_obs   ? 
_reflns_shell.number_unique_all      ? 
_reflns_shell.number_measured_all    ? 
_reflns_shell.number_measured_obs    ? 
_reflns_shell.number_unique_obs      ? 
_reflns_shell.pdbx_chi_squared       ? 
_reflns_shell.pdbx_ordinal           1 
_reflns_shell.pdbx_diffrn_id         1 
# 
_refine.entry_id                                 3EVZ 
_refine.ls_number_reflns_obs                     10605 
_refine.ls_number_reflns_all                     11261 
_refine.pdbx_ls_sigma_I                          ? 
_refine.pdbx_ls_sigma_F                          ? 
_refine.pdbx_data_cutoff_high_absF               ? 
_refine.pdbx_data_cutoff_low_absF                ? 
_refine.pdbx_data_cutoff_high_rms_absF           ? 
_refine.ls_d_res_low                             55.22 
_refine.ls_d_res_high                            2.20 
_refine.ls_percent_reflns_obs                    92.38 
_refine.ls_R_factor_obs                          0.20195 
_refine.ls_R_factor_all                          ? 
_refine.ls_R_factor_R_work                       0.19916 
_refine.ls_R_factor_R_free                       0.25900 
_refine.ls_R_factor_R_free_error                 ? 
_refine.ls_R_factor_R_free_error_details         ? 
_refine.ls_percent_reflns_R_free                 4.8 
_refine.ls_number_reflns_R_free                  535 
_refine.ls_number_parameters                     ? 
_refine.ls_number_restraints                     ? 
_refine.occupancy_min                            ? 
_refine.occupancy_max                            ? 
_refine.correlation_coeff_Fo_to_Fc               0.940 
_refine.correlation_coeff_Fo_to_Fc_free          0.913 
_refine.B_iso_mean                               33.206 
_refine.aniso_B[1][1]                            1.02 
_refine.aniso_B[2][2]                            1.02 
_refine.aniso_B[3][3]                            -1.53 
_refine.aniso_B[1][2]                            0.51 
_refine.aniso_B[1][3]                            0.00 
_refine.aniso_B[2][3]                            0.00 
_refine.solvent_model_details                    MASK 
_refine.solvent_model_param_ksol                 ? 
_refine.solvent_model_param_bsol                 ? 
_refine.pdbx_solvent_vdw_probe_radii             1.20 
_refine.pdbx_solvent_ion_probe_radii             0.80 
_refine.pdbx_solvent_shrinkage_radii             0.80 
_refine.pdbx_ls_cross_valid_method               THROUGHOUT 
_refine.details                                  'HYDROGENS HAVE BEEN ADDED IN THE RIDING POSITIONS' 
_refine.pdbx_starting_model                      ? 
_refine.pdbx_method_to_determine_struct          SAD 
_refine.pdbx_isotropic_thermal_model             ? 
_refine.pdbx_stereochemistry_target_values       'MAXIMUM LIKELIHOOD' 
_refine.pdbx_stereochem_target_val_spec_case     ? 
_refine.pdbx_R_Free_selection_details            RANDOM 
_refine.pdbx_overall_ESU_R                       0.289 
_refine.pdbx_overall_ESU_R_Free                  0.233 
_refine.overall_SU_ML                            0.162 
_refine.pdbx_overall_phase_error                 ? 
_refine.overall_SU_B                             12.973 
_refine.pdbx_refine_id                           'X-RAY DIFFRACTION' 
_refine.ls_redundancy_reflns_obs                 ? 
_refine.B_iso_min                                ? 
_refine.B_iso_max                                ? 
_refine.overall_SU_R_Cruickshank_DPI             ? 
_refine.overall_SU_R_free                        ? 
_refine.ls_wR_factor_R_free                      ? 
_refine.ls_wR_factor_R_work                      ? 
_refine.overall_FOM_free_R_set                   ? 
_refine.overall_FOM_work_R_set                   ? 
_refine.pdbx_TLS_residual_ADP_flag               'LIKELY RESIDUAL' 
_refine.pdbx_diffrn_id                           1 
_refine.pdbx_overall_SU_R_free_Cruickshank_DPI   ? 
_refine.pdbx_overall_SU_R_Blow_DPI               ? 
_refine.pdbx_overall_SU_R_free_Blow_DPI          ? 
# 
_refine_hist.pdbx_refine_id                   'X-RAY DIFFRACTION' 
_refine_hist.cycle_id                         LAST 
_refine_hist.pdbx_number_atoms_protein        1575 
_refine_hist.pdbx_number_atoms_nucleic_acid   0 
_refine_hist.pdbx_number_atoms_ligand         0 
_refine_hist.number_atoms_solvent             51 
_refine_hist.number_atoms_total               1626 
_refine_hist.d_res_high                       2.20 
_refine_hist.d_res_low                        55.22 
# 
loop_
_refine_ls_restr.type 
_refine_ls_restr.dev_ideal 
_refine_ls_restr.dev_ideal_target 
_refine_ls_restr.weight 
_refine_ls_restr.number 
_refine_ls_restr.pdbx_refine_id 
_refine_ls_restr.pdbx_restraint_function 
r_bond_refined_d             0.024  0.022  ? 1611 'X-RAY DIFFRACTION' ? 
r_bond_other_d               ?      ?      ? ?    'X-RAY DIFFRACTION' ? 
r_angle_refined_deg          2.102  1.965  ? 2162 'X-RAY DIFFRACTION' ? 
r_angle_other_deg            ?      ?      ? ?    'X-RAY DIFFRACTION' ? 
r_dihedral_angle_1_deg       7.263  5.000  ? 194  'X-RAY DIFFRACTION' ? 
r_dihedral_angle_2_deg       34.744 23.014 ? 73   'X-RAY DIFFRACTION' ? 
r_dihedral_angle_3_deg       21.407 15.000 ? 292  'X-RAY DIFFRACTION' ? 
r_dihedral_angle_4_deg       20.797 15.000 ? 11   'X-RAY DIFFRACTION' ? 
r_chiral_restr               0.181  0.200  ? 234  'X-RAY DIFFRACTION' ? 
r_gen_planes_refined         0.009  0.020  ? 1198 'X-RAY DIFFRACTION' ? 
r_gen_planes_other           ?      ?      ? ?    'X-RAY DIFFRACTION' ? 
r_nbd_refined                0.251  0.200  ? 722  'X-RAY DIFFRACTION' ? 
r_nbd_other                  ?      ?      ? ?    'X-RAY DIFFRACTION' ? 
r_nbtor_refined              0.320  0.200  ? 1073 'X-RAY DIFFRACTION' ? 
r_nbtor_other                ?      ?      ? ?    'X-RAY DIFFRACTION' ? 
r_xyhbond_nbd_refined        0.182  0.200  ? 82   'X-RAY DIFFRACTION' ? 
r_xyhbond_nbd_other          ?      ?      ? ?    'X-RAY DIFFRACTION' ? 
r_metal_ion_refined          ?      ?      ? ?    'X-RAY DIFFRACTION' ? 
r_metal_ion_other            ?      ?      ? ?    'X-RAY DIFFRACTION' ? 
r_symmetry_vdw_refined       0.218  0.200  ? 42   'X-RAY DIFFRACTION' ? 
r_symmetry_vdw_other         ?      ?      ? ?    'X-RAY DIFFRACTION' ? 
r_symmetry_hbond_refined     0.190  0.200  ? 12   'X-RAY DIFFRACTION' ? 
r_symmetry_hbond_other       ?      ?      ? ?    'X-RAY DIFFRACTION' ? 
r_symmetry_metal_ion_refined ?      ?      ? ?    'X-RAY DIFFRACTION' ? 
r_symmetry_metal_ion_other   ?      ?      ? ?    'X-RAY DIFFRACTION' ? 
r_mcbond_it                  1.306  1.500  ? 999  'X-RAY DIFFRACTION' ? 
r_mcbond_other               ?      ?      ? ?    'X-RAY DIFFRACTION' ? 
r_mcangle_it                 1.911  2.000  ? 1553 'X-RAY DIFFRACTION' ? 
r_scbond_it                  3.373  3.000  ? 695  'X-RAY DIFFRACTION' ? 
r_scangle_it                 5.154  4.500  ? 609  'X-RAY DIFFRACTION' ? 
r_rigid_bond_restr           ?      ?      ? ?    'X-RAY DIFFRACTION' ? 
r_sphericity_free            ?      ?      ? ?    'X-RAY DIFFRACTION' ? 
r_sphericity_bonded          ?      ?      ? ?    'X-RAY DIFFRACTION' ? 
# 
_refine_ls_shell.pdbx_total_number_of_bins_used   20 
_refine_ls_shell.d_res_high                       2.200 
_refine_ls_shell.d_res_low                        2.257 
_refine_ls_shell.number_reflns_R_work             638 
_refine_ls_shell.R_factor_R_work                  0.192 
_refine_ls_shell.percent_reflns_obs               78.56 
_refine_ls_shell.R_factor_R_free                  0.287 
_refine_ls_shell.R_factor_R_free_error            ? 
_refine_ls_shell.percent_reflns_R_free            ? 
_refine_ls_shell.number_reflns_R_free             40 
_refine_ls_shell.number_reflns_all                ? 
_refine_ls_shell.R_factor_all                     ? 
_refine_ls_shell.pdbx_refine_id                   'X-RAY DIFFRACTION' 
_refine_ls_shell.redundancy_reflns_obs            ? 
_refine_ls_shell.number_reflns_obs                ? 
# 
_struct.entry_id                  3EVZ 
_struct.title                     'Crystal structure of Methyltransferase from Pyrococcus furiosus' 
_struct.pdbx_model_details        ? 
_struct.pdbx_CASP_flag            ? 
_struct.pdbx_model_type_details   ? 
# 
_struct_keywords.entry_id        3EVZ 
_struct_keywords.pdbx_keywords   TRANSFERASE 
_struct_keywords.text            
;11120i, Methyltransferase, NYSGXRC, New York SGX Research Center for Structural Genomics, Protein Structure Initiative, Pyrococcus furiosus, PSI-2, TRANSFERASE
;
# 
loop_
_struct_asym.id 
_struct_asym.pdbx_blank_PDB_chainid_flag 
_struct_asym.pdbx_modified 
_struct_asym.entity_id 
_struct_asym.details 
A N N 1 ? 
B N N 2 ? 
# 
_struct_ref.id                         1 
_struct_ref.db_name                    UNP 
_struct_ref.db_code                    Q8U2I7_PYRFU 
_struct_ref.pdbx_db_accession          Q8U2I7 
_struct_ref.entity_id                  1 
_struct_ref.pdbx_seq_one_letter_code   
;NGKLDFSNRQARILYNKAIAKALFGLDIEYHPKGLVTTPISRYIFLKTFLRGGEVALEIGTGHTAMMALMAEKFFNCKVT
ATEVDEEFFEYARRNIERNNSNVRLVKSNGGIIKGVVEGTFDVIFSAPPYYDKPLGRVLTEREAIGGGKYGEEFSVKLLE
EAFDHLNPGGKVALYLPDKEKLLNVIKERGIKLGYSVKDIKFKVGTRWRHSLIFFKGIS
;
_struct_ref.pdbx_align_begin           29 
_struct_ref.pdbx_db_isoform            ? 
# 
_struct_ref_seq.align_id                      1 
_struct_ref_seq.ref_id                        1 
_struct_ref_seq.pdbx_PDB_id_code              3EVZ 
_struct_ref_seq.pdbx_strand_id                A 
_struct_ref_seq.seq_align_beg                 4 
_struct_ref_seq.pdbx_seq_align_beg_ins_code   ? 
_struct_ref_seq.seq_align_end                 222 
_struct_ref_seq.pdbx_seq_align_end_ins_code   ? 
_struct_ref_seq.pdbx_db_accession             Q8U2I7 
_struct_ref_seq.db_align_beg                  29 
_struct_ref_seq.pdbx_db_align_beg_ins_code    ? 
_struct_ref_seq.db_align_end                  247 
_struct_ref_seq.pdbx_db_align_end_ins_code    ? 
_struct_ref_seq.pdbx_auth_seq_align_beg       29 
_struct_ref_seq.pdbx_auth_seq_align_end       247 
# 
loop_
_struct_ref_seq_dif.align_id 
_struct_ref_seq_dif.pdbx_pdb_id_code 
_struct_ref_seq_dif.mon_id 
_struct_ref_seq_dif.pdbx_pdb_strand_id 
_struct_ref_seq_dif.seq_num 
_struct_ref_seq_dif.pdbx_pdb_ins_code 
_struct_ref_seq_dif.pdbx_seq_db_name 
_struct_ref_seq_dif.pdbx_seq_db_accession_code 
_struct_ref_seq_dif.db_mon_id 
_struct_ref_seq_dif.pdbx_seq_db_seq_num 
_struct_ref_seq_dif.details 
_struct_ref_seq_dif.pdbx_auth_seq_num 
_struct_ref_seq_dif.pdbx_ordinal 
1 3EVZ MSE A 1   ? UNP Q8U2I7 ? ? 'expression tag' 26  1  
1 3EVZ SER A 2   ? UNP Q8U2I7 ? ? 'expression tag' 27  2  
1 3EVZ LEU A 3   ? UNP Q8U2I7 ? ? 'expression tag' 28  3  
1 3EVZ GLU A 223 ? UNP Q8U2I7 ? ? 'expression tag' 248 4  
1 3EVZ GLY A 224 ? UNP Q8U2I7 ? ? 'expression tag' 249 5  
1 3EVZ HIS A 225 ? UNP Q8U2I7 ? ? 'expression tag' 250 6  
1 3EVZ HIS A 226 ? UNP Q8U2I7 ? ? 'expression tag' 251 7  
1 3EVZ HIS A 227 ? UNP Q8U2I7 ? ? 'expression tag' 252 8  
1 3EVZ HIS A 228 ? UNP Q8U2I7 ? ? 'expression tag' 253 9  
1 3EVZ HIS A 229 ? UNP Q8U2I7 ? ? 'expression tag' 254 10 
1 3EVZ HIS A 230 ? UNP Q8U2I7 ? ? 'expression tag' 255 11 
# 
_pdbx_struct_assembly.id                   1 
_pdbx_struct_assembly.details              author_defined_assembly 
_pdbx_struct_assembly.method_details       ? 
_pdbx_struct_assembly.oligomeric_details   monomeric 
_pdbx_struct_assembly.oligomeric_count     1 
# 
_pdbx_struct_assembly_gen.assembly_id       1 
_pdbx_struct_assembly_gen.oper_expression   1 
_pdbx_struct_assembly_gen.asym_id_list      A,B 
# 
_pdbx_struct_oper_list.id                   1 
_pdbx_struct_oper_list.type                 'identity operation' 
_pdbx_struct_oper_list.name                 1_555 
_pdbx_struct_oper_list.symmetry_operation   x,y,z 
_pdbx_struct_oper_list.matrix[1][1]         1.0000000000 
_pdbx_struct_oper_list.matrix[1][2]         0.0000000000 
_pdbx_struct_oper_list.matrix[1][3]         0.0000000000 
_pdbx_struct_oper_list.vector[1]            0.0000000000 
_pdbx_struct_oper_list.matrix[2][1]         0.0000000000 
_pdbx_struct_oper_list.matrix[2][2]         1.0000000000 
_pdbx_struct_oper_list.matrix[2][3]         0.0000000000 
_pdbx_struct_oper_list.vector[2]            0.0000000000 
_pdbx_struct_oper_list.matrix[3][1]         0.0000000000 
_pdbx_struct_oper_list.matrix[3][2]         0.0000000000 
_pdbx_struct_oper_list.matrix[3][3]         1.0000000000 
_pdbx_struct_oper_list.vector[3]            0.0000000000 
# 
loop_
_struct_conf.conf_type_id 
_struct_conf.id 
_struct_conf.pdbx_PDB_helix_id 
_struct_conf.beg_label_comp_id 
_struct_conf.beg_label_asym_id 
_struct_conf.beg_label_seq_id 
_struct_conf.pdbx_beg_PDB_ins_code 
_struct_conf.end_label_comp_id 
_struct_conf.end_label_asym_id 
_struct_conf.end_label_seq_id 
_struct_conf.pdbx_end_PDB_ins_code 
_struct_conf.beg_auth_comp_id 
_struct_conf.beg_auth_asym_id 
_struct_conf.beg_auth_seq_id 
_struct_conf.end_auth_comp_id 
_struct_conf.end_auth_asym_id 
_struct_conf.end_auth_seq_id 
_struct_conf.pdbx_PDB_helix_class 
_struct_conf.details 
_struct_conf.pdbx_PDB_helix_length 
HELX_P HELX_P1 1 PHE A 9   ? GLY A 28  ? PHE A 34  GLY A 53  1 ? 20 
HELX_P HELX_P2 2 THR A 41  ? THR A 51  ? THR A 66  THR A 76  1 ? 11 
HELX_P HELX_P3 3 ALA A 68  ? ASN A 79  ? ALA A 93  ASN A 104 1 ? 12 
HELX_P HELX_P4 4 ASP A 88  ? ASN A 102 ? ASP A 113 ASN A 127 1 ? 15 
HELX_P HELX_P5 5 GLU A 155 ? PHE A 166 ? GLU A 180 PHE A 191 1 ? 12 
HELX_P HELX_P6 6 LYS A 182 ? LEU A 196 ? LYS A 207 LEU A 221 1 ? 15 
# 
_struct_conf_type.id          HELX_P 
_struct_conf_type.criteria    ? 
_struct_conf_type.reference   ? 
# 
loop_
_struct_conn.id 
_struct_conn.conn_type_id 
_struct_conn.pdbx_leaving_atom_flag 
_struct_conn.pdbx_PDB_id 
_struct_conn.ptnr1_label_asym_id 
_struct_conn.ptnr1_label_comp_id 
_struct_conn.ptnr1_label_seq_id 
_struct_conn.ptnr1_label_atom_id 
_struct_conn.pdbx_ptnr1_label_alt_id 
_struct_conn.pdbx_ptnr1_PDB_ins_code 
_struct_conn.pdbx_ptnr1_standard_comp_id 
_struct_conn.ptnr1_symmetry 
_struct_conn.ptnr2_label_asym_id 
_struct_conn.ptnr2_label_comp_id 
_struct_conn.ptnr2_label_seq_id 
_struct_conn.ptnr2_label_atom_id 
_struct_conn.pdbx_ptnr2_label_alt_id 
_struct_conn.pdbx_ptnr2_PDB_ins_code 
_struct_conn.ptnr1_auth_asym_id 
_struct_conn.ptnr1_auth_comp_id 
_struct_conn.ptnr1_auth_seq_id 
_struct_conn.ptnr2_auth_asym_id 
_struct_conn.ptnr2_auth_comp_id 
_struct_conn.ptnr2_auth_seq_id 
_struct_conn.ptnr2_symmetry 
_struct_conn.pdbx_ptnr3_label_atom_id 
_struct_conn.pdbx_ptnr3_label_seq_id 
_struct_conn.pdbx_ptnr3_label_comp_id 
_struct_conn.pdbx_ptnr3_label_asym_id 
_struct_conn.pdbx_ptnr3_label_alt_id 
_struct_conn.pdbx_ptnr3_PDB_ins_code 
_struct_conn.details 
_struct_conn.pdbx_dist_value 
_struct_conn.pdbx_value_order 
_struct_conn.pdbx_role 
covale1 covale both ? A ALA 68 C ? ? ? 1_555 A MSE 69 N ? ? A ALA 93 A MSE 94 1_555 ? ? ? ? ? ? ? 1.315 ? ? 
covale2 covale both ? A MSE 69 C ? ? ? 1_555 A MSE 70 N ? ? A MSE 94 A MSE 95 1_555 ? ? ? ? ? ? ? 1.344 ? ? 
covale3 covale both ? A MSE 70 C ? ? ? 1_555 A ALA 71 N ? ? A MSE 95 A ALA 96 1_555 ? ? ? ? ? ? ? 1.314 ? ? 
covale4 covale both ? A LEU 72 C ? ? ? 1_555 A MSE 73 N ? ? A LEU 97 A MSE 98 1_555 ? ? ? ? ? ? ? 1.335 ? ? 
covale5 covale both ? A MSE 73 C ? ? ? 1_555 A ALA 74 N ? ? A MSE 98 A ALA 99 1_555 ? ? ? ? ? ? ? 1.328 ? ? 
# 
_struct_conn_type.id          covale 
_struct_conn_type.criteria    ? 
_struct_conn_type.reference   ? 
# 
loop_
_pdbx_modification_feature.ordinal 
_pdbx_modification_feature.label_comp_id 
_pdbx_modification_feature.label_asym_id 
_pdbx_modification_feature.label_seq_id 
_pdbx_modification_feature.label_alt_id 
_pdbx_modification_feature.modified_residue_label_comp_id 
_pdbx_modification_feature.modified_residue_label_asym_id 
_pdbx_modification_feature.modified_residue_label_seq_id 
_pdbx_modification_feature.modified_residue_label_alt_id 
_pdbx_modification_feature.auth_comp_id 
_pdbx_modification_feature.auth_asym_id 
_pdbx_modification_feature.auth_seq_id 
_pdbx_modification_feature.PDB_ins_code 
_pdbx_modification_feature.symmetry 
_pdbx_modification_feature.modified_residue_auth_comp_id 
_pdbx_modification_feature.modified_residue_auth_asym_id 
_pdbx_modification_feature.modified_residue_auth_seq_id 
_pdbx_modification_feature.modified_residue_PDB_ins_code 
_pdbx_modification_feature.modified_residue_symmetry 
_pdbx_modification_feature.comp_id_linking_atom 
_pdbx_modification_feature.modified_residue_id_linking_atom 
_pdbx_modification_feature.modified_residue_id 
_pdbx_modification_feature.ref_pcm_id 
_pdbx_modification_feature.ref_comp_id 
_pdbx_modification_feature.type 
_pdbx_modification_feature.category 
1 MSE A 69 ? . . . . MSE A 94 ? 1_555 . . . . . . . MET 1 MSE Selenomethionine 'Named protein modification' 
2 MSE A 70 ? . . . . MSE A 95 ? 1_555 . . . . . . . MET 1 MSE Selenomethionine 'Named protein modification' 
3 MSE A 73 ? . . . . MSE A 98 ? 1_555 . . . . . . . MET 1 MSE Selenomethionine 'Named protein modification' 
# 
_struct_mon_prot_cis.pdbx_id                1 
_struct_mon_prot_cis.label_comp_id          VAL 
_struct_mon_prot_cis.label_seq_id           207 
_struct_mon_prot_cis.label_asym_id          A 
_struct_mon_prot_cis.label_alt_id           . 
_struct_mon_prot_cis.pdbx_PDB_ins_code      ? 
_struct_mon_prot_cis.auth_comp_id           VAL 
_struct_mon_prot_cis.auth_seq_id            232 
_struct_mon_prot_cis.auth_asym_id           A 
_struct_mon_prot_cis.pdbx_label_comp_id_2   GLY 
_struct_mon_prot_cis.pdbx_label_seq_id_2    208 
_struct_mon_prot_cis.pdbx_label_asym_id_2   A 
_struct_mon_prot_cis.pdbx_PDB_ins_code_2    ? 
_struct_mon_prot_cis.pdbx_auth_comp_id_2    GLY 
_struct_mon_prot_cis.pdbx_auth_seq_id_2     233 
_struct_mon_prot_cis.pdbx_auth_asym_id_2    A 
_struct_mon_prot_cis.pdbx_PDB_model_num     1 
_struct_mon_prot_cis.pdbx_omega_angle       -10.53 
# 
_struct_sheet.id               A 
_struct_sheet.type             ? 
_struct_sheet.number_strands   7 
_struct_sheet.details          ? 
# 
loop_
_struct_sheet_order.sheet_id 
_struct_sheet_order.range_id_1 
_struct_sheet_order.range_id_2 
_struct_sheet_order.offset 
_struct_sheet_order.sense 
A 1 2 ? parallel      
A 2 3 ? parallel      
A 3 4 ? parallel      
A 4 5 ? parallel      
A 5 6 ? anti-parallel 
A 6 7 ? anti-parallel 
# 
loop_
_struct_sheet_range.sheet_id 
_struct_sheet_range.id 
_struct_sheet_range.beg_label_comp_id 
_struct_sheet_range.beg_label_asym_id 
_struct_sheet_range.beg_label_seq_id 
_struct_sheet_range.pdbx_beg_PDB_ins_code 
_struct_sheet_range.end_label_comp_id 
_struct_sheet_range.end_label_asym_id 
_struct_sheet_range.end_label_seq_id 
_struct_sheet_range.pdbx_end_PDB_ins_code 
_struct_sheet_range.beg_auth_comp_id 
_struct_sheet_range.beg_auth_asym_id 
_struct_sheet_range.beg_auth_seq_id 
_struct_sheet_range.end_auth_comp_id 
_struct_sheet_range.end_auth_asym_id 
_struct_sheet_range.end_auth_seq_id 
A 1 ARG A 107 ? LYS A 110 ? ARG A 132 LYS A 135 
A 2 LYS A 81  ? GLU A 86  ? LYS A 106 GLU A 111 
A 3 VAL A 58  ? ILE A 62  ? VAL A 83  ILE A 87  
A 4 PHE A 124 ? SER A 129 ? PHE A 149 SER A 154 
A 5 LEU A 169 ? PRO A 180 ? LEU A 194 PRO A 205 
A 6 ARG A 212 ? PHE A 218 ? ARG A 237 PHE A 243 
A 7 SER A 199 ? PHE A 205 ? SER A 224 PHE A 230 
# 
loop_
_pdbx_struct_sheet_hbond.sheet_id 
_pdbx_struct_sheet_hbond.range_id_1 
_pdbx_struct_sheet_hbond.range_id_2 
_pdbx_struct_sheet_hbond.range_1_label_atom_id 
_pdbx_struct_sheet_hbond.range_1_label_comp_id 
_pdbx_struct_sheet_hbond.range_1_label_asym_id 
_pdbx_struct_sheet_hbond.range_1_label_seq_id 
_pdbx_struct_sheet_hbond.range_1_PDB_ins_code 
_pdbx_struct_sheet_hbond.range_1_auth_atom_id 
_pdbx_struct_sheet_hbond.range_1_auth_comp_id 
_pdbx_struct_sheet_hbond.range_1_auth_asym_id 
_pdbx_struct_sheet_hbond.range_1_auth_seq_id 
_pdbx_struct_sheet_hbond.range_2_label_atom_id 
_pdbx_struct_sheet_hbond.range_2_label_comp_id 
_pdbx_struct_sheet_hbond.range_2_label_asym_id 
_pdbx_struct_sheet_hbond.range_2_label_seq_id 
_pdbx_struct_sheet_hbond.range_2_PDB_ins_code 
_pdbx_struct_sheet_hbond.range_2_auth_atom_id 
_pdbx_struct_sheet_hbond.range_2_auth_comp_id 
_pdbx_struct_sheet_hbond.range_2_auth_asym_id 
_pdbx_struct_sheet_hbond.range_2_auth_seq_id 
A 1 2 O VAL A 109 ? O VAL A 134 N ALA A 84  ? N ALA A 109 
A 2 3 O THR A 83  ? O THR A 108 N GLU A 61  ? N GLU A 86  
A 3 4 N VAL A 58  ? N VAL A 83  O ASP A 125 ? O ASP A 150 
A 4 5 N ASP A 125 ? N ASP A 150 O LYS A 174 ? O LYS A 199 
A 5 6 N VAL A 175 ? N VAL A 200 O PHE A 217 ? O PHE A 242 
A 6 7 O ARG A 212 ? O ARG A 237 N PHE A 205 ? N PHE A 230 
# 
_pdbx_entry_details.entry_id                   3EVZ 
_pdbx_entry_details.compound_details           ? 
_pdbx_entry_details.source_details             ? 
_pdbx_entry_details.nonpolymer_details         ? 
_pdbx_entry_details.sequence_details           ? 
_pdbx_entry_details.has_ligand_of_interest     ? 
_pdbx_entry_details.has_protein_modification   Y 
# 
_pdbx_validate_rmsd_angle.id                         1 
_pdbx_validate_rmsd_angle.PDB_model_num              1 
_pdbx_validate_rmsd_angle.auth_atom_id_1             CA 
_pdbx_validate_rmsd_angle.auth_asym_id_1             A 
_pdbx_validate_rmsd_angle.auth_comp_id_1             LEU 
_pdbx_validate_rmsd_angle.auth_seq_id_1              42 
_pdbx_validate_rmsd_angle.PDB_ins_code_1             ? 
_pdbx_validate_rmsd_angle.label_alt_id_1             ? 
_pdbx_validate_rmsd_angle.auth_atom_id_2             CB 
_pdbx_validate_rmsd_angle.auth_asym_id_2             A 
_pdbx_validate_rmsd_angle.auth_comp_id_2             LEU 
_pdbx_validate_rmsd_angle.auth_seq_id_2              42 
_pdbx_validate_rmsd_angle.PDB_ins_code_2             ? 
_pdbx_validate_rmsd_angle.label_alt_id_2             ? 
_pdbx_validate_rmsd_angle.auth_atom_id_3             CG 
_pdbx_validate_rmsd_angle.auth_asym_id_3             A 
_pdbx_validate_rmsd_angle.auth_comp_id_3             LEU 
_pdbx_validate_rmsd_angle.auth_seq_id_3              42 
_pdbx_validate_rmsd_angle.PDB_ins_code_3             ? 
_pdbx_validate_rmsd_angle.label_alt_id_3             ? 
_pdbx_validate_rmsd_angle.angle_value                134.73 
_pdbx_validate_rmsd_angle.angle_target_value         115.30 
_pdbx_validate_rmsd_angle.angle_deviation            19.43 
_pdbx_validate_rmsd_angle.angle_standard_deviation   2.30 
_pdbx_validate_rmsd_angle.linker_flag                N 
# 
loop_
_pdbx_validate_torsion.id 
_pdbx_validate_torsion.PDB_model_num 
_pdbx_validate_torsion.auth_comp_id 
_pdbx_validate_torsion.auth_asym_id 
_pdbx_validate_torsion.auth_seq_id 
_pdbx_validate_torsion.PDB_ins_code 
_pdbx_validate_torsion.label_alt_id 
_pdbx_validate_torsion.phi 
_pdbx_validate_torsion.psi 
1 1 ILE A 140 ? ? -107.38 -71.28 
2 1 VAL A 144 ? ? -126.07 -54.04 
3 1 VAL A 232 ? ? -140.53 58.46  
# 
_pdbx_SG_project.id                    1 
_pdbx_SG_project.project_name          'PSI, Protein Structure Initiative' 
_pdbx_SG_project.full_name_of_center   'New York SGX Research Center for Structural Genomics' 
_pdbx_SG_project.initial_of_center     NYSGXRC 
# 
loop_
_pdbx_struct_mod_residue.id 
_pdbx_struct_mod_residue.label_asym_id 
_pdbx_struct_mod_residue.label_comp_id 
_pdbx_struct_mod_residue.label_seq_id 
_pdbx_struct_mod_residue.auth_asym_id 
_pdbx_struct_mod_residue.auth_comp_id 
_pdbx_struct_mod_residue.auth_seq_id 
_pdbx_struct_mod_residue.PDB_ins_code 
_pdbx_struct_mod_residue.parent_comp_id 
_pdbx_struct_mod_residue.details 
1 A MSE 69 A MSE 94 ? MET SELENOMETHIONINE 
2 A MSE 70 A MSE 95 ? MET SELENOMETHIONINE 
3 A MSE 73 A MSE 98 ? MET SELENOMETHIONINE 
# 
_pdbx_refine_tls.pdbx_refine_id   'X-RAY DIFFRACTION' 
_pdbx_refine_tls.id               1 
_pdbx_refine_tls.details          ? 
_pdbx_refine_tls.method           refined 
_pdbx_refine_tls.origin_x         0.0874 
_pdbx_refine_tls.origin_y         -0.5627 
_pdbx_refine_tls.origin_z         0.1806 
_pdbx_refine_tls.T[1][1]          -0.1061 
_pdbx_refine_tls.T[2][2]          -0.0413 
_pdbx_refine_tls.T[3][3]          -0.1948 
_pdbx_refine_tls.T[1][2]          -0.0479 
_pdbx_refine_tls.T[1][3]          0.0248 
_pdbx_refine_tls.T[2][3]          -0.0508 
_pdbx_refine_tls.L[1][1]          3.6174 
_pdbx_refine_tls.L[2][2]          0.9811 
_pdbx_refine_tls.L[3][3]          3.2173 
_pdbx_refine_tls.L[1][2]          1.5667 
_pdbx_refine_tls.L[1][3]          -0.3217 
_pdbx_refine_tls.L[2][3]          0.0523 
_pdbx_refine_tls.S[1][1]          0.0131 
_pdbx_refine_tls.S[2][2]          -0.0038 
_pdbx_refine_tls.S[3][3]          -0.0094 
_pdbx_refine_tls.S[1][2]          0.0648 
_pdbx_refine_tls.S[1][3]          -0.2685 
_pdbx_refine_tls.S[2][3]          -0.0086 
_pdbx_refine_tls.S[2][1]          -0.0054 
_pdbx_refine_tls.S[3][1]          0.2117 
_pdbx_refine_tls.S[3][2]          -0.1081 
# 
_pdbx_refine_tls_group.pdbx_refine_id      'X-RAY DIFFRACTION' 
_pdbx_refine_tls_group.id                  1 
_pdbx_refine_tls_group.refine_tls_id       1 
_pdbx_refine_tls_group.beg_auth_asym_id    A 
_pdbx_refine_tls_group.beg_auth_seq_id     34 
_pdbx_refine_tls_group.end_auth_asym_id    A 
_pdbx_refine_tls_group.end_auth_seq_id     221 
_pdbx_refine_tls_group.selection_details   ? 
_pdbx_refine_tls_group.beg_label_asym_id   . 
_pdbx_refine_tls_group.beg_label_seq_id    . 
_pdbx_refine_tls_group.end_label_asym_id   . 
_pdbx_refine_tls_group.end_label_seq_id    . 
_pdbx_refine_tls_group.selection           ? 
# 
loop_
_pdbx_unobs_or_zero_occ_residues.id 
_pdbx_unobs_or_zero_occ_residues.PDB_model_num 
_pdbx_unobs_or_zero_occ_residues.polymer_flag 
_pdbx_unobs_or_zero_occ_residues.occupancy_flag 
_pdbx_unobs_or_zero_occ_residues.auth_asym_id 
_pdbx_unobs_or_zero_occ_residues.auth_comp_id 
_pdbx_unobs_or_zero_occ_residues.auth_seq_id 
_pdbx_unobs_or_zero_occ_residues.PDB_ins_code 
_pdbx_unobs_or_zero_occ_residues.label_asym_id 
_pdbx_unobs_or_zero_occ_residues.label_comp_id 
_pdbx_unobs_or_zero_occ_residues.label_seq_id 
1  1 Y 1 A MSE 26  ? A MSE 1   
2  1 Y 1 A SER 27  ? A SER 2   
3  1 Y 1 A LEU 28  ? A LEU 3   
4  1 Y 1 A ASN 29  ? A ASN 4   
5  1 Y 1 A GLY 30  ? A GLY 5   
6  1 Y 1 A LYS 31  ? A LYS 6   
7  1 Y 1 A LEU 32  ? A LEU 7   
8  1 Y 1 A ASP 33  ? A ASP 8   
9  1 Y 1 A ASP 160 ? A ASP 135 
10 1 Y 1 A LYS 161 ? A LYS 136 
11 1 Y 1 A PRO 162 ? A PRO 137 
12 1 Y 1 A LEU 163 ? A LEU 138 
13 1 Y 1 A GLY 164 ? A GLY 139 
14 1 Y 1 A ARG 165 ? A ARG 140 
15 1 Y 1 A VAL 166 ? A VAL 141 
16 1 Y 1 A LEU 167 ? A LEU 142 
17 1 Y 1 A THR 168 ? A THR 143 
18 1 Y 1 A GLU 169 ? A GLU 144 
19 1 Y 1 A ARG 170 ? A ARG 145 
20 1 Y 1 A GLU 171 ? A GLU 146 
21 1 Y 1 A ALA 172 ? A ALA 147 
22 1 Y 1 A ILE 173 ? A ILE 148 
23 1 Y 1 A GLY 174 ? A GLY 149 
24 1 Y 1 A ARG 235 ? A ARG 210 
25 1 Y 1 A SER 247 ? A SER 222 
26 1 Y 1 A GLU 248 ? A GLU 223 
27 1 Y 1 A GLY 249 ? A GLY 224 
28 1 Y 1 A HIS 250 ? A HIS 225 
29 1 Y 1 A HIS 251 ? A HIS 226 
30 1 Y 1 A HIS 252 ? A HIS 227 
31 1 Y 1 A HIS 253 ? A HIS 228 
32 1 Y 1 A HIS 254 ? A HIS 229 
33 1 Y 1 A HIS 255 ? A HIS 230 
# 
loop_
_chem_comp_atom.comp_id 
_chem_comp_atom.atom_id 
_chem_comp_atom.type_symbol 
_chem_comp_atom.pdbx_aromatic_flag 
_chem_comp_atom.pdbx_stereo_config 
_chem_comp_atom.pdbx_ordinal 
ALA N    N  N N 1   
ALA CA   C  N S 2   
ALA C    C  N N 3   
ALA O    O  N N 4   
ALA CB   C  N N 5   
ALA OXT  O  N N 6   
ALA H    H  N N 7   
ALA H2   H  N N 8   
ALA HA   H  N N 9   
ALA HB1  H  N N 10  
ALA HB2  H  N N 11  
ALA HB3  H  N N 12  
ALA HXT  H  N N 13  
ARG N    N  N N 14  
ARG CA   C  N S 15  
ARG C    C  N N 16  
ARG O    O  N N 17  
ARG CB   C  N N 18  
ARG CG   C  N N 19  
ARG CD   C  N N 20  
ARG NE   N  N N 21  
ARG CZ   C  N N 22  
ARG NH1  N  N N 23  
ARG NH2  N  N N 24  
ARG OXT  O  N N 25  
ARG H    H  N N 26  
ARG H2   H  N N 27  
ARG HA   H  N N 28  
ARG HB2  H  N N 29  
ARG HB3  H  N N 30  
ARG HG2  H  N N 31  
ARG HG3  H  N N 32  
ARG HD2  H  N N 33  
ARG HD3  H  N N 34  
ARG HE   H  N N 35  
ARG HH11 H  N N 36  
ARG HH12 H  N N 37  
ARG HH21 H  N N 38  
ARG HH22 H  N N 39  
ARG HXT  H  N N 40  
ASN N    N  N N 41  
ASN CA   C  N S 42  
ASN C    C  N N 43  
ASN O    O  N N 44  
ASN CB   C  N N 45  
ASN CG   C  N N 46  
ASN OD1  O  N N 47  
ASN ND2  N  N N 48  
ASN OXT  O  N N 49  
ASN H    H  N N 50  
ASN H2   H  N N 51  
ASN HA   H  N N 52  
ASN HB2  H  N N 53  
ASN HB3  H  N N 54  
ASN HD21 H  N N 55  
ASN HD22 H  N N 56  
ASN HXT  H  N N 57  
ASP N    N  N N 58  
ASP CA   C  N S 59  
ASP C    C  N N 60  
ASP O    O  N N 61  
ASP CB   C  N N 62  
ASP CG   C  N N 63  
ASP OD1  O  N N 64  
ASP OD2  O  N N 65  
ASP OXT  O  N N 66  
ASP H    H  N N 67  
ASP H2   H  N N 68  
ASP HA   H  N N 69  
ASP HB2  H  N N 70  
ASP HB3  H  N N 71  
ASP HD2  H  N N 72  
ASP HXT  H  N N 73  
CYS N    N  N N 74  
CYS CA   C  N R 75  
CYS C    C  N N 76  
CYS O    O  N N 77  
CYS CB   C  N N 78  
CYS SG   S  N N 79  
CYS OXT  O  N N 80  
CYS H    H  N N 81  
CYS H2   H  N N 82  
CYS HA   H  N N 83  
CYS HB2  H  N N 84  
CYS HB3  H  N N 85  
CYS HG   H  N N 86  
CYS HXT  H  N N 87  
GLN N    N  N N 88  
GLN CA   C  N S 89  
GLN C    C  N N 90  
GLN O    O  N N 91  
GLN CB   C  N N 92  
GLN CG   C  N N 93  
GLN CD   C  N N 94  
GLN OE1  O  N N 95  
GLN NE2  N  N N 96  
GLN OXT  O  N N 97  
GLN H    H  N N 98  
GLN H2   H  N N 99  
GLN HA   H  N N 100 
GLN HB2  H  N N 101 
GLN HB3  H  N N 102 
GLN HG2  H  N N 103 
GLN HG3  H  N N 104 
GLN HE21 H  N N 105 
GLN HE22 H  N N 106 
GLN HXT  H  N N 107 
GLU N    N  N N 108 
GLU CA   C  N S 109 
GLU C    C  N N 110 
GLU O    O  N N 111 
GLU CB   C  N N 112 
GLU CG   C  N N 113 
GLU CD   C  N N 114 
GLU OE1  O  N N 115 
GLU OE2  O  N N 116 
GLU OXT  O  N N 117 
GLU H    H  N N 118 
GLU H2   H  N N 119 
GLU HA   H  N N 120 
GLU HB2  H  N N 121 
GLU HB3  H  N N 122 
GLU HG2  H  N N 123 
GLU HG3  H  N N 124 
GLU HE2  H  N N 125 
GLU HXT  H  N N 126 
GLY N    N  N N 127 
GLY CA   C  N N 128 
GLY C    C  N N 129 
GLY O    O  N N 130 
GLY OXT  O  N N 131 
GLY H    H  N N 132 
GLY H2   H  N N 133 
GLY HA2  H  N N 134 
GLY HA3  H  N N 135 
GLY HXT  H  N N 136 
HIS N    N  N N 137 
HIS CA   C  N S 138 
HIS C    C  N N 139 
HIS O    O  N N 140 
HIS CB   C  N N 141 
HIS CG   C  Y N 142 
HIS ND1  N  Y N 143 
HIS CD2  C  Y N 144 
HIS CE1  C  Y N 145 
HIS NE2  N  Y N 146 
HIS OXT  O  N N 147 
HIS H    H  N N 148 
HIS H2   H  N N 149 
HIS HA   H  N N 150 
HIS HB2  H  N N 151 
HIS HB3  H  N N 152 
HIS HD1  H  N N 153 
HIS HD2  H  N N 154 
HIS HE1  H  N N 155 
HIS HE2  H  N N 156 
HIS HXT  H  N N 157 
HOH O    O  N N 158 
HOH H1   H  N N 159 
HOH H2   H  N N 160 
ILE N    N  N N 161 
ILE CA   C  N S 162 
ILE C    C  N N 163 
ILE O    O  N N 164 
ILE CB   C  N S 165 
ILE CG1  C  N N 166 
ILE CG2  C  N N 167 
ILE CD1  C  N N 168 
ILE OXT  O  N N 169 
ILE H    H  N N 170 
ILE H2   H  N N 171 
ILE HA   H  N N 172 
ILE HB   H  N N 173 
ILE HG12 H  N N 174 
ILE HG13 H  N N 175 
ILE HG21 H  N N 176 
ILE HG22 H  N N 177 
ILE HG23 H  N N 178 
ILE HD11 H  N N 179 
ILE HD12 H  N N 180 
ILE HD13 H  N N 181 
ILE HXT  H  N N 182 
LEU N    N  N N 183 
LEU CA   C  N S 184 
LEU C    C  N N 185 
LEU O    O  N N 186 
LEU CB   C  N N 187 
LEU CG   C  N N 188 
LEU CD1  C  N N 189 
LEU CD2  C  N N 190 
LEU OXT  O  N N 191 
LEU H    H  N N 192 
LEU H2   H  N N 193 
LEU HA   H  N N 194 
LEU HB2  H  N N 195 
LEU HB3  H  N N 196 
LEU HG   H  N N 197 
LEU HD11 H  N N 198 
LEU HD12 H  N N 199 
LEU HD13 H  N N 200 
LEU HD21 H  N N 201 
LEU HD22 H  N N 202 
LEU HD23 H  N N 203 
LEU HXT  H  N N 204 
LYS N    N  N N 205 
LYS CA   C  N S 206 
LYS C    C  N N 207 
LYS O    O  N N 208 
LYS CB   C  N N 209 
LYS CG   C  N N 210 
LYS CD   C  N N 211 
LYS CE   C  N N 212 
LYS NZ   N  N N 213 
LYS OXT  O  N N 214 
LYS H    H  N N 215 
LYS H2   H  N N 216 
LYS HA   H  N N 217 
LYS HB2  H  N N 218 
LYS HB3  H  N N 219 
LYS HG2  H  N N 220 
LYS HG3  H  N N 221 
LYS HD2  H  N N 222 
LYS HD3  H  N N 223 
LYS HE2  H  N N 224 
LYS HE3  H  N N 225 
LYS HZ1  H  N N 226 
LYS HZ2  H  N N 227 
LYS HZ3  H  N N 228 
LYS HXT  H  N N 229 
MSE N    N  N N 230 
MSE CA   C  N S 231 
MSE C    C  N N 232 
MSE O    O  N N 233 
MSE OXT  O  N N 234 
MSE CB   C  N N 235 
MSE CG   C  N N 236 
MSE SE   SE N N 237 
MSE CE   C  N N 238 
MSE H    H  N N 239 
MSE H2   H  N N 240 
MSE HA   H  N N 241 
MSE HXT  H  N N 242 
MSE HB2  H  N N 243 
MSE HB3  H  N N 244 
MSE HG2  H  N N 245 
MSE HG3  H  N N 246 
MSE HE1  H  N N 247 
MSE HE2  H  N N 248 
MSE HE3  H  N N 249 
PHE N    N  N N 250 
PHE CA   C  N S 251 
PHE C    C  N N 252 
PHE O    O  N N 253 
PHE CB   C  N N 254 
PHE CG   C  Y N 255 
PHE CD1  C  Y N 256 
PHE CD2  C  Y N 257 
PHE CE1  C  Y N 258 
PHE CE2  C  Y N 259 
PHE CZ   C  Y N 260 
PHE OXT  O  N N 261 
PHE H    H  N N 262 
PHE H2   H  N N 263 
PHE HA   H  N N 264 
PHE HB2  H  N N 265 
PHE HB3  H  N N 266 
PHE HD1  H  N N 267 
PHE HD2  H  N N 268 
PHE HE1  H  N N 269 
PHE HE2  H  N N 270 
PHE HZ   H  N N 271 
PHE HXT  H  N N 272 
PRO N    N  N N 273 
PRO CA   C  N S 274 
PRO C    C  N N 275 
PRO O    O  N N 276 
PRO CB   C  N N 277 
PRO CG   C  N N 278 
PRO CD   C  N N 279 
PRO OXT  O  N N 280 
PRO H    H  N N 281 
PRO HA   H  N N 282 
PRO HB2  H  N N 283 
PRO HB3  H  N N 284 
PRO HG2  H  N N 285 
PRO HG3  H  N N 286 
PRO HD2  H  N N 287 
PRO HD3  H  N N 288 
PRO HXT  H  N N 289 
SER N    N  N N 290 
SER CA   C  N S 291 
SER C    C  N N 292 
SER O    O  N N 293 
SER CB   C  N N 294 
SER OG   O  N N 295 
SER OXT  O  N N 296 
SER H    H  N N 297 
SER H2   H  N N 298 
SER HA   H  N N 299 
SER HB2  H  N N 300 
SER HB3  H  N N 301 
SER HG   H  N N 302 
SER HXT  H  N N 303 
THR N    N  N N 304 
THR CA   C  N S 305 
THR C    C  N N 306 
THR O    O  N N 307 
THR CB   C  N R 308 
THR OG1  O  N N 309 
THR CG2  C  N N 310 
THR OXT  O  N N 311 
THR H    H  N N 312 
THR H2   H  N N 313 
THR HA   H  N N 314 
THR HB   H  N N 315 
THR HG1  H  N N 316 
THR HG21 H  N N 317 
THR HG22 H  N N 318 
THR HG23 H  N N 319 
THR HXT  H  N N 320 
TRP N    N  N N 321 
TRP CA   C  N S 322 
TRP C    C  N N 323 
TRP O    O  N N 324 
TRP CB   C  N N 325 
TRP CG   C  Y N 326 
TRP CD1  C  Y N 327 
TRP CD2  C  Y N 328 
TRP NE1  N  Y N 329 
TRP CE2  C  Y N 330 
TRP CE3  C  Y N 331 
TRP CZ2  C  Y N 332 
TRP CZ3  C  Y N 333 
TRP CH2  C  Y N 334 
TRP OXT  O  N N 335 
TRP H    H  N N 336 
TRP H2   H  N N 337 
TRP HA   H  N N 338 
TRP HB2  H  N N 339 
TRP HB3  H  N N 340 
TRP HD1  H  N N 341 
TRP HE1  H  N N 342 
TRP HE3  H  N N 343 
TRP HZ2  H  N N 344 
TRP HZ3  H  N N 345 
TRP HH2  H  N N 346 
TRP HXT  H  N N 347 
TYR N    N  N N 348 
TYR CA   C  N S 349 
TYR C    C  N N 350 
TYR O    O  N N 351 
TYR CB   C  N N 352 
TYR CG   C  Y N 353 
TYR CD1  C  Y N 354 
TYR CD2  C  Y N 355 
TYR CE1  C  Y N 356 
TYR CE2  C  Y N 357 
TYR CZ   C  Y N 358 
TYR OH   O  N N 359 
TYR OXT  O  N N 360 
TYR H    H  N N 361 
TYR H2   H  N N 362 
TYR HA   H  N N 363 
TYR HB2  H  N N 364 
TYR HB3  H  N N 365 
TYR HD1  H  N N 366 
TYR HD2  H  N N 367 
TYR HE1  H  N N 368 
TYR HE2  H  N N 369 
TYR HH   H  N N 370 
TYR HXT  H  N N 371 
VAL N    N  N N 372 
VAL CA   C  N S 373 
VAL C    C  N N 374 
VAL O    O  N N 375 
VAL CB   C  N N 376 
VAL CG1  C  N N 377 
VAL CG2  C  N N 378 
VAL OXT  O  N N 379 
VAL H    H  N N 380 
VAL H2   H  N N 381 
VAL HA   H  N N 382 
VAL HB   H  N N 383 
VAL HG11 H  N N 384 
VAL HG12 H  N N 385 
VAL HG13 H  N N 386 
VAL HG21 H  N N 387 
VAL HG22 H  N N 388 
VAL HG23 H  N N 389 
VAL HXT  H  N N 390 
# 
loop_
_chem_comp_bond.comp_id 
_chem_comp_bond.atom_id_1 
_chem_comp_bond.atom_id_2 
_chem_comp_bond.value_order 
_chem_comp_bond.pdbx_aromatic_flag 
_chem_comp_bond.pdbx_stereo_config 
_chem_comp_bond.pdbx_ordinal 
ALA N   CA   sing N N 1   
ALA N   H    sing N N 2   
ALA N   H2   sing N N 3   
ALA CA  C    sing N N 4   
ALA CA  CB   sing N N 5   
ALA CA  HA   sing N N 6   
ALA C   O    doub N N 7   
ALA C   OXT  sing N N 8   
ALA CB  HB1  sing N N 9   
ALA CB  HB2  sing N N 10  
ALA CB  HB3  sing N N 11  
ALA OXT HXT  sing N N 12  
ARG N   CA   sing N N 13  
ARG N   H    sing N N 14  
ARG N   H2   sing N N 15  
ARG CA  C    sing N N 16  
ARG CA  CB   sing N N 17  
ARG CA  HA   sing N N 18  
ARG C   O    doub N N 19  
ARG C   OXT  sing N N 20  
ARG CB  CG   sing N N 21  
ARG CB  HB2  sing N N 22  
ARG CB  HB3  sing N N 23  
ARG CG  CD   sing N N 24  
ARG CG  HG2  sing N N 25  
ARG CG  HG3  sing N N 26  
ARG CD  NE   sing N N 27  
ARG CD  HD2  sing N N 28  
ARG CD  HD3  sing N N 29  
ARG NE  CZ   sing N N 30  
ARG NE  HE   sing N N 31  
ARG CZ  NH1  sing N N 32  
ARG CZ  NH2  doub N N 33  
ARG NH1 HH11 sing N N 34  
ARG NH1 HH12 sing N N 35  
ARG NH2 HH21 sing N N 36  
ARG NH2 HH22 sing N N 37  
ARG OXT HXT  sing N N 38  
ASN N   CA   sing N N 39  
ASN N   H    sing N N 40  
ASN N   H2   sing N N 41  
ASN CA  C    sing N N 42  
ASN CA  CB   sing N N 43  
ASN CA  HA   sing N N 44  
ASN C   O    doub N N 45  
ASN C   OXT  sing N N 46  
ASN CB  CG   sing N N 47  
ASN CB  HB2  sing N N 48  
ASN CB  HB3  sing N N 49  
ASN CG  OD1  doub N N 50  
ASN CG  ND2  sing N N 51  
ASN ND2 HD21 sing N N 52  
ASN ND2 HD22 sing N N 53  
ASN OXT HXT  sing N N 54  
ASP N   CA   sing N N 55  
ASP N   H    sing N N 56  
ASP N   H2   sing N N 57  
ASP CA  C    sing N N 58  
ASP CA  CB   sing N N 59  
ASP CA  HA   sing N N 60  
ASP C   O    doub N N 61  
ASP C   OXT  sing N N 62  
ASP CB  CG   sing N N 63  
ASP CB  HB2  sing N N 64  
ASP CB  HB3  sing N N 65  
ASP CG  OD1  doub N N 66  
ASP CG  OD2  sing N N 67  
ASP OD2 HD2  sing N N 68  
ASP OXT HXT  sing N N 69  
CYS N   CA   sing N N 70  
CYS N   H    sing N N 71  
CYS N   H2   sing N N 72  
CYS CA  C    sing N N 73  
CYS CA  CB   sing N N 74  
CYS CA  HA   sing N N 75  
CYS C   O    doub N N 76  
CYS C   OXT  sing N N 77  
CYS CB  SG   sing N N 78  
CYS CB  HB2  sing N N 79  
CYS CB  HB3  sing N N 80  
CYS SG  HG   sing N N 81  
CYS OXT HXT  sing N N 82  
GLN N   CA   sing N N 83  
GLN N   H    sing N N 84  
GLN N   H2   sing N N 85  
GLN CA  C    sing N N 86  
GLN CA  CB   sing N N 87  
GLN CA  HA   sing N N 88  
GLN C   O    doub N N 89  
GLN C   OXT  sing N N 90  
GLN CB  CG   sing N N 91  
GLN CB  HB2  sing N N 92  
GLN CB  HB3  sing N N 93  
GLN CG  CD   sing N N 94  
GLN CG  HG2  sing N N 95  
GLN CG  HG3  sing N N 96  
GLN CD  OE1  doub N N 97  
GLN CD  NE2  sing N N 98  
GLN NE2 HE21 sing N N 99  
GLN NE2 HE22 sing N N 100 
GLN OXT HXT  sing N N 101 
GLU N   CA   sing N N 102 
GLU N   H    sing N N 103 
GLU N   H2   sing N N 104 
GLU CA  C    sing N N 105 
GLU CA  CB   sing N N 106 
GLU CA  HA   sing N N 107 
GLU C   O    doub N N 108 
GLU C   OXT  sing N N 109 
GLU CB  CG   sing N N 110 
GLU CB  HB2  sing N N 111 
GLU CB  HB3  sing N N 112 
GLU CG  CD   sing N N 113 
GLU CG  HG2  sing N N 114 
GLU CG  HG3  sing N N 115 
GLU CD  OE1  doub N N 116 
GLU CD  OE2  sing N N 117 
GLU OE2 HE2  sing N N 118 
GLU OXT HXT  sing N N 119 
GLY N   CA   sing N N 120 
GLY N   H    sing N N 121 
GLY N   H2   sing N N 122 
GLY CA  C    sing N N 123 
GLY CA  HA2  sing N N 124 
GLY CA  HA3  sing N N 125 
GLY C   O    doub N N 126 
GLY C   OXT  sing N N 127 
GLY OXT HXT  sing N N 128 
HIS N   CA   sing N N 129 
HIS N   H    sing N N 130 
HIS N   H2   sing N N 131 
HIS CA  C    sing N N 132 
HIS CA  CB   sing N N 133 
HIS CA  HA   sing N N 134 
HIS C   O    doub N N 135 
HIS C   OXT  sing N N 136 
HIS CB  CG   sing N N 137 
HIS CB  HB2  sing N N 138 
HIS CB  HB3  sing N N 139 
HIS CG  ND1  sing Y N 140 
HIS CG  CD2  doub Y N 141 
HIS ND1 CE1  doub Y N 142 
HIS ND1 HD1  sing N N 143 
HIS CD2 NE2  sing Y N 144 
HIS CD2 HD2  sing N N 145 
HIS CE1 NE2  sing Y N 146 
HIS CE1 HE1  sing N N 147 
HIS NE2 HE2  sing N N 148 
HIS OXT HXT  sing N N 149 
HOH O   H1   sing N N 150 
HOH O   H2   sing N N 151 
ILE N   CA   sing N N 152 
ILE N   H    sing N N 153 
ILE N   H2   sing N N 154 
ILE CA  C    sing N N 155 
ILE CA  CB   sing N N 156 
ILE CA  HA   sing N N 157 
ILE C   O    doub N N 158 
ILE C   OXT  sing N N 159 
ILE CB  CG1  sing N N 160 
ILE CB  CG2  sing N N 161 
ILE CB  HB   sing N N 162 
ILE CG1 CD1  sing N N 163 
ILE CG1 HG12 sing N N 164 
ILE CG1 HG13 sing N N 165 
ILE CG2 HG21 sing N N 166 
ILE CG2 HG22 sing N N 167 
ILE CG2 HG23 sing N N 168 
ILE CD1 HD11 sing N N 169 
ILE CD1 HD12 sing N N 170 
ILE CD1 HD13 sing N N 171 
ILE OXT HXT  sing N N 172 
LEU N   CA   sing N N 173 
LEU N   H    sing N N 174 
LEU N   H2   sing N N 175 
LEU CA  C    sing N N 176 
LEU CA  CB   sing N N 177 
LEU CA  HA   sing N N 178 
LEU C   O    doub N N 179 
LEU C   OXT  sing N N 180 
LEU CB  CG   sing N N 181 
LEU CB  HB2  sing N N 182 
LEU CB  HB3  sing N N 183 
LEU CG  CD1  sing N N 184 
LEU CG  CD2  sing N N 185 
LEU CG  HG   sing N N 186 
LEU CD1 HD11 sing N N 187 
LEU CD1 HD12 sing N N 188 
LEU CD1 HD13 sing N N 189 
LEU CD2 HD21 sing N N 190 
LEU CD2 HD22 sing N N 191 
LEU CD2 HD23 sing N N 192 
LEU OXT HXT  sing N N 193 
LYS N   CA   sing N N 194 
LYS N   H    sing N N 195 
LYS N   H2   sing N N 196 
LYS CA  C    sing N N 197 
LYS CA  CB   sing N N 198 
LYS CA  HA   sing N N 199 
LYS C   O    doub N N 200 
LYS C   OXT  sing N N 201 
LYS CB  CG   sing N N 202 
LYS CB  HB2  sing N N 203 
LYS CB  HB3  sing N N 204 
LYS CG  CD   sing N N 205 
LYS CG  HG2  sing N N 206 
LYS CG  HG3  sing N N 207 
LYS CD  CE   sing N N 208 
LYS CD  HD2  sing N N 209 
LYS CD  HD3  sing N N 210 
LYS CE  NZ   sing N N 211 
LYS CE  HE2  sing N N 212 
LYS CE  HE3  sing N N 213 
LYS NZ  HZ1  sing N N 214 
LYS NZ  HZ2  sing N N 215 
LYS NZ  HZ3  sing N N 216 
LYS OXT HXT  sing N N 217 
MSE N   CA   sing N N 218 
MSE N   H    sing N N 219 
MSE N   H2   sing N N 220 
MSE CA  C    sing N N 221 
MSE CA  CB   sing N N 222 
MSE CA  HA   sing N N 223 
MSE C   O    doub N N 224 
MSE C   OXT  sing N N 225 
MSE OXT HXT  sing N N 226 
MSE CB  CG   sing N N 227 
MSE CB  HB2  sing N N 228 
MSE CB  HB3  sing N N 229 
MSE CG  SE   sing N N 230 
MSE CG  HG2  sing N N 231 
MSE CG  HG3  sing N N 232 
MSE SE  CE   sing N N 233 
MSE CE  HE1  sing N N 234 
MSE CE  HE2  sing N N 235 
MSE CE  HE3  sing N N 236 
PHE N   CA   sing N N 237 
PHE N   H    sing N N 238 
PHE N   H2   sing N N 239 
PHE CA  C    sing N N 240 
PHE CA  CB   sing N N 241 
PHE CA  HA   sing N N 242 
PHE C   O    doub N N 243 
PHE C   OXT  sing N N 244 
PHE CB  CG   sing N N 245 
PHE CB  HB2  sing N N 246 
PHE CB  HB3  sing N N 247 
PHE CG  CD1  doub Y N 248 
PHE CG  CD2  sing Y N 249 
PHE CD1 CE1  sing Y N 250 
PHE CD1 HD1  sing N N 251 
PHE CD2 CE2  doub Y N 252 
PHE CD2 HD2  sing N N 253 
PHE CE1 CZ   doub Y N 254 
PHE CE1 HE1  sing N N 255 
PHE CE2 CZ   sing Y N 256 
PHE CE2 HE2  sing N N 257 
PHE CZ  HZ   sing N N 258 
PHE OXT HXT  sing N N 259 
PRO N   CA   sing N N 260 
PRO N   CD   sing N N 261 
PRO N   H    sing N N 262 
PRO CA  C    sing N N 263 
PRO CA  CB   sing N N 264 
PRO CA  HA   sing N N 265 
PRO C   O    doub N N 266 
PRO C   OXT  sing N N 267 
PRO CB  CG   sing N N 268 
PRO CB  HB2  sing N N 269 
PRO CB  HB3  sing N N 270 
PRO CG  CD   sing N N 271 
PRO CG  HG2  sing N N 272 
PRO CG  HG3  sing N N 273 
PRO CD  HD2  sing N N 274 
PRO CD  HD3  sing N N 275 
PRO OXT HXT  sing N N 276 
SER N   CA   sing N N 277 
SER N   H    sing N N 278 
SER N   H2   sing N N 279 
SER CA  C    sing N N 280 
SER CA  CB   sing N N 281 
SER CA  HA   sing N N 282 
SER C   O    doub N N 283 
SER C   OXT  sing N N 284 
SER CB  OG   sing N N 285 
SER CB  HB2  sing N N 286 
SER CB  HB3  sing N N 287 
SER OG  HG   sing N N 288 
SER OXT HXT  sing N N 289 
THR N   CA   sing N N 290 
THR N   H    sing N N 291 
THR N   H2   sing N N 292 
THR CA  C    sing N N 293 
THR CA  CB   sing N N 294 
THR CA  HA   sing N N 295 
THR C   O    doub N N 296 
THR C   OXT  sing N N 297 
THR CB  OG1  sing N N 298 
THR CB  CG2  sing N N 299 
THR CB  HB   sing N N 300 
THR OG1 HG1  sing N N 301 
THR CG2 HG21 sing N N 302 
THR CG2 HG22 sing N N 303 
THR CG2 HG23 sing N N 304 
THR OXT HXT  sing N N 305 
TRP N   CA   sing N N 306 
TRP N   H    sing N N 307 
TRP N   H2   sing N N 308 
TRP CA  C    sing N N 309 
TRP CA  CB   sing N N 310 
TRP CA  HA   sing N N 311 
TRP C   O    doub N N 312 
TRP C   OXT  sing N N 313 
TRP CB  CG   sing N N 314 
TRP CB  HB2  sing N N 315 
TRP CB  HB3  sing N N 316 
TRP CG  CD1  doub Y N 317 
TRP CG  CD2  sing Y N 318 
TRP CD1 NE1  sing Y N 319 
TRP CD1 HD1  sing N N 320 
TRP CD2 CE2  doub Y N 321 
TRP CD2 CE3  sing Y N 322 
TRP NE1 CE2  sing Y N 323 
TRP NE1 HE1  sing N N 324 
TRP CE2 CZ2  sing Y N 325 
TRP CE3 CZ3  doub Y N 326 
TRP CE3 HE3  sing N N 327 
TRP CZ2 CH2  doub Y N 328 
TRP CZ2 HZ2  sing N N 329 
TRP CZ3 CH2  sing Y N 330 
TRP CZ3 HZ3  sing N N 331 
TRP CH2 HH2  sing N N 332 
TRP OXT HXT  sing N N 333 
TYR N   CA   sing N N 334 
TYR N   H    sing N N 335 
TYR N   H2   sing N N 336 
TYR CA  C    sing N N 337 
TYR CA  CB   sing N N 338 
TYR CA  HA   sing N N 339 
TYR C   O    doub N N 340 
TYR C   OXT  sing N N 341 
TYR CB  CG   sing N N 342 
TYR CB  HB2  sing N N 343 
TYR CB  HB3  sing N N 344 
TYR CG  CD1  doub Y N 345 
TYR CG  CD2  sing Y N 346 
TYR CD1 CE1  sing Y N 347 
TYR CD1 HD1  sing N N 348 
TYR CD2 CE2  doub Y N 349 
TYR CD2 HD2  sing N N 350 
TYR CE1 CZ   doub Y N 351 
TYR CE1 HE1  sing N N 352 
TYR CE2 CZ   sing Y N 353 
TYR CE2 HE2  sing N N 354 
TYR CZ  OH   sing N N 355 
TYR OH  HH   sing N N 356 
TYR OXT HXT  sing N N 357 
VAL N   CA   sing N N 358 
VAL N   H    sing N N 359 
VAL N   H2   sing N N 360 
VAL CA  C    sing N N 361 
VAL CA  CB   sing N N 362 
VAL CA  HA   sing N N 363 
VAL C   O    doub N N 364 
VAL C   OXT  sing N N 365 
VAL CB  CG1  sing N N 366 
VAL CB  CG2  sing N N 367 
VAL CB  HB   sing N N 368 
VAL CG1 HG11 sing N N 369 
VAL CG1 HG12 sing N N 370 
VAL CG1 HG13 sing N N 371 
VAL CG2 HG21 sing N N 372 
VAL CG2 HG22 sing N N 373 
VAL CG2 HG23 sing N N 374 
VAL OXT HXT  sing N N 375 
# 
_atom_sites.entry_id                    3EVZ 
_atom_sites.fract_transf_matrix[1][1]   -0.00966580 
_atom_sites.fract_transf_matrix[1][2]   -0.02193338 
_atom_sites.fract_transf_matrix[1][3]   0.00567781 
_atom_sites.fract_transf_matrix[2][1]   -0.02445222 
_atom_sites.fract_transf_matrix[2][2]   -0.00279520 
_atom_sites.fract_transf_matrix[2][3]   0.00100557 
_atom_sites.fract_transf_matrix[3][1]   -0.00003551 
_atom_sites.fract_transf_matrix[3][2]   -0.00074135 
_atom_sites.fract_transf_matrix[3][3]   -0.00292428 
_atom_sites.fract_transf_vector[1]      0.423003 
_atom_sites.fract_transf_vector[2]      0.201652 
_atom_sites.fract_transf_vector[3]      -0.044064 
# 
loop_
_atom_type.symbol 
C  
N  
O  
S  
SE 
# 
loop_
_atom_site.group_PDB 
_atom_site.id 
_atom_site.type_symbol 
_atom_site.label_atom_id 
_atom_site.label_alt_id 
_atom_site.label_comp_id 
_atom_site.label_asym_id 
_atom_site.label_entity_id 
_atom_site.label_seq_id 
_atom_site.pdbx_PDB_ins_code 
_atom_site.Cartn_x 
_atom_site.Cartn_y 
_atom_site.Cartn_z 
_atom_site.occupancy 
_atom_site.B_iso_or_equiv 
_atom_site.pdbx_formal_charge 
_atom_site.auth_seq_id 
_atom_site.auth_comp_id 
_atom_site.auth_asym_id 
_atom_site.auth_atom_id 
_atom_site.pdbx_PDB_model_num 
ATOM   1    N  N   . PHE A 1 9   ? -4.603  -25.104 -3.650  1.00 54.37 ? 34  PHE A N   1 
ATOM   2    C  CA  . PHE A 1 9   ? -4.296  -25.468 -2.235  1.00 54.23 ? 34  PHE A CA  1 
ATOM   3    C  C   . PHE A 1 9   ? -5.454  -25.083 -1.318  1.00 53.59 ? 34  PHE A C   1 
ATOM   4    O  O   . PHE A 1 9   ? -6.028  -23.984 -1.446  1.00 53.44 ? 34  PHE A O   1 
ATOM   5    C  CB  . PHE A 1 9   ? -2.969  -24.831 -1.744  1.00 54.63 ? 34  PHE A CB  1 
ATOM   6    C  CG  . PHE A 1 9   ? -2.304  -25.607 -0.623  1.00 55.23 ? 34  PHE A CG  1 
ATOM   7    C  CD1 . PHE A 1 9   ? -2.221  -27.012 -0.680  1.00 55.73 ? 34  PHE A CD1 1 
ATOM   8    C  CD2 . PHE A 1 9   ? -1.761  -24.948 0.475   1.00 55.14 ? 34  PHE A CD2 1 
ATOM   9    C  CE1 . PHE A 1 9   ? -1.627  -27.747 0.347   1.00 56.06 ? 34  PHE A CE1 1 
ATOM   10   C  CE2 . PHE A 1 9   ? -1.151  -25.678 1.506   1.00 55.68 ? 34  PHE A CE2 1 
ATOM   11   C  CZ  . PHE A 1 9   ? -1.088  -27.080 1.441   1.00 55.37 ? 34  PHE A CZ  1 
ATOM   12   N  N   . SER A 1 10  ? -5.770  -25.994 -0.394  1.00 52.51 ? 35  SER A N   1 
ATOM   13   C  CA  . SER A 1 10  ? -6.880  -25.834 0.539   1.00 51.55 ? 35  SER A CA  1 
ATOM   14   C  C   . SER A 1 10  ? -6.478  -25.179 1.865   1.00 50.87 ? 35  SER A C   1 
ATOM   15   O  O   . SER A 1 10  ? -7.340  -24.683 2.609   1.00 50.80 ? 35  SER A O   1 
ATOM   16   C  CB  . SER A 1 10  ? -7.579  -27.174 0.797   1.00 51.44 ? 35  SER A CB  1 
ATOM   17   O  OG  . SER A 1 10  ? -6.748  -28.031 1.555   1.00 51.52 ? 35  SER A OG  1 
ATOM   18   N  N   . ASN A 1 11  ? -5.185  -25.189 2.184   1.00 49.86 ? 36  ASN A N   1 
ATOM   19   C  CA  . ASN A 1 11  ? -4.751  -24.438 3.364   1.00 48.70 ? 36  ASN A CA  1 
ATOM   20   C  C   . ASN A 1 11  ? -4.766  -22.961 3.115   1.00 47.05 ? 36  ASN A C   1 
ATOM   21   O  O   . ASN A 1 11  ? -5.085  -22.209 4.032   1.00 46.81 ? 36  ASN A O   1 
ATOM   22   C  CB  . ASN A 1 11  ? -3.467  -24.956 4.014   1.00 49.03 ? 36  ASN A CB  1 
ATOM   23   C  CG  . ASN A 1 11  ? -3.771  -25.954 5.122   1.00 50.47 ? 36  ASN A CG  1 
ATOM   24   O  OD1 . ASN A 1 11  ? -3.517  -27.159 4.988   1.00 52.75 ? 36  ASN A OD1 1 
ATOM   25   N  ND2 . ASN A 1 11  ? -4.390  -25.465 6.202   1.00 50.70 ? 36  ASN A ND2 1 
ATOM   26   N  N   . ARG A 1 12  ? -4.453  -22.581 1.866   1.00 45.16 ? 37  ARG A N   1 
ATOM   27   C  CA  . ARG A 1 12  ? -4.705  -21.235 1.332   1.00 43.77 ? 37  ARG A CA  1 
ATOM   28   C  C   . ARG A 1 12  ? -6.190  -20.911 1.356   1.00 41.83 ? 37  ARG A C   1 
ATOM   29   O  O   . ARG A 1 12  ? -6.548  -19.775 1.609   1.00 41.04 ? 37  ARG A O   1 
ATOM   30   C  CB  . ARG A 1 12  ? -4.171  -21.069 -0.110  1.00 43.36 ? 37  ARG A CB  1 
ATOM   31   C  CG  . ARG A 1 12  ? -2.821  -20.380 -0.195  1.00 45.60 ? 37  ARG A CG  1 
ATOM   32   C  CD  . ARG A 1 12  ? -2.342  -19.998 -1.633  1.00 45.52 ? 37  ARG A CD  1 
ATOM   33   N  NE  . ARG A 1 12  ? -2.791  -18.677 -2.132  1.00 45.30 ? 37  ARG A NE  1 
ATOM   34   C  CZ  . ARG A 1 12  ? -3.931  -18.510 -2.811  1.00 45.22 ? 37  ARG A CZ  1 
ATOM   35   N  NH1 . ARG A 1 12  ? -4.717  -19.561 -3.055  1.00 44.51 ? 37  ARG A NH1 1 
ATOM   36   N  NH2 . ARG A 1 12  ? -4.296  -17.315 -3.257  1.00 44.92 ? 37  ARG A NH2 1 
ATOM   37   N  N   . GLN A 1 13  ? -7.024  -21.912 1.048   1.00 40.19 ? 38  GLN A N   1 
ATOM   38   C  CA  . GLN A 1 13  ? -8.487  -21.808 1.004   1.00 39.40 ? 38  GLN A CA  1 
ATOM   39   C  C   . GLN A 1 13  ? -9.088  -21.367 2.322   1.00 37.75 ? 38  GLN A C   1 
ATOM   40   O  O   . GLN A 1 13  ? -9.951  -20.495 2.333   1.00 37.12 ? 38  GLN A O   1 
ATOM   41   C  CB  . GLN A 1 13  ? -9.096  -23.172 0.716   1.00 39.77 ? 38  GLN A CB  1 
ATOM   42   C  CG  . GLN A 1 13  ? -9.400  -23.452 -0.743  1.00 44.42 ? 38  GLN A CG  1 
ATOM   43   C  CD  . GLN A 1 13  ? -10.852 -23.182 -1.080  1.00 48.51 ? 38  GLN A CD  1 
ATOM   44   O  OE1 . GLN A 1 13  ? -11.284 -22.008 -1.105  1.00 51.32 ? 38  GLN A OE1 1 
ATOM   45   N  NE2 . GLN A 1 13  ? -11.624 -24.262 -1.333  1.00 45.11 ? 38  GLN A NE2 1 
ATOM   46   N  N   . ALA A 1 14  ? -8.653  -22.025 3.407   1.00 36.06 ? 39  ALA A N   1 
ATOM   47   C  CA  . ALA A 1 14  ? -9.055  -21.713 4.781   1.00 34.50 ? 39  ALA A CA  1 
ATOM   48   C  C   . ALA A 1 14  ? -8.598  -20.323 5.159   1.00 33.82 ? 39  ALA A C   1 
ATOM   49   O  O   . ALA A 1 14  ? -9.340  -19.568 5.792   1.00 33.35 ? 39  ALA A O   1 
ATOM   50   C  CB  . ALA A 1 14  ? -8.490  -22.744 5.754   1.00 34.78 ? 39  ALA A CB  1 
ATOM   51   N  N   . ARG A 1 15  ? -7.379  -19.987 4.730   1.00 32.59 ? 40  ARG A N   1 
ATOM   52   C  CA  . ARG A 1 15  ? -6.774  -18.737 5.022   1.00 31.37 ? 40  ARG A CA  1 
ATOM   53   C  C   . ARG A 1 15  ? -7.484  -17.619 4.307   1.00 30.19 ? 40  ARG A C   1 
ATOM   54   O  O   . ARG A 1 15  ? -7.565  -16.485 4.850   1.00 29.61 ? 40  ARG A O   1 
ATOM   55   C  CB  . ARG A 1 15  ? -5.312  -18.768 4.623   1.00 32.72 ? 40  ARG A CB  1 
ATOM   56   C  CG  . ARG A 1 15  ? -4.346  -19.051 5.768   1.00 36.11 ? 40  ARG A CG  1 
ATOM   57   C  CD  . ARG A 1 15  ? -2.887  -18.849 5.310   1.00 41.67 ? 40  ARG A CD  1 
ATOM   58   N  NE  . ARG A 1 15  ? -2.250  -20.123 4.927   1.00 47.26 ? 40  ARG A NE  1 
ATOM   59   C  CZ  . ARG A 1 15  ? -1.835  -20.445 3.698   1.00 47.71 ? 40  ARG A CZ  1 
ATOM   60   N  NH1 . ARG A 1 15  ? -1.966  -19.586 2.692   1.00 48.49 ? 40  ARG A NH1 1 
ATOM   61   N  NH2 . ARG A 1 15  ? -1.268  -21.628 3.480   1.00 47.65 ? 40  ARG A NH2 1 
ATOM   62   N  N   . ILE A 1 16  ? -7.976  -17.899 3.093   1.00 28.84 ? 41  ILE A N   1 
ATOM   63   C  CA  . ILE A 1 16  ? -8.704  -16.855 2.365   1.00 27.88 ? 41  ILE A CA  1 
ATOM   64   C  C   . ILE A 1 16  ? -10.159 -16.753 2.862   1.00 26.91 ? 41  ILE A C   1 
ATOM   65   O  O   . ILE A 1 16  ? -10.685 -15.660 2.896   1.00 25.39 ? 41  ILE A O   1 
ATOM   66   C  CB  . ILE A 1 16  ? -8.605  -16.817 0.756   1.00 28.30 ? 41  ILE A CB  1 
ATOM   67   C  CG1 . ILE A 1 16  ? -9.723  -17.535 0.101   1.00 27.64 ? 41  ILE A CG1 1 
ATOM   68   C  CG2 . ILE A 1 16  ? -7.217  -17.141 0.124   1.00 28.54 ? 41  ILE A CG2 1 
ATOM   69   C  CD1 . ILE A 1 16  ? -10.784 -16.547 -0.247  1.00 33.31 ? 41  ILE A CD1 1 
ATOM   70   N  N   . LEU A 1 17  ? -10.797 -17.844 3.286   1.00 25.99 ? 42  LEU A N   1 
ATOM   71   C  CA  . LEU A 1 17  ? -12.103 -17.634 3.880   1.00 26.86 ? 42  LEU A CA  1 
ATOM   72   C  C   . LEU A 1 17  ? -12.019 -16.925 5.269   1.00 27.28 ? 42  LEU A C   1 
ATOM   73   O  O   . LEU A 1 17  ? -12.878 -16.098 5.593   1.00 27.46 ? 42  LEU A O   1 
ATOM   74   C  CB  . LEU A 1 17  ? -13.046 -18.837 3.792   1.00 27.72 ? 42  LEU A CB  1 
ATOM   75   C  CG  . LEU A 1 17  ? -13.122 -20.195 4.484   1.00 29.68 ? 42  LEU A CG  1 
ATOM   76   C  CD1 . LEU A 1 17  ? -14.223 -20.311 5.591   1.00 29.17 ? 42  LEU A CD1 1 
ATOM   77   C  CD2 . LEU A 1 17  ? -13.367 -21.259 3.375   1.00 27.79 ? 42  LEU A CD2 1 
ATOM   78   N  N   . TYR A 1 18  ? -10.926 -17.137 6.006   1.00 25.38 ? 43  TYR A N   1 
ATOM   79   C  CA  . TYR A 1 18  ? -10.793 -16.510 7.290   1.00 24.45 ? 43  TYR A CA  1 
ATOM   80   C  C   . TYR A 1 18  ? -10.645 -15.015 7.076   1.00 24.62 ? 43  TYR A C   1 
ATOM   81   O  O   . TYR A 1 18  ? -11.313 -14.253 7.763   1.00 24.09 ? 43  TYR A O   1 
ATOM   82   C  CB  . TYR A 1 18  ? -9.621  -17.051 8.115   1.00 24.02 ? 43  TYR A CB  1 
ATOM   83   C  CG  . TYR A 1 18  ? -9.264  -16.099 9.232   1.00 22.87 ? 43  TYR A CG  1 
ATOM   84   C  CD1 . TYR A 1 18  ? -9.923  -16.184 10.474  1.00 23.41 ? 43  TYR A CD1 1 
ATOM   85   C  CD2 . TYR A 1 18  ? -8.304  -15.116 9.043   1.00 21.23 ? 43  TYR A CD2 1 
ATOM   86   C  CE1 . TYR A 1 18  ? -9.620  -15.306 11.498  1.00 25.15 ? 43  TYR A CE1 1 
ATOM   87   C  CE2 . TYR A 1 18  ? -7.965  -14.222 10.068  1.00 25.70 ? 43  TYR A CE2 1 
ATOM   88   C  CZ  . TYR A 1 18  ? -8.643  -14.323 11.296  1.00 23.88 ? 43  TYR A CZ  1 
ATOM   89   O  OH  . TYR A 1 18  ? -8.359  -13.464 12.310  1.00 24.68 ? 43  TYR A OH  1 
ATOM   90   N  N   . ASN A 1 19  ? -9.801  -14.602 6.123   1.00 23.20 ? 44  ASN A N   1 
ATOM   91   C  CA  . ASN A 1 19  ? -9.628  -13.183 5.817   1.00 23.40 ? 44  ASN A CA  1 
ATOM   92   C  C   . ASN A 1 19  ? -10.769 -12.425 5.195   1.00 23.31 ? 44  ASN A C   1 
ATOM   93   O  O   . ASN A 1 19  ? -10.913 -11.207 5.387   1.00 22.94 ? 44  ASN A O   1 
ATOM   94   C  CB  . ASN A 1 19  ? -8.366  -12.989 4.960   1.00 24.13 ? 44  ASN A CB  1 
ATOM   95   C  CG  . ASN A 1 19  ? -7.100  -13.145 5.815   1.00 25.90 ? 44  ASN A CG  1 
ATOM   96   O  OD1 . ASN A 1 19  ? -6.799  -12.288 6.640   1.00 29.49 ? 44  ASN A OD1 1 
ATOM   97   N  ND2 . ASN A 1 19  ? -6.433  -14.289 5.697   1.00 24.42 ? 44  ASN A ND2 1 
ATOM   98   N  N   . LYS A 1 20  ? -11.487 -13.107 4.326   1.00 22.65 ? 45  LYS A N   1 
ATOM   99   C  CA  . LYS A 1 20  ? -12.641 -12.542 3.663   1.00 23.70 ? 45  LYS A CA  1 
ATOM   100  C  C   . LYS A 1 20  ? -13.733 -12.266 4.743   1.00 22.41 ? 45  LYS A C   1 
ATOM   101  O  O   . LYS A 1 20  ? -14.431 -11.242 4.658   1.00 21.75 ? 45  LYS A O   1 
ATOM   102  C  CB  . LYS A 1 20  ? -13.126 -13.558 2.642   1.00 23.15 ? 45  LYS A CB  1 
ATOM   103  C  CG  . LYS A 1 20  ? -14.283 -13.166 1.778   1.00 27.21 ? 45  LYS A CG  1 
ATOM   104  C  CD  . LYS A 1 20  ? -14.425 -14.270 0.649   1.00 27.81 ? 45  LYS A CD  1 
ATOM   105  C  CE  . LYS A 1 20  ? -14.860 -13.684 -0.677  1.00 33.77 ? 45  LYS A CE  1 
ATOM   106  N  NZ  . LYS A 1 20  ? -16.355 -13.498 -0.530  1.00 39.47 ? 45  LYS A NZ  1 
ATOM   107  N  N   . ALA A 1 21  ? -13.872 -13.198 5.706   1.00 20.13 ? 46  ALA A N   1 
ATOM   108  C  CA  . ALA A 1 21  ? -14.720 -13.010 6.869   1.00 20.49 ? 46  ALA A CA  1 
ATOM   109  C  C   . ALA A 1 21  ? -14.216 -11.857 7.763   1.00 19.84 ? 46  ALA A C   1 
ATOM   110  O  O   . ALA A 1 21  ? -14.999 -11.150 8.338   1.00 20.93 ? 46  ALA A O   1 
ATOM   111  C  CB  . ALA A 1 21  ? -14.930 -14.365 7.711   1.00 17.31 ? 46  ALA A CB  1 
ATOM   112  N  N   . ILE A 1 22  ? -12.918 -11.680 7.918   1.00 21.00 ? 47  ILE A N   1 
ATOM   113  C  CA  . ILE A 1 22  ? -12.439 -10.557 8.687   1.00 21.38 ? 47  ILE A CA  1 
ATOM   114  C  C   . ILE A 1 22  ? -12.774 -9.282  7.909   1.00 23.07 ? 47  ILE A C   1 
ATOM   115  O  O   . ILE A 1 22  ? -13.280 -8.347  8.464   1.00 24.50 ? 47  ILE A O   1 
ATOM   116  C  CB  . ILE A 1 22  ? -10.919 -10.630 9.008   1.00 21.46 ? 47  ILE A CB  1 
ATOM   117  C  CG1 . ILE A 1 22  ? -10.626 -11.704 10.035  1.00 22.67 ? 47  ILE A CG1 1 
ATOM   118  C  CG2 . ILE A 1 22  ? -10.441 -9.310  9.550   1.00 18.95 ? 47  ILE A CG2 1 
ATOM   119  C  CD1 . ILE A 1 22  ? -11.454 -11.615 11.467  1.00 21.67 ? 47  ILE A CD1 1 
ATOM   120  N  N   . ALA A 1 23  ? -12.467 -9.240  6.629   1.00 22.71 ? 48  ALA A N   1 
ATOM   121  C  CA  . ALA A 1 23  ? -12.795 -8.100  5.793   1.00 24.29 ? 48  ALA A CA  1 
ATOM   122  C  C   . ALA A 1 23  ? -14.244 -7.665  5.949   1.00 24.51 ? 48  ALA A C   1 
ATOM   123  O  O   . ALA A 1 23  ? -14.508 -6.478  6.014   1.00 25.57 ? 48  ALA A O   1 
ATOM   124  C  CB  . ALA A 1 23  ? -12.510 -8.429  4.268   1.00 23.39 ? 48  ALA A CB  1 
ATOM   125  N  N   . LYS A 1 24  ? -15.179 -8.607  5.923   1.00 24.90 ? 49  LYS A N   1 
ATOM   126  C  CA  . LYS A 1 24  ? -16.580 -8.275  6.091   1.00 25.45 ? 49  LYS A CA  1 
ATOM   127  C  C   . LYS A 1 24  ? -16.986 -7.902  7.542   1.00 25.56 ? 49  LYS A C   1 
ATOM   128  O  O   . LYS A 1 24  ? -17.777 -7.019  7.712   1.00 26.11 ? 49  LYS A O   1 
ATOM   129  C  CB  . LYS A 1 24  ? -17.469 -9.377  5.578   1.00 26.39 ? 49  LYS A CB  1 
ATOM   130  C  CG  . LYS A 1 24  ? -18.970 -9.070  5.711   1.00 28.34 ? 49  LYS A CG  1 
ATOM   131  C  CD  . LYS A 1 24  ? -19.824 -10.142 5.032   1.00 34.10 ? 49  LYS A CD  1 
ATOM   132  C  CE  . LYS A 1 24  ? -21.309 -9.929  5.332   1.00 37.02 ? 49  LYS A CE  1 
ATOM   133  N  NZ  . LYS A 1 24  ? -22.139 -10.766 4.370   1.00 43.90 ? 49  LYS A NZ  1 
ATOM   134  N  N   . ALA A 1 25  ? -16.439 -8.558  8.564   1.00 23.67 ? 50  ALA A N   1 
ATOM   135  C  CA  . ALA A 1 25  ? -16.944 -8.412  9.879   1.00 23.38 ? 50  ALA A CA  1 
ATOM   136  C  C   . ALA A 1 25  ? -16.421 -7.111  10.503  1.00 24.58 ? 50  ALA A C   1 
ATOM   137  O  O   . ALA A 1 25  ? -17.139 -6.454  11.263  1.00 25.35 ? 50  ALA A O   1 
ATOM   138  C  CB  . ALA A 1 25  ? -16.550 -9.636  10.749  1.00 22.09 ? 50  ALA A CB  1 
ATOM   139  N  N   . LEU A 1 26  ? -15.172 -6.769  10.187  1.00 23.57 ? 51  LEU A N   1 
ATOM   140  C  CA  . LEU A 1 26  ? -14.494 -5.633  10.739  1.00 25.43 ? 51  LEU A CA  1 
ATOM   141  C  C   . LEU A 1 26  ? -14.602 -4.388  9.904   1.00 25.95 ? 51  LEU A C   1 
ATOM   142  O  O   . LEU A 1 26  ? -14.715 -3.283  10.477  1.00 27.05 ? 51  LEU A O   1 
ATOM   143  C  CB  . LEU A 1 26  ? -13.024 -5.940  11.053  1.00 24.82 ? 51  LEU A CB  1 
ATOM   144  C  CG  . LEU A 1 26  ? -12.922 -6.581  12.433  1.00 26.36 ? 51  LEU A CG  1 
ATOM   145  C  CD1 . LEU A 1 26  ? -13.522 -8.033  12.366  1.00 26.06 ? 51  LEU A CD1 1 
ATOM   146  C  CD2 . LEU A 1 26  ? -11.535 -6.551  13.055  1.00 27.15 ? 51  LEU A CD2 1 
ATOM   147  N  N   . PHE A 1 27  ? -14.535 -4.562  8.587   1.00 25.47 ? 52  PHE A N   1 
ATOM   148  C  CA  . PHE A 1 27  ? -14.464 -3.470  7.622   1.00 25.26 ? 52  PHE A CA  1 
ATOM   149  C  C   . PHE A 1 27  ? -15.704 -3.316  6.739   1.00 26.45 ? 52  PHE A C   1 
ATOM   150  O  O   . PHE A 1 27  ? -15.777 -2.365  5.931   1.00 27.69 ? 52  PHE A O   1 
ATOM   151  C  CB  . PHE A 1 27  ? -13.138 -3.581  6.823   1.00 24.55 ? 52  PHE A CB  1 
ATOM   152  C  CG  . PHE A 1 27  ? -11.935 -3.696  7.749   1.00 24.73 ? 52  PHE A CG  1 
ATOM   153  C  CD1 . PHE A 1 27  ? -11.549 -2.597  8.492   1.00 23.80 ? 52  PHE A CD1 1 
ATOM   154  C  CD2 . PHE A 1 27  ? -11.300 -4.920  7.977   1.00 21.97 ? 52  PHE A CD2 1 
ATOM   155  C  CE1 . PHE A 1 27  ? -10.471 -2.685  9.420   1.00 23.92 ? 52  PHE A CE1 1 
ATOM   156  C  CE2 . PHE A 1 27  ? -10.227 -5.024  8.889   1.00 22.63 ? 52  PHE A CE2 1 
ATOM   157  C  CZ  . PHE A 1 27  ? -9.797  -3.902  9.593   1.00 23.20 ? 52  PHE A CZ  1 
ATOM   158  N  N   . GLY A 1 28  ? -16.696 -4.197  6.873   1.00 25.31 ? 53  GLY A N   1 
ATOM   159  C  CA  . GLY A 1 28  ? -17.817 -4.152  5.913   1.00 27.30 ? 53  GLY A CA  1 
ATOM   160  C  C   . GLY A 1 28  ? -17.469 -4.290  4.421   1.00 28.04 ? 53  GLY A C   1 
ATOM   161  O  O   . GLY A 1 28  ? -18.228 -3.839  3.560   1.00 29.12 ? 53  GLY A O   1 
ATOM   162  N  N   . LEU A 1 29  ? -16.355 -4.942  4.091   1.00 29.32 ? 54  LEU A N   1 
ATOM   163  C  CA  . LEU A 1 29  ? -15.908 -5.127  2.659   1.00 29.17 ? 54  LEU A CA  1 
ATOM   164  C  C   . LEU A 1 29  ? -16.234 -6.544  2.137   1.00 30.06 ? 54  LEU A C   1 
ATOM   165  O  O   . LEU A 1 29  ? -16.002 -7.541  2.827   1.00 31.13 ? 54  LEU A O   1 
ATOM   166  C  CB  . LEU A 1 29  ? -14.429 -4.807  2.519   1.00 28.47 ? 54  LEU A CB  1 
ATOM   167  C  CG  . LEU A 1 29  ? -14.157 -3.342  2.847   1.00 28.79 ? 54  LEU A CG  1 
ATOM   168  C  CD1 . LEU A 1 29  ? -12.637 -3.034  3.010   1.00 30.03 ? 54  LEU A CD1 1 
ATOM   169  C  CD2 . LEU A 1 29  ? -14.870 -2.374  1.828   1.00 26.21 ? 54  LEU A CD2 1 
ATOM   170  N  N   . ASP A 1 30  ? -16.830 -6.641  0.958   1.00 30.15 ? 55  ASP A N   1 
ATOM   171  C  CA  . ASP A 1 30  ? -17.028 -7.939  0.328   1.00 31.31 ? 55  ASP A CA  1 
ATOM   172  C  C   . ASP A 1 30  ? -15.908 -8.124  -0.668  1.00 29.72 ? 55  ASP A C   1 
ATOM   173  O  O   . ASP A 1 30  ? -15.975 -7.565  -1.735  1.00 28.87 ? 55  ASP A O   1 
ATOM   174  C  CB  . ASP A 1 30  ? -18.373 -7.980  -0.412  1.00 33.10 ? 55  ASP A CB  1 
ATOM   175  C  CG  . ASP A 1 30  ? -18.591 -9.293  -1.180  1.00 40.00 ? 55  ASP A CG  1 
ATOM   176  O  OD1 . ASP A 1 30  ? -17.589 -10.074 -1.361  1.00 47.73 ? 55  ASP A OD1 1 
ATOM   177  O  OD2 . ASP A 1 30  ? -19.766 -9.543  -1.631  1.00 45.81 ? 55  ASP A OD2 1 
ATOM   178  N  N   . ILE A 1 31  ? -14.939 -8.940  -0.362  1.00 29.07 ? 56  ILE A N   1 
ATOM   179  C  CA  . ILE A 1 31  ? -13.755 -9.076  -1.158  1.00 29.58 ? 56  ILE A CA  1 
ATOM   180  C  C   . ILE A 1 31  ? -13.594 -10.415 -1.795  1.00 29.34 ? 56  ILE A C   1 
ATOM   181  O  O   . ILE A 1 31  ? -13.522 -11.404 -1.140  1.00 29.19 ? 56  ILE A O   1 
ATOM   182  C  CB  . ILE A 1 31  ? -12.436 -8.861  -0.338  1.00 28.86 ? 56  ILE A CB  1 
ATOM   183  C  CG1 . ILE A 1 31  ? -12.385 -7.511  0.381   1.00 30.65 ? 56  ILE A CG1 1 
ATOM   184  C  CG2 . ILE A 1 31  ? -11.245 -9.060  -1.183  1.00 27.37 ? 56  ILE A CG2 1 
ATOM   185  C  CD1 . ILE A 1 31  ? -12.535 -6.330  -0.458  1.00 28.02 ? 56  ILE A CD1 1 
ATOM   186  N  N   . GLU A 1 32  ? -13.422 -10.392 -3.102  1.00 30.06 ? 57  GLU A N   1 
ATOM   187  C  CA  . GLU A 1 32  ? -12.965 -11.547 -3.831  1.00 31.99 ? 57  GLU A CA  1 
ATOM   188  C  C   . GLU A 1 32  ? -11.463 -11.613 -4.099  1.00 30.47 ? 57  GLU A C   1 
ATOM   189  O  O   . GLU A 1 32  ? -10.825 -10.657 -4.447  1.00 29.65 ? 57  GLU A O   1 
ATOM   190  C  CB  . GLU A 1 32  ? -13.853 -11.778 -5.051  1.00 32.15 ? 57  GLU A CB  1 
ATOM   191  C  CG  . GLU A 1 32  ? -13.379 -11.353 -6.398  1.00 36.08 ? 57  GLU A CG  1 
ATOM   192  C  CD  . GLU A 1 32  ? -14.307 -11.821 -7.537  1.00 38.28 ? 57  GLU A CD  1 
ATOM   193  O  OE1 . GLU A 1 32  ? -15.290 -11.130 -7.811  1.00 48.89 ? 57  GLU A OE1 1 
ATOM   194  O  OE2 . GLU A 1 32  ? -14.054 -12.861 -8.151  1.00 44.09 ? 57  GLU A OE2 1 
ATOM   195  N  N   . TYR A 1 33  ? -10.933 -12.786 -3.873  1.00 30.12 ? 58  TYR A N   1 
ATOM   196  C  CA  . TYR A 1 33  ? -9.539  -13.060 -3.914  1.00 29.19 ? 58  TYR A CA  1 
ATOM   197  C  C   . TYR A 1 33  ? -9.197  -13.855 -5.164  1.00 28.13 ? 58  TYR A C   1 
ATOM   198  O  O   . TYR A 1 33  ? -9.833  -14.812 -5.484  1.00 26.48 ? 58  TYR A O   1 
ATOM   199  C  CB  . TYR A 1 33  ? -9.133  -13.862 -2.675  1.00 29.60 ? 58  TYR A CB  1 
ATOM   200  C  CG  . TYR A 1 33  ? -8.964  -13.087 -1.370  1.00 28.47 ? 58  TYR A CG  1 
ATOM   201  C  CD1 . TYR A 1 33  ? -7.734  -12.947 -0.793  1.00 23.84 ? 58  TYR A CD1 1 
ATOM   202  C  CD2 . TYR A 1 33  ? -10.045 -12.550 -0.707  1.00 31.92 ? 58  TYR A CD2 1 
ATOM   203  C  CE1 . TYR A 1 33  ? -7.573  -12.264 0.353   1.00 27.00 ? 58  TYR A CE1 1 
ATOM   204  C  CE2 . TYR A 1 33  ? -9.889  -11.868 0.451   1.00 28.84 ? 58  TYR A CE2 1 
ATOM   205  C  CZ  . TYR A 1 33  ? -8.646  -11.715 0.973   1.00 29.51 ? 58  TYR A CZ  1 
ATOM   206  O  OH  . TYR A 1 33  ? -8.497  -11.042 2.135   1.00 31.37 ? 58  TYR A OH  1 
ATOM   207  N  N   . HIS A 1 34  ? -8.171  -13.431 -5.865  1.00 28.53 ? 59  HIS A N   1 
ATOM   208  C  CA  . HIS A 1 34  ? -7.676  -14.135 -7.019  1.00 28.92 ? 59  HIS A CA  1 
ATOM   209  C  C   . HIS A 1 34  ? -6.902  -15.342 -6.560  1.00 29.71 ? 59  HIS A C   1 
ATOM   210  O  O   . HIS A 1 34  ? -6.214  -15.265 -5.586  1.00 28.38 ? 59  HIS A O   1 
ATOM   211  C  CB  . HIS A 1 34  ? -6.814  -13.210 -7.838  1.00 28.64 ? 59  HIS A CB  1 
ATOM   212  C  CG  . HIS A 1 34  ? -6.113  -13.881 -8.960  1.00 29.10 ? 59  HIS A CG  1 
ATOM   213  N  ND1 . HIS A 1 34  ? -5.184  -14.868 -8.767  1.00 31.44 ? 59  HIS A ND1 1 
ATOM   214  C  CD2 . HIS A 1 34  ? -6.220  -13.724 -10.292 1.00 31.33 ? 59  HIS A CD2 1 
ATOM   215  C  CE1 . HIS A 1 34  ? -4.739  -15.283 -9.931  1.00 33.46 ? 59  HIS A CE1 1 
ATOM   216  N  NE2 . HIS A 1 34  ? -5.349  -14.600 -10.871 1.00 32.98 ? 59  HIS A NE2 1 
ATOM   217  N  N   . PRO A 1 35  ? -7.025  -16.471 -7.255  1.00 31.29 ? 60  PRO A N   1 
ATOM   218  C  CA  . PRO A 1 35  ? -6.448  -17.733 -6.749  1.00 32.55 ? 60  PRO A CA  1 
ATOM   219  C  C   . PRO A 1 35  ? -4.916  -17.787 -6.579  1.00 33.33 ? 60  PRO A C   1 
ATOM   220  O  O   . PRO A 1 35  ? -4.435  -18.590 -5.802  1.00 34.64 ? 60  PRO A O   1 
ATOM   221  C  CB  . PRO A 1 35  ? -6.869  -18.775 -7.792  1.00 31.88 ? 60  PRO A CB  1 
ATOM   222  C  CG  . PRO A 1 35  ? -7.955  -18.172 -8.524  1.00 32.63 ? 60  PRO A CG  1 
ATOM   223  C  CD  . PRO A 1 35  ? -7.736  -16.685 -8.524  1.00 31.82 ? 60  PRO A CD  1 
ATOM   224  N  N   . LYS A 1 36  ? -4.161  -16.996 -7.322  1.00 33.49 ? 61  LYS A N   1 
ATOM   225  C  CA  . LYS A 1 36  ? -2.723  -16.947 -7.139  1.00 34.15 ? 61  LYS A CA  1 
ATOM   226  C  C   . LYS A 1 36  ? -2.271  -15.587 -6.572  1.00 33.14 ? 61  LYS A C   1 
ATOM   227  O  O   . LYS A 1 36  ? -1.094  -15.257 -6.606  1.00 33.17 ? 61  LYS A O   1 
ATOM   228  C  CB  . LYS A 1 36  ? -1.972  -17.268 -8.459  1.00 35.07 ? 61  LYS A CB  1 
ATOM   229  C  CG  . LYS A 1 36  ? -2.020  -18.735 -9.009  1.00 40.11 ? 61  LYS A CG  1 
ATOM   230  C  CD  . LYS A 1 36  ? -2.182  -19.910 -7.956  1.00 46.02 ? 61  LYS A CD  1 
ATOM   231  C  CE  . LYS A 1 36  ? -1.106  -19.947 -6.798  1.00 47.54 ? 61  LYS A CE  1 
ATOM   232  N  NZ  . LYS A 1 36  ? -1.625  -20.667 -5.547  1.00 44.95 ? 61  LYS A NZ  1 
ATOM   233  N  N   . GLY A 1 37  ? -3.204  -14.783 -6.128  1.00 31.63 ? 62  GLY A N   1 
ATOM   234  C  CA  . GLY A 1 37  ? -2.896  -13.561 -5.442  1.00 31.83 ? 62  GLY A CA  1 
ATOM   235  C  C   . GLY A 1 37  ? -2.439  -13.790 -4.020  1.00 31.29 ? 62  GLY A C   1 
ATOM   236  O  O   . GLY A 1 37  ? -2.759  -14.760 -3.415  1.00 31.86 ? 62  GLY A O   1 
ATOM   237  N  N   . LEU A 1 38  ? -1.659  -12.874 -3.503  1.00 32.18 ? 63  LEU A N   1 
ATOM   238  C  CA  . LEU A 1 38  ? -1.243  -12.888 -2.116  1.00 34.45 ? 63  LEU A CA  1 
ATOM   239  C  C   . LEU A 1 38  ? -2.434  -12.859 -1.142  1.00 33.16 ? 63  LEU A C   1 
ATOM   240  O  O   . LEU A 1 38  ? -3.353  -12.162 -1.346  1.00 32.40 ? 63  LEU A O   1 
ATOM   241  C  CB  . LEU A 1 38  ? -0.308  -11.714 -1.886  1.00 34.36 ? 63  LEU A CB  1 
ATOM   242  C  CG  . LEU A 1 38  ? 0.291   -11.663 -0.515  1.00 37.91 ? 63  LEU A CG  1 
ATOM   243  C  CD1 . LEU A 1 38  ? 1.242   -12.756 -0.352  1.00 42.79 ? 63  LEU A CD1 1 
ATOM   244  C  CD2 . LEU A 1 38  ? 0.871   -10.326 -0.153  1.00 38.89 ? 63  LEU A CD2 1 
ATOM   245  N  N   . VAL A 1 39  ? -2.398  -13.642 -0.091  1.00 33.35 ? 64  VAL A N   1 
ATOM   246  C  CA  . VAL A 1 39  ? -3.493  -13.632 0.883   1.00 34.62 ? 64  VAL A CA  1 
ATOM   247  C  C   . VAL A 1 39  ? -3.509  -12.410 1.798   1.00 35.35 ? 64  VAL A C   1 
ATOM   248  O  O   . VAL A 1 39  ? -3.009  -12.437 2.902   1.00 35.47 ? 64  VAL A O   1 
ATOM   249  C  CB  . VAL A 1 39  ? -3.578  -14.940 1.657   1.00 34.83 ? 64  VAL A CB  1 
ATOM   250  C  CG1 . VAL A 1 39  ? -4.655  -14.905 2.652   1.00 36.48 ? 64  VAL A CG1 1 
ATOM   251  C  CG2 . VAL A 1 39  ? -3.902  -16.028 0.714   1.00 33.41 ? 64  VAL A CG2 1 
ATOM   252  N  N   . THR A 1 40  ? -4.095  -11.345 1.279   1.00 35.77 ? 65  THR A N   1 
ATOM   253  C  CA  . THR A 1 40  ? -4.203  -10.046 1.911   1.00 37.15 ? 65  THR A CA  1 
ATOM   254  C  C   . THR A 1 40  ? -4.939  -10.125 3.268   1.00 37.12 ? 65  THR A C   1 
ATOM   255  O  O   . THR A 1 40  ? -6.110  -10.433 3.334   1.00 37.02 ? 65  THR A O   1 
ATOM   256  C  CB  . THR A 1 40  ? -4.866  -9.026  0.943   1.00 37.80 ? 65  THR A CB  1 
ATOM   257  O  OG1 . THR A 1 40  ? -4.151  -8.964  -0.291  1.00 39.13 ? 65  THR A OG1 1 
ATOM   258  C  CG2 . THR A 1 40  ? -4.847  -7.682  1.476   1.00 39.96 ? 65  THR A CG2 1 
ATOM   259  N  N   . THR A 1 41  ? -4.199  -9.863  4.342   1.00 36.94 ? 66  THR A N   1 
ATOM   260  C  CA  . THR A 1 41  ? -4.716  -9.864  5.751   1.00 36.46 ? 66  THR A CA  1 
ATOM   261  C  C   . THR A 1 41  ? -5.112  -8.436  6.158   1.00 34.89 ? 66  THR A C   1 
ATOM   262  O  O   . THR A 1 41  ? -4.243  -7.562  6.393   1.00 37.11 ? 66  THR A O   1 
ATOM   263  C  CB  . THR A 1 41  ? -3.690  -10.436 6.724   1.00 36.87 ? 66  THR A CB  1 
ATOM   264  O  OG1 . THR A 1 41  ? -2.533  -9.579  6.747   1.00 37.60 ? 66  THR A OG1 1 
ATOM   265  C  CG2 . THR A 1 41  ? -3.273  -11.836 6.256   1.00 36.56 ? 66  THR A CG2 1 
ATOM   266  N  N   . PRO A 1 42  ? -6.419  -8.169  6.162   1.00 32.72 ? 67  PRO A N   1 
ATOM   267  C  CA  . PRO A 1 42  ? -6.866  -6.793  6.266   1.00 31.54 ? 67  PRO A CA  1 
ATOM   268  C  C   . PRO A 1 42  ? -6.485  -6.100  7.616   1.00 29.56 ? 67  PRO A C   1 
ATOM   269  O  O   . PRO A 1 42  ? -6.162  -4.936  7.634   1.00 28.59 ? 67  PRO A O   1 
ATOM   270  C  CB  . PRO A 1 42  ? -8.389  -6.909  6.039   1.00 31.71 ? 67  PRO A CB  1 
ATOM   271  C  CG  . PRO A 1 42  ? -8.707  -8.289  6.347   1.00 31.63 ? 67  PRO A CG  1 
ATOM   272  C  CD  . PRO A 1 42  ? -7.540  -9.112  6.028   1.00 32.28 ? 67  PRO A CD  1 
ATOM   273  N  N   . ILE A 1 43  ? -6.475  -6.846  8.701   1.00 28.94 ? 68  ILE A N   1 
ATOM   274  C  CA  . ILE A 1 43  ? -6.304  -6.272  10.053  1.00 27.80 ? 68  ILE A CA  1 
ATOM   275  C  C   . ILE A 1 43  ? -4.928  -5.641  10.123  1.00 27.81 ? 68  ILE A C   1 
ATOM   276  O  O   . ILE A 1 43  ? -4.795  -4.524  10.581  1.00 26.47 ? 68  ILE A O   1 
ATOM   277  C  CB  . ILE A 1 43  ? -6.386  -7.314  11.151  1.00 26.50 ? 68  ILE A CB  1 
ATOM   278  C  CG1 . ILE A 1 43  ? -7.824  -7.772  11.369  1.00 25.43 ? 68  ILE A CG1 1 
ATOM   279  C  CG2 . ILE A 1 43  ? -5.773  -6.779  12.411  1.00 26.00 ? 68  ILE A CG2 1 
ATOM   280  C  CD1 . ILE A 1 43  ? -7.907  -8.951  12.381  1.00 18.93 ? 68  ILE A CD1 1 
ATOM   281  N  N   . SER A 1 44  ? -3.913  -6.339  9.623   1.00 28.38 ? 69  SER A N   1 
ATOM   282  C  CA  . SER A 1 44  ? -2.567  -5.760  9.615   1.00 28.90 ? 69  SER A CA  1 
ATOM   283  C  C   . SER A 1 44  ? -2.475  -4.509  8.776   1.00 28.84 ? 69  SER A C   1 
ATOM   284  O  O   . SER A 1 44  ? -1.735  -3.592  9.099   1.00 28.99 ? 69  SER A O   1 
ATOM   285  C  CB  . SER A 1 44  ? -1.586  -6.741  9.043   1.00 30.56 ? 69  SER A CB  1 
ATOM   286  O  OG  . SER A 1 44  ? -0.466  -6.692  9.891   1.00 34.86 ? 69  SER A OG  1 
ATOM   287  N  N   . ARG A 1 45  ? -3.225  -4.460  7.683   1.00 27.98 ? 70  ARG A N   1 
ATOM   288  C  CA  . ARG A 1 45  ? -3.064  -3.347  6.763   1.00 29.08 ? 70  ARG A CA  1 
ATOM   289  C  C   . ARG A 1 45  ? -3.836  -2.128  7.231   1.00 27.49 ? 70  ARG A C   1 
ATOM   290  O  O   . ARG A 1 45  ? -3.458  -1.006  6.947   1.00 27.41 ? 70  ARG A O   1 
ATOM   291  C  CB  . ARG A 1 45  ? -3.461  -3.786  5.336   1.00 30.06 ? 70  ARG A CB  1 
ATOM   292  C  CG  . ARG A 1 45  ? -2.353  -4.552  4.684   1.00 33.07 ? 70  ARG A CG  1 
ATOM   293  C  CD  . ARG A 1 45  ? -2.899  -5.305  3.544   1.00 42.31 ? 70  ARG A CD  1 
ATOM   294  N  NE  . ARG A 1 45  ? -1.837  -5.753  2.631   1.00 46.03 ? 70  ARG A NE  1 
ATOM   295  C  CZ  . ARG A 1 45  ? -0.899  -6.647  2.926   1.00 46.48 ? 70  ARG A CZ  1 
ATOM   296  N  NH1 . ARG A 1 45  ? -0.021  -6.972  1.975   1.00 43.13 ? 70  ARG A NH1 1 
ATOM   297  N  NH2 . ARG A 1 45  ? -0.830  -7.200  4.146   1.00 42.29 ? 70  ARG A NH2 1 
ATOM   298  N  N   . TYR A 1 46  ? -4.873  -2.368  8.017   1.00 26.81 ? 71  TYR A N   1 
ATOM   299  C  CA  . TYR A 1 46  ? -5.644  -1.300  8.561   1.00 27.30 ? 71  TYR A CA  1 
ATOM   300  C  C   . TYR A 1 46  ? -4.761  -0.677  9.613   1.00 27.55 ? 71  TYR A C   1 
ATOM   301  O  O   . TYR A 1 46  ? -4.651  0.519   9.642   1.00 28.57 ? 71  TYR A O   1 
ATOM   302  C  CB  . TYR A 1 46  ? -6.933  -1.802  9.201   1.00 28.47 ? 71  TYR A CB  1 
ATOM   303  C  CG  . TYR A 1 46  ? -7.806  -0.690  9.711   1.00 29.23 ? 71  TYR A CG  1 
ATOM   304  C  CD1 . TYR A 1 46  ? -7.825  -0.331  11.062  1.00 32.72 ? 71  TYR A CD1 1 
ATOM   305  C  CD2 . TYR A 1 46  ? -8.678  -0.062  8.843   1.00 34.09 ? 71  TYR A CD2 1 
ATOM   306  C  CE1 . TYR A 1 46  ? -8.646  0.704   11.514  1.00 33.16 ? 71  TYR A CE1 1 
ATOM   307  C  CE2 . TYR A 1 46  ? -9.513  0.926   9.262   1.00 32.11 ? 71  TYR A CE2 1 
ATOM   308  C  CZ  . TYR A 1 46  ? -9.487  1.325   10.555  1.00 34.34 ? 71  TYR A CZ  1 
ATOM   309  O  OH  . TYR A 1 46  ? -10.374 2.341   10.852  1.00 36.63 ? 71  TYR A OH  1 
ATOM   310  N  N   . ILE A 1 47  ? -4.085  -1.519  10.412  1.00 26.03 ? 72  ILE A N   1 
ATOM   311  C  CA  . ILE A 1 47  ? -3.226  -1.087  11.443  1.00 26.21 ? 72  ILE A CA  1 
ATOM   312  C  C   . ILE A 1 47  ? -2.084  -0.228  10.873  1.00 25.51 ? 72  ILE A C   1 
ATOM   313  O  O   . ILE A 1 47  ? -1.736  0.733   11.502  1.00 28.78 ? 72  ILE A O   1 
ATOM   314  C  CB  . ILE A 1 47  ? -2.649  -2.260  12.286  1.00 26.09 ? 72  ILE A CB  1 
ATOM   315  C  CG1 . ILE A 1 47  ? -3.716  -3.066  13.040  1.00 29.08 ? 72  ILE A CG1 1 
ATOM   316  C  CG2 . ILE A 1 47  ? -1.620  -1.709  13.299  1.00 26.55 ? 72  ILE A CG2 1 
ATOM   317  C  CD1 . ILE A 1 47  ? -4.635  -2.156  13.833  1.00 33.20 ? 72  ILE A CD1 1 
ATOM   318  N  N   . PHE A 1 48  ? -1.451  -0.641  9.784   1.00 24.07 ? 73  PHE A N   1 
ATOM   319  C  CA  . PHE A 1 48  ? -0.538  0.148   8.958   1.00 25.29 ? 73  PHE A CA  1 
ATOM   320  C  C   . PHE A 1 48  ? -1.100  1.527   8.594   1.00 26.35 ? 73  PHE A C   1 
ATOM   321  O  O   . PHE A 1 48  ? -0.409  2.503   8.724   1.00 28.42 ? 73  PHE A O   1 
ATOM   322  C  CB  . PHE A 1 48  ? -0.253  -0.601  7.641   1.00 24.90 ? 73  PHE A CB  1 
ATOM   323  C  CG  . PHE A 1 48  ? 0.564   0.207   6.596   1.00 28.30 ? 73  PHE A CG  1 
ATOM   324  C  CD1 . PHE A 1 48  ? 1.832   0.729   6.902   1.00 27.12 ? 73  PHE A CD1 1 
ATOM   325  C  CD2 . PHE A 1 48  ? 0.048   0.450   5.348   1.00 25.78 ? 73  PHE A CD2 1 
ATOM   326  C  CE1 . PHE A 1 48  ? 2.546   1.431   5.985   1.00 26.33 ? 73  PHE A CE1 1 
ATOM   327  C  CE2 . PHE A 1 48  ? 0.765   1.164   4.430   1.00 32.52 ? 73  PHE A CE2 1 
ATOM   328  C  CZ  . PHE A 1 48  ? 2.037   1.662   4.741   1.00 26.80 ? 73  PHE A CZ  1 
ATOM   329  N  N   . LEU A 1 49  ? -2.307  1.582   8.056   1.00 26.01 ? 74  LEU A N   1 
ATOM   330  C  CA  . LEU A 1 49  ? -2.956  2.854   7.761   1.00 27.91 ? 74  LEU A CA  1 
ATOM   331  C  C   . LEU A 1 49  ? -3.120  3.778   8.965   1.00 27.92 ? 74  LEU A C   1 
ATOM   332  O  O   . LEU A 1 49  ? -2.911  4.990   8.797   1.00 28.20 ? 74  LEU A O   1 
ATOM   333  C  CB  . LEU A 1 49  ? -4.324  2.672   7.030   1.00 26.99 ? 74  LEU A CB  1 
ATOM   334  C  CG  . LEU A 1 49  ? -4.294  1.885   5.706   1.00 26.72 ? 74  LEU A CG  1 
ATOM   335  C  CD1 . LEU A 1 49  ? -5.716  1.694   5.147   1.00 22.96 ? 74  LEU A CD1 1 
ATOM   336  C  CD2 . LEU A 1 49  ? -3.284  2.597   4.580   1.00 25.26 ? 74  LEU A CD2 1 
ATOM   337  N  N   . LYS A 1 50  ? -3.517  3.246   10.148  1.00 27.18 ? 75  LYS A N   1 
ATOM   338  C  CA  . LYS A 1 50  ? -3.765  4.062   11.333  1.00 26.95 ? 75  LYS A CA  1 
ATOM   339  C  C   . LYS A 1 50  ? -2.493  4.785   11.753  1.00 27.29 ? 75  LYS A C   1 
ATOM   340  O  O   . LYS A 1 50  ? -2.511  5.810   12.390  1.00 26.51 ? 75  LYS A O   1 
ATOM   341  C  CB  . LYS A 1 50  ? -4.294  3.232   12.506  1.00 28.37 ? 75  LYS A CB  1 
ATOM   342  C  CG  . LYS A 1 50  ? -5.863  3.048   12.474  1.00 33.55 ? 75  LYS A CG  1 
ATOM   343  C  CD  . LYS A 1 50  ? -6.588  3.457   13.782  1.00 40.37 ? 75  LYS A CD  1 
ATOM   344  C  CE  . LYS A 1 50  ? -6.948  4.951   13.820  1.00 43.48 ? 75  LYS A CE  1 
ATOM   345  N  NZ  . LYS A 1 50  ? -8.392  5.076   13.453  1.00 42.22 ? 75  LYS A NZ  1 
ATOM   346  N  N   . THR A 1 51  ? -1.382  4.231   11.306  1.00 28.86 ? 76  THR A N   1 
ATOM   347  C  CA  . THR A 1 51  ? -0.046  4.664   11.621  1.00 29.39 ? 76  THR A CA  1 
ATOM   348  C  C   . THR A 1 51  ? 0.195   6.034   10.986  1.00 29.45 ? 76  THR A C   1 
ATOM   349  O  O   . THR A 1 51  ? 0.983   6.759   11.486  1.00 27.75 ? 76  THR A O   1 
ATOM   350  C  CB  . THR A 1 51  ? 0.898   3.483   11.068  1.00 30.73 ? 76  THR A CB  1 
ATOM   351  O  OG1 . THR A 1 51  ? 1.478   2.694   12.135  1.00 32.38 ? 76  THR A OG1 1 
ATOM   352  C  CG2 . THR A 1 51  ? 1.811   3.862   10.110  1.00 23.18 ? 76  THR A CG2 1 
ATOM   353  N  N   . PHE A 1 52  ? -0.467  6.390   9.867   1.00 28.97 ? 77  PHE A N   1 
ATOM   354  C  CA  . PHE A 1 52  ? -0.144  7.692   9.181   1.00 29.75 ? 77  PHE A CA  1 
ATOM   355  C  C   . PHE A 1 52  ? -1.363  8.453   8.652   1.00 31.12 ? 77  PHE A C   1 
ATOM   356  O  O   . PHE A 1 52  ? -1.285  9.676   8.535   1.00 32.00 ? 77  PHE A O   1 
ATOM   357  C  CB  . PHE A 1 52  ? 0.906   7.565   8.029   1.00 29.60 ? 77  PHE A CB  1 
ATOM   358  C  CG  . PHE A 1 52  ? 0.480   6.598   6.919   1.00 26.64 ? 77  PHE A CG  1 
ATOM   359  C  CD1 . PHE A 1 52  ? -0.171  7.052   5.790   1.00 26.63 ? 77  PHE A CD1 1 
ATOM   360  C  CD2 . PHE A 1 52  ? 0.675   5.238   7.064   1.00 24.35 ? 77  PHE A CD2 1 
ATOM   361  C  CE1 . PHE A 1 52  ? -0.653  6.169   4.815   1.00 24.52 ? 77  PHE A CE1 1 
ATOM   362  C  CE2 . PHE A 1 52  ? 0.210   4.368   6.115   1.00 30.50 ? 77  PHE A CE2 1 
ATOM   363  C  CZ  . PHE A 1 52  ? -0.462  4.831   4.974   1.00 26.90 ? 77  PHE A CZ  1 
ATOM   364  N  N   . LEU A 1 53  ? -2.478  7.764   8.394   1.00 30.88 ? 78  LEU A N   1 
ATOM   365  C  CA  . LEU A 1 53  ? -3.699  8.388   7.819   1.00 32.19 ? 78  LEU A CA  1 
ATOM   366  C  C   . LEU A 1 53  ? -4.468  9.174   8.874   1.00 33.93 ? 78  LEU A C   1 
ATOM   367  O  O   . LEU A 1 53  ? -4.653  8.711   10.041  1.00 33.95 ? 78  LEU A O   1 
ATOM   368  C  CB  . LEU A 1 53  ? -4.592  7.311   7.171   1.00 33.22 ? 78  LEU A CB  1 
ATOM   369  C  CG  . LEU A 1 53  ? -4.680  7.344   5.639   1.00 34.97 ? 78  LEU A CG  1 
ATOM   370  C  CD1 . LEU A 1 53  ? -3.392  7.838   4.966   1.00 35.79 ? 78  LEU A CD1 1 
ATOM   371  C  CD2 . LEU A 1 53  ? -5.198  6.091   4.995   1.00 32.33 ? 78  LEU A CD2 1 
ATOM   372  N  N   . ARG A 1 54  ? -4.870  10.402  8.533   1.00 34.35 ? 79  ARG A N   1 
ATOM   373  C  CA  . ARG A 1 54  ? -5.525  11.241  9.539   1.00 34.93 ? 79  ARG A CA  1 
ATOM   374  C  C   . ARG A 1 54  ? -6.907  11.671  9.119   1.00 34.13 ? 79  ARG A C   1 
ATOM   375  O  O   . ARG A 1 54  ? -7.655  12.233  9.903   1.00 32.81 ? 79  ARG A O   1 
ATOM   376  C  CB  . ARG A 1 54  ? -4.659  12.458  9.899   1.00 36.06 ? 79  ARG A CB  1 
ATOM   377  C  CG  . ARG A 1 54  ? -3.456  12.091  10.752  1.00 42.01 ? 79  ARG A CG  1 
ATOM   378  C  CD  . ARG A 1 54  ? -3.885  11.345  12.072  1.00 51.30 ? 79  ARG A CD  1 
ATOM   379  N  NE  . ARG A 1 54  ? -2.730  10.697  12.717  1.00 55.84 ? 79  ARG A NE  1 
ATOM   380  C  CZ  . ARG A 1 54  ? -2.467  9.384   12.700  1.00 58.53 ? 79  ARG A CZ  1 
ATOM   381  N  NH1 . ARG A 1 54  ? -3.278  8.495   12.085  1.00 57.53 ? 79  ARG A NH1 1 
ATOM   382  N  NH2 . ARG A 1 54  ? -1.375  8.953   13.314  1.00 59.47 ? 79  ARG A NH2 1 
ATOM   383  N  N   . GLY A 1 55  ? -7.243  11.421  7.859   1.00 33.73 ? 80  GLY A N   1 
ATOM   384  C  CA  . GLY A 1 55  ? -8.577  11.813  7.362   1.00 33.53 ? 80  GLY A CA  1 
ATOM   385  C  C   . GLY A 1 55  ? -8.403  12.879  6.284   1.00 31.98 ? 80  GLY A C   1 
ATOM   386  O  O   . GLY A 1 55  ? -7.631  13.815  6.472   1.00 31.50 ? 80  GLY A O   1 
ATOM   387  N  N   . GLY A 1 56  ? -9.098  12.712  5.170   1.00 29.96 ? 81  GLY A N   1 
ATOM   388  C  CA  . GLY A 1 56  ? -9.198  13.740  4.160   1.00 29.30 ? 81  GLY A CA  1 
ATOM   389  C  C   . GLY A 1 56  ? -8.065  13.798  3.147   1.00 28.45 ? 81  GLY A C   1 
ATOM   390  O  O   . GLY A 1 56  ? -8.086  14.619  2.248   1.00 28.02 ? 81  GLY A O   1 
ATOM   391  N  N   . GLU A 1 57  ? -7.078  12.926  3.260   1.00 28.30 ? 82  GLU A N   1 
ATOM   392  C  CA  . GLU A 1 57  ? -5.917  12.973  2.347   1.00 28.45 ? 82  GLU A CA  1 
ATOM   393  C  C   . GLU A 1 57  ? -6.211  12.695  0.877   1.00 28.66 ? 82  GLU A C   1 
ATOM   394  O  O   . GLU A 1 57  ? -7.061  11.896  0.546   1.00 28.17 ? 82  GLU A O   1 
ATOM   395  C  CB  . GLU A 1 57  ? -4.842  11.982  2.805   1.00 28.66 ? 82  GLU A CB  1 
ATOM   396  C  CG  . GLU A 1 57  ? -4.167  12.458  4.105   1.00 31.34 ? 82  GLU A CG  1 
ATOM   397  C  CD  . GLU A 1 57  ? -4.797  11.849  5.362   1.00 34.73 ? 82  GLU A CD  1 
ATOM   398  O  OE1 . GLU A 1 57  ? -5.905  11.233  5.305   1.00 37.30 ? 82  GLU A OE1 1 
ATOM   399  O  OE2 . GLU A 1 57  ? -4.140  11.957  6.405   1.00 35.95 ? 82  GLU A OE2 1 
ATOM   400  N  N   . VAL A 1 58  ? -5.474  13.365  -0.012  1.00 28.93 ? 83  VAL A N   1 
ATOM   401  C  CA  . VAL A 1 58  ? -5.498  13.011  -1.402  1.00 27.61 ? 83  VAL A CA  1 
ATOM   402  C  C   . VAL A 1 58  ? -4.390  11.964  -1.408  1.00 27.65 ? 83  VAL A C   1 
ATOM   403  O  O   . VAL A 1 58  ? -3.203  12.275  -1.149  1.00 27.79 ? 83  VAL A O   1 
ATOM   404  C  CB  . VAL A 1 58  ? -5.212  14.231  -2.331  1.00 27.64 ? 83  VAL A CB  1 
ATOM   405  C  CG1 . VAL A 1 58  ? -5.170  13.789  -3.800  1.00 28.03 ? 83  VAL A CG1 1 
ATOM   406  C  CG2 . VAL A 1 58  ? -6.253  15.313  -2.128  1.00 26.37 ? 83  VAL A CG2 1 
ATOM   407  N  N   . ALA A 1 59  ? -4.798  10.740  -1.726  1.00 26.59 ? 84  ALA A N   1 
ATOM   408  C  CA  . ALA A 1 59  ? -3.993  9.555   -1.537  1.00 26.94 ? 84  ALA A CA  1 
ATOM   409  C  C   . ALA A 1 59  ? -3.685  8.758   -2.827  1.00 26.95 ? 84  ALA A C   1 
ATOM   410  O  O   . ALA A 1 59  ? -4.572  8.520   -3.640  1.00 27.02 ? 84  ALA A O   1 
ATOM   411  C  CB  . ALA A 1 59  ? -4.658  8.636   -0.458  1.00 24.78 ? 84  ALA A CB  1 
ATOM   412  N  N   . LEU A 1 60  ? -2.430  8.347   -2.993  1.00 26.33 ? 85  LEU A N   1 
ATOM   413  C  CA  . LEU A 1 60  ? -2.053  7.385   -4.037  1.00 27.36 ? 85  LEU A CA  1 
ATOM   414  C  C   . LEU A 1 60  ? -1.588  6.049   -3.436  1.00 28.39 ? 85  LEU A C   1 
ATOM   415  O  O   . LEU A 1 60  ? -0.646  6.033   -2.634  1.00 28.80 ? 85  LEU A O   1 
ATOM   416  C  CB  . LEU A 1 60  ? -0.890  7.930   -4.882  1.00 27.20 ? 85  LEU A CB  1 
ATOM   417  C  CG  . LEU A 1 60  ? -0.222  7.042   -5.995  1.00 26.44 ? 85  LEU A CG  1 
ATOM   418  C  CD1 . LEU A 1 60  ? -1.158  6.566   -7.122  1.00 27.35 ? 85  LEU A CD1 1 
ATOM   419  C  CD2 . LEU A 1 60  ? 0.991   7.787   -6.617  1.00 23.39 ? 85  LEU A CD2 1 
ATOM   420  N  N   . GLU A 1 61  ? -2.177  4.930   -3.832  1.00 28.57 ? 86  GLU A N   1 
ATOM   421  C  CA  . GLU A 1 61  ? -1.557  3.641   -3.462  1.00 29.30 ? 86  GLU A CA  1 
ATOM   422  C  C   . GLU A 1 61  ? -0.829  3.030   -4.658  1.00 29.67 ? 86  GLU A C   1 
ATOM   423  O  O   . GLU A 1 61  ? -1.361  2.964   -5.773  1.00 29.90 ? 86  GLU A O   1 
ATOM   424  C  CB  . GLU A 1 61  ? -2.564  2.628   -2.879  1.00 29.16 ? 86  GLU A CB  1 
ATOM   425  C  CG  . GLU A 1 61  ? -1.955  1.161   -2.644  1.00 28.54 ? 86  GLU A CG  1 
ATOM   426  C  CD  . GLU A 1 61  ? -2.909  0.169   -2.017  1.00 31.49 ? 86  GLU A CD  1 
ATOM   427  O  OE1 . GLU A 1 61  ? -4.150  0.402   -2.057  1.00 30.22 ? 86  GLU A OE1 1 
ATOM   428  O  OE2 . GLU A 1 61  ? -2.437  -0.913  -1.547  1.00 33.41 ? 86  GLU A OE2 1 
ATOM   429  N  N   . ILE A 1 62  ? 0.387   2.559   -4.427  1.00 30.32 ? 87  ILE A N   1 
ATOM   430  C  CA  . ILE A 1 62  ? 1.167   1.886   -5.500  1.00 29.34 ? 87  ILE A CA  1 
ATOM   431  C  C   . ILE A 1 62  ? 1.003   0.368   -5.331  1.00 29.77 ? 87  ILE A C   1 
ATOM   432  O  O   . ILE A 1 62  ? 1.303   -0.180  -4.242  1.00 30.92 ? 87  ILE A O   1 
ATOM   433  C  CB  . ILE A 1 62  ? 2.652   2.311   -5.454  1.00 29.23 ? 87  ILE A CB  1 
ATOM   434  C  CG1 . ILE A 1 62  ? 2.800   3.857   -5.533  1.00 29.26 ? 87  ILE A CG1 1 
ATOM   435  C  CG2 . ILE A 1 62  ? 3.506   1.571   -6.522  1.00 28.92 ? 87  ILE A CG2 1 
ATOM   436  C  CD1 . ILE A 1 62  ? 2.167   4.466   -6.769  1.00 29.77 ? 87  ILE A CD1 1 
ATOM   437  N  N   . GLY A 1 63  ? 0.479   -0.300  -6.342  1.00 29.60 ? 88  GLY A N   1 
ATOM   438  C  CA  . GLY A 1 63  ? 0.425   -1.733  -6.316  1.00 29.37 ? 88  GLY A CA  1 
ATOM   439  C  C   . GLY A 1 63  ? -0.679  -2.188  -5.377  1.00 30.31 ? 88  GLY A C   1 
ATOM   440  O  O   . GLY A 1 63  ? -0.383  -2.972  -4.460  1.00 30.49 ? 88  GLY A O   1 
ATOM   441  N  N   . THR A 1 64  ? -1.930  -1.747  -5.585  1.00 29.60 ? 89  THR A N   1 
ATOM   442  C  CA  . THR A 1 64  ? -3.025  -2.113  -4.640  1.00 29.51 ? 89  THR A CA  1 
ATOM   443  C  C   . THR A 1 64  ? -3.213  -3.618  -4.570  1.00 28.87 ? 89  THR A C   1 
ATOM   444  O  O   . THR A 1 64  ? -3.751  -4.138  -3.564  1.00 29.58 ? 89  THR A O   1 
ATOM   445  C  CB  . THR A 1 64  ? -4.482  -1.713  -5.045  1.00 30.09 ? 89  THR A CB  1 
ATOM   446  O  OG1 . THR A 1 64  ? -4.622  -1.260  -6.385  1.00 36.53 ? 89  THR A OG1 1 
ATOM   447  C  CG2 . THR A 1 64  ? -5.181  -0.890  -4.116  1.00 30.01 ? 89  THR A CG2 1 
ATOM   448  N  N   . GLY A 1 65  ? -2.883  -4.321  -5.658  1.00 27.99 ? 90  GLY A N   1 
ATOM   449  C  CA  . GLY A 1 65  ? -3.116  -5.776  -5.729  1.00 28.32 ? 90  GLY A CA  1 
ATOM   450  C  C   . GLY A 1 65  ? -4.567  -6.179  -6.082  1.00 28.72 ? 90  GLY A C   1 
ATOM   451  O  O   . GLY A 1 65  ? -5.446  -5.311  -6.229  1.00 29.27 ? 90  GLY A O   1 
ATOM   452  N  N   . HIS A 1 66  ? -4.811  -7.481  -6.194  1.00 27.01 ? 91  HIS A N   1 
ATOM   453  C  CA  . HIS A 1 66  ? -6.126  -8.042  -6.627  1.00 27.95 ? 91  HIS A CA  1 
ATOM   454  C  C   . HIS A 1 66  ? -7.305  -7.628  -5.712  1.00 29.09 ? 91  HIS A C   1 
ATOM   455  O  O   . HIS A 1 66  ? -8.449  -7.519  -6.146  1.00 30.65 ? 91  HIS A O   1 
ATOM   456  C  CB  . HIS A 1 66  ? -6.054  -9.585  -6.775  1.00 25.94 ? 91  HIS A CB  1 
ATOM   457  C  CG  . HIS A 1 66  ? -5.769  -10.326 -5.489  1.00 24.33 ? 91  HIS A CG  1 
ATOM   458  N  ND1 . HIS A 1 66  ? -4.694  -10.034 -4.673  1.00 24.58 ? 91  HIS A ND1 1 
ATOM   459  C  CD2 . HIS A 1 66  ? -6.413  -11.364 -4.893  1.00 21.04 ? 91  HIS A CD2 1 
ATOM   460  C  CE1 . HIS A 1 66  ? -4.722  -10.807 -3.599  1.00 20.51 ? 91  HIS A CE1 1 
ATOM   461  N  NE2 . HIS A 1 66  ? -5.719  -11.666 -3.740  1.00 23.81 ? 91  HIS A NE2 1 
ATOM   462  N  N   . THR A 1 67  ? -7.006  -7.403  -4.446  1.00 28.45 ? 92  THR A N   1 
ATOM   463  C  CA  . THR A 1 67  ? -8.001  -7.200  -3.428  1.00 29.02 ? 92  THR A CA  1 
ATOM   464  C  C   . THR A 1 67  ? -8.352  -5.692  -3.313  1.00 28.95 ? 92  THR A C   1 
ATOM   465  O  O   . THR A 1 67  ? -9.450  -5.306  -2.883  1.00 29.20 ? 92  THR A O   1 
ATOM   466  C  CB  . THR A 1 67  ? -7.342  -7.768  -2.166  1.00 29.28 ? 92  THR A CB  1 
ATOM   467  O  OG1 . THR A 1 67  ? -8.062  -8.870  -1.662  1.00 32.39 ? 92  THR A OG1 1 
ATOM   468  C  CG2 . THR A 1 67  ? -6.989  -6.777  -1.186  1.00 27.88 ? 92  THR A CG2 1 
ATOM   469  N  N   . ALA A 1 68  ? -7.395  -4.838  -3.687  1.00 28.12 ? 93  ALA A N   1 
ATOM   470  C  CA  . ALA A 1 68  ? -7.498  -3.401  -3.511  1.00 26.97 ? 93  ALA A CA  1 
ATOM   471  C  C   . ALA A 1 68  ? -7.812  -3.050  -2.056  1.00 27.43 ? 93  ALA A C   1 
ATOM   472  O  O   . ALA A 1 68  ? -8.341  -1.990  -1.782  1.00 28.33 ? 93  ALA A O   1 
ATOM   473  C  CB  . ALA A 1 68  ? -8.588  -2.865  -4.420  1.00 26.65 ? 93  ALA A CB  1 
HETATM 474  N  N   . MSE A 1 69  ? -7.474  -3.906  -1.117  1.00 28.44 ? 94  MSE A N   1 
HETATM 475  C  CA  . MSE A 1 69  ? -7.919  -3.701  0.288   1.00 30.59 ? 94  MSE A CA  1 
HETATM 476  C  C   . MSE A 1 69  ? -7.587  -2.286  0.874   1.00 32.29 ? 94  MSE A C   1 
HETATM 477  O  O   . MSE A 1 69  ? -8.448  -1.663  1.546   1.00 32.46 ? 94  MSE A O   1 
HETATM 478  C  CB  . MSE A 1 69  ? -7.232  -4.734  1.143   1.00 30.97 ? 94  MSE A CB  1 
HETATM 479  C  CG  . MSE A 1 69  ? -7.636  -4.772  2.599   1.00 34.93 ? 94  MSE A CG  1 
HETATM 480  SE SE  . MSE A 1 69  ? -9.431  -5.703  2.536   1.00 50.83 ? 94  MSE A SE  1 
HETATM 481  C  CE  . MSE A 1 69  ? -8.613  -7.518  2.130   1.00 35.15 ? 94  MSE A CE  1 
HETATM 482  N  N   . MSE A 1 70  ? -6.342  -1.815  0.690   1.00 31.72 ? 95  MSE A N   1 
HETATM 483  C  CA  . MSE A 1 70  ? -5.936  -0.560  1.350   1.00 35.61 ? 95  MSE A CA  1 
HETATM 484  C  C   . MSE A 1 70  ? -6.505  0.723   0.709   1.00 33.06 ? 95  MSE A C   1 
HETATM 485  O  O   . MSE A 1 70  ? -6.899  1.673   1.403   1.00 33.17 ? 95  MSE A O   1 
HETATM 486  C  CB  . MSE A 1 70  ? -4.435  -0.449  1.471   1.00 33.54 ? 95  MSE A CB  1 
HETATM 487  C  CG  . MSE A 1 70  ? -3.855  -1.603  2.232   1.00 37.15 ? 95  MSE A CG  1 
HETATM 488  SE SE  . MSE A 1 70  ? -2.007  -1.133  2.864   1.00 48.32 ? 95  MSE A SE  1 
HETATM 489  C  CE  . MSE A 1 70  ? -1.092  -0.322  1.326   1.00 47.85 ? 95  MSE A CE  1 
ATOM   490  N  N   . ALA A 1 71  ? -6.569  0.739   -0.603  1.00 31.70 ? 96  ALA A N   1 
ATOM   491  C  CA  . ALA A 1 71  ? -7.291  1.791   -1.283  1.00 30.58 ? 96  ALA A CA  1 
ATOM   492  C  C   . ALA A 1 71  ? -8.754  1.886   -0.731  1.00 29.66 ? 96  ALA A C   1 
ATOM   493  O  O   . ALA A 1 71  ? -9.207  2.961   -0.337  1.00 28.53 ? 96  ALA A O   1 
ATOM   494  C  CB  . ALA A 1 71  ? -7.267  1.524   -2.709  1.00 28.99 ? 96  ALA A CB  1 
ATOM   495  N  N   . LEU A 1 72  ? -9.464  0.769   -0.714  1.00 29.45 ? 97  LEU A N   1 
ATOM   496  C  CA  . LEU A 1 72  ? -10.828 0.654   -0.161  1.00 28.68 ? 97  LEU A CA  1 
ATOM   497  C  C   . LEU A 1 72  ? -10.925 1.107   1.284   1.00 29.51 ? 97  LEU A C   1 
ATOM   498  O  O   . LEU A 1 72  ? -11.844 1.880   1.652   1.00 28.77 ? 97  LEU A O   1 
ATOM   499  C  CB  . LEU A 1 72  ? -11.333 -0.799  -0.273  1.00 27.39 ? 97  LEU A CB  1 
ATOM   500  C  CG  . LEU A 1 72  ? -11.697 -1.375  -1.676  1.00 31.84 ? 97  LEU A CG  1 
ATOM   501  C  CD1 . LEU A 1 72  ? -12.018 -2.880  -1.690  1.00 29.74 ? 97  LEU A CD1 1 
ATOM   502  C  CD2 . LEU A 1 72  ? -12.797 -0.570  -2.402  1.00 25.77 ? 97  LEU A CD2 1 
HETATM 503  N  N   . MSE A 1 73  ? -10.027 0.603   2.133   1.00 31.37 ? 98  MSE A N   1 
HETATM 504  C  CA  . MSE A 1 73  ? -9.983  1.084   3.531   1.00 34.36 ? 98  MSE A CA  1 
HETATM 505  C  C   . MSE A 1 73  ? -9.690  2.543   3.675   1.00 33.10 ? 98  MSE A C   1 
HETATM 506  O  O   . MSE A 1 73  ? -10.391 3.224   4.426   1.00 34.63 ? 98  MSE A O   1 
HETATM 507  C  CB  . MSE A 1 73  ? -9.103  0.268   4.420   1.00 32.15 ? 98  MSE A CB  1 
HETATM 508  C  CG  . MSE A 1 73  ? -9.547  -1.164  4.595   1.00 36.36 ? 98  MSE A CG  1 
HETATM 509  SE SE  . MSE A 1 73  ? -8.070  -2.223  5.421   1.00 47.65 ? 98  MSE A SE  1 
HETATM 510  C  CE  . MSE A 1 73  ? -6.567  -1.262  4.869   1.00 41.94 ? 98  MSE A CE  1 
ATOM   511  N  N   . ALA A 1 74  ? -8.669  3.039   2.985   1.00 31.72 ? 99  ALA A N   1 
ATOM   512  C  CA  . ALA A 1 74  ? -8.341  4.461   3.049   1.00 31.32 ? 99  ALA A CA  1 
ATOM   513  C  C   . ALA A 1 74  ? -9.546  5.356   2.675   1.00 31.21 ? 99  ALA A C   1 
ATOM   514  O  O   . ALA A 1 74  ? -9.794  6.391   3.327   1.00 30.28 ? 99  ALA A O   1 
ATOM   515  C  CB  . ALA A 1 74  ? -7.135  4.809   2.147   1.00 29.60 ? 99  ALA A CB  1 
ATOM   516  N  N   . GLU A 1 75  ? -10.297 4.965   1.653   1.00 30.87 ? 100 GLU A N   1 
ATOM   517  C  CA  . GLU A 1 75  ? -11.428 5.766   1.277   1.00 33.12 ? 100 GLU A CA  1 
ATOM   518  C  C   . GLU A 1 75  ? -12.629 5.634   2.265   1.00 32.30 ? 100 GLU A C   1 
ATOM   519  O  O   . GLU A 1 75  ? -13.187 6.627   2.674   1.00 31.29 ? 100 GLU A O   1 
ATOM   520  C  CB  . GLU A 1 75  ? -11.817 5.566   -0.217  1.00 34.47 ? 100 GLU A CB  1 
ATOM   521  C  CG  . GLU A 1 75  ? -12.964 4.624   -0.408  1.00 39.56 ? 100 GLU A CG  1 
ATOM   522  C  CD  . GLU A 1 75  ? -13.836 4.876   -1.605  1.00 44.59 ? 100 GLU A CD  1 
ATOM   523  O  OE1 . GLU A 1 75  ? -14.233 6.017   -1.924  1.00 48.54 ? 100 GLU A OE1 1 
ATOM   524  O  OE2 . GLU A 1 75  ? -14.188 3.866   -2.198  1.00 45.62 ? 100 GLU A OE2 1 
ATOM   525  N  N   . LYS A 1 76  ? -12.975 4.412   2.671   1.00 32.44 ? 101 LYS A N   1 
ATOM   526  C  CA  . LYS A 1 76  ? -14.132 4.186   3.507   1.00 32.65 ? 101 LYS A CA  1 
ATOM   527  C  C   . LYS A 1 76  ? -13.935 4.724   4.920   1.00 33.08 ? 101 LYS A C   1 
ATOM   528  O  O   . LYS A 1 76  ? -14.828 5.384   5.479   1.00 33.15 ? 101 LYS A O   1 
ATOM   529  C  CB  . LYS A 1 76  ? -14.461 2.696   3.562   1.00 32.94 ? 101 LYS A CB  1 
ATOM   530  C  CG  . LYS A 1 76  ? -15.712 2.410   4.388   1.00 35.09 ? 101 LYS A CG  1 
ATOM   531  C  CD  . LYS A 1 76  ? -16.232 0.999   4.124   1.00 36.90 ? 101 LYS A CD  1 
ATOM   532  C  CE  . LYS A 1 76  ? -17.372 0.600   5.029   1.00 33.47 ? 101 LYS A CE  1 
ATOM   533  N  NZ  . LYS A 1 76  ? -17.665 -0.825  4.717   1.00 35.77 ? 101 LYS A NZ  1 
ATOM   534  N  N   . PHE A 1 77  ? -12.757 4.454   5.502   1.00 32.65 ? 102 PHE A N   1 
ATOM   535  C  CA  . PHE A 1 77  ? -12.564 4.760   6.895   1.00 31.12 ? 102 PHE A CA  1 
ATOM   536  C  C   . PHE A 1 77  ? -11.847 6.030   7.129   1.00 30.52 ? 102 PHE A C   1 
ATOM   537  O  O   . PHE A 1 77  ? -11.933 6.564   8.214   1.00 30.30 ? 102 PHE A O   1 
ATOM   538  C  CB  . PHE A 1 77  ? -11.971 3.577   7.682   1.00 30.92 ? 102 PHE A CB  1 
ATOM   539  C  CG  . PHE A 1 77  ? -12.893 2.432   7.759   1.00 30.14 ? 102 PHE A CG  1 
ATOM   540  C  CD1 . PHE A 1 77  ? -13.900 2.398   8.706   1.00 32.70 ? 102 PHE A CD1 1 
ATOM   541  C  CD2 . PHE A 1 77  ? -12.804 1.396   6.844   1.00 31.60 ? 102 PHE A CD2 1 
ATOM   542  C  CE1 . PHE A 1 77  ? -14.803 1.320   8.728   1.00 33.14 ? 102 PHE A CE1 1 
ATOM   543  C  CE2 . PHE A 1 77  ? -13.716 0.297   6.851   1.00 27.07 ? 102 PHE A CE2 1 
ATOM   544  C  CZ  . PHE A 1 77  ? -14.687 0.261   7.761   1.00 29.66 ? 102 PHE A CZ  1 
ATOM   545  N  N   . PHE A 1 78  ? -11.113 6.525   6.147   1.00 30.04 ? 103 PHE A N   1 
ATOM   546  C  CA  . PHE A 1 78  ? -10.303 7.716   6.400   1.00 29.44 ? 103 PHE A CA  1 
ATOM   547  C  C   . PHE A 1 78  ? -10.681 8.895   5.527   1.00 29.00 ? 103 PHE A C   1 
ATOM   548  O  O   . PHE A 1 78  ? -10.013 9.919   5.564   1.00 29.95 ? 103 PHE A O   1 
ATOM   549  C  CB  . PHE A 1 78  ? -8.812  7.403   6.261   1.00 28.85 ? 103 PHE A CB  1 
ATOM   550  C  CG  . PHE A 1 78  ? -8.276  6.438   7.307   1.00 30.09 ? 103 PHE A CG  1 
ATOM   551  C  CD1 . PHE A 1 78  ? -7.705  6.915   8.505   1.00 27.81 ? 103 PHE A CD1 1 
ATOM   552  C  CD2 . PHE A 1 78  ? -8.309  5.064   7.078   1.00 30.11 ? 103 PHE A CD2 1 
ATOM   553  C  CE1 . PHE A 1 78  ? -7.208  6.057   9.436   1.00 28.07 ? 103 PHE A CE1 1 
ATOM   554  C  CE2 . PHE A 1 78  ? -7.801  4.168   8.001   1.00 26.97 ? 103 PHE A CE2 1 
ATOM   555  C  CZ  . PHE A 1 78  ? -7.249  4.661   9.202   1.00 24.31 ? 103 PHE A CZ  1 
ATOM   556  N  N   . ASN A 1 79  ? -11.708 8.752   4.717   1.00 28.78 ? 104 ASN A N   1 
ATOM   557  C  CA  . ASN A 1 79  ? -12.272 9.882   3.975   1.00 30.37 ? 104 ASN A CA  1 
ATOM   558  C  C   . ASN A 1 79  ? -11.307 10.424  2.882   1.00 30.47 ? 104 ASN A C   1 
ATOM   559  O  O   . ASN A 1 79  ? -11.316 11.603  2.547   1.00 30.79 ? 104 ASN A O   1 
ATOM   560  C  CB  . ASN A 1 79  ? -12.689 11.002  4.980   1.00 31.56 ? 104 ASN A CB  1 
ATOM   561  C  CG  . ASN A 1 79  ? -13.460 12.137  4.310   1.00 34.58 ? 104 ASN A CG  1 
ATOM   562  O  OD1 . ASN A 1 79  ? -14.210 11.907  3.359   1.00 38.02 ? 104 ASN A OD1 1 
ATOM   563  N  ND2 . ASN A 1 79  ? -13.284 13.367  4.816   1.00 37.54 ? 104 ASN A ND2 1 
ATOM   564  N  N   . CYS A 1 80  ? -10.496 9.527   2.328   1.00 30.65 ? 105 CYS A N   1 
ATOM   565  C  CA  . CYS A 1 80  ? -9.440  9.876   1.421   1.00 30.70 ? 105 CYS A CA  1 
ATOM   566  C  C   . CYS A 1 80  ? -9.970  9.815   0.014   1.00 30.76 ? 105 CYS A C   1 
ATOM   567  O  O   . CYS A 1 80  ? -10.892 9.016   -0.318  1.00 30.21 ? 105 CYS A O   1 
ATOM   568  C  CB  . CYS A 1 80  ? -8.291  8.897   1.553   1.00 30.77 ? 105 CYS A CB  1 
ATOM   569  S  SG  . CYS A 1 80  ? -7.288  8.994   3.048   1.00 32.64 ? 105 CYS A SG  1 
ATOM   570  N  N   . LYS A 1 81  ? -9.380  10.665  -0.814  1.00 30.32 ? 106 LYS A N   1 
ATOM   571  C  CA  . LYS A 1 81  ? -9.669  10.702  -2.230  1.00 31.46 ? 106 LYS A CA  1 
ATOM   572  C  C   . LYS A 1 81  ? -8.538  9.877   -2.840  1.00 30.28 ? 106 LYS A C   1 
ATOM   573  O  O   . LYS A 1 81  ? -7.409  10.385  -2.946  1.00 29.14 ? 106 LYS A O   1 
ATOM   574  C  CB  . LYS A 1 81  ? -9.671  12.154  -2.740  1.00 30.28 ? 106 LYS A CB  1 
ATOM   575  C  CG  . LYS A 1 81  ? -10.016 12.239  -4.241  1.00 33.83 ? 106 LYS A CG  1 
ATOM   576  C  CD  . LYS A 1 81  ? -9.423  13.473  -5.032  1.00 34.77 ? 106 LYS A CD  1 
ATOM   577  C  CE  . LYS A 1 81  ? -10.230 14.772  -4.864  1.00 40.76 ? 106 LYS A CE  1 
ATOM   578  N  NZ  . LYS A 1 81  ? -11.724 14.503  -4.847  1.00 43.39 ? 106 LYS A NZ  1 
ATOM   579  N  N   . VAL A 1 82  ? -8.848  8.625   -3.247  1.00 30.61 ? 107 VAL A N   1 
ATOM   580  C  CA  . VAL A 1 82  ? -7.797  7.599   -3.592  1.00 29.86 ? 107 VAL A CA  1 
ATOM   581  C  C   . VAL A 1 82  ? -7.592  7.314   -5.079  1.00 30.25 ? 107 VAL A C   1 
ATOM   582  O  O   . VAL A 1 82  ? -8.556  7.101   -5.833  1.00 30.25 ? 107 VAL A O   1 
ATOM   583  C  CB  . VAL A 1 82  ? -8.029  6.214   -2.840  1.00 30.24 ? 107 VAL A CB  1 
ATOM   584  C  CG1 . VAL A 1 82  ? -6.873  5.259   -3.005  1.00 28.38 ? 107 VAL A CG1 1 
ATOM   585  C  CG2 . VAL A 1 82  ? -8.266  6.420   -1.350  1.00 29.58 ? 107 VAL A CG2 1 
ATOM   586  N  N   . THR A 1 83  ? -6.319  7.308   -5.487  1.00 29.83 ? 108 THR A N   1 
ATOM   587  C  CA  . THR A 1 83  ? -5.863  6.754   -6.749  1.00 29.15 ? 108 THR A CA  1 
ATOM   588  C  C   . THR A 1 83  ? -4.982  5.537   -6.429  1.00 29.70 ? 108 THR A C   1 
ATOM   589  O  O   . THR A 1 83  ? -4.189  5.575   -5.476  1.00 28.93 ? 108 THR A O   1 
ATOM   590  C  CB  . THR A 1 83  ? -5.060  7.765   -7.531  1.00 28.90 ? 108 THR A CB  1 
ATOM   591  O  OG1 . THR A 1 83  ? -5.890  8.910   -7.678  1.00 30.79 ? 108 THR A OG1 1 
ATOM   592  C  CG2 . THR A 1 83  ? -4.698  7.244   -8.979  1.00 28.76 ? 108 THR A CG2 1 
ATOM   593  N  N   . ALA A 1 84  ? -5.169  4.458   -7.212  1.00 29.14 ? 109 ALA A N   1 
ATOM   594  C  CA  . ALA A 1 84  ? -4.540  3.192   -6.890  1.00 29.32 ? 109 ALA A CA  1 
ATOM   595  C  C   . ALA A 1 84  ? -4.043  2.601   -8.166  1.00 28.40 ? 109 ALA A C   1 
ATOM   596  O  O   . ALA A 1 84  ? -4.733  2.599   -9.133  1.00 31.29 ? 109 ALA A O   1 
ATOM   597  C  CB  . ALA A 1 84  ? -5.539  2.240   -6.167  1.00 28.03 ? 109 ALA A CB  1 
ATOM   598  N  N   . THR A 1 85  ? -2.809  2.140   -8.194  1.00 29.75 ? 110 THR A N   1 
ATOM   599  C  CA  . THR A 1 85  ? -2.218  1.473   -9.389  1.00 28.80 ? 110 THR A CA  1 
ATOM   600  C  C   . THR A 1 85  ? -2.098  -0.023  -9.202  1.00 28.87 ? 110 THR A C   1 
ATOM   601  O  O   . THR A 1 85  ? -2.014  -0.508  -8.049  1.00 30.00 ? 110 THR A O   1 
ATOM   602  C  CB  . THR A 1 85  ? -0.820  2.064   -9.736  1.00 28.32 ? 110 THR A CB  1 
ATOM   603  O  OG1 . THR A 1 85  ? 0.167   1.627   -8.786  1.00 27.54 ? 110 THR A OG1 1 
ATOM   604  C  CG2 . THR A 1 85  ? -0.888  3.540   -9.595  1.00 29.81 ? 110 THR A CG2 1 
ATOM   605  N  N   . GLU A 1 86  ? -2.038  -0.732  -10.331 1.00 28.83 ? 111 GLU A N   1 
ATOM   606  C  CA  . GLU A 1 86  ? -1.748  -2.153  -10.395 1.00 29.15 ? 111 GLU A CA  1 
ATOM   607  C  C   . GLU A 1 86  ? -1.076  -2.474  -11.742 1.00 29.34 ? 111 GLU A C   1 
ATOM   608  O  O   . GLU A 1 86  ? -1.488  -1.973  -12.797 1.00 28.59 ? 111 GLU A O   1 
ATOM   609  C  CB  . GLU A 1 86  ? -3.044  -2.990  -10.205 1.00 28.14 ? 111 GLU A CB  1 
ATOM   610  C  CG  . GLU A 1 86  ? -2.862  -4.539  -10.255 1.00 28.39 ? 111 GLU A CG  1 
ATOM   611  C  CD  . GLU A 1 86  ? -1.746  -5.075  -9.377  1.00 30.26 ? 111 GLU A CD  1 
ATOM   612  O  OE1 . GLU A 1 86  ? -1.691  -4.675  -8.208  1.00 33.31 ? 111 GLU A OE1 1 
ATOM   613  O  OE2 . GLU A 1 86  ? -0.917  -5.903  -9.843  1.00 29.37 ? 111 GLU A OE2 1 
ATOM   614  N  N   . VAL A 1 87  ? -0.015  -3.278  -11.707 1.00 30.02 ? 112 VAL A N   1 
ATOM   615  C  CA  . VAL A 1 87  ? 0.642   -3.643  -12.940 1.00 31.26 ? 112 VAL A CA  1 
ATOM   616  C  C   . VAL A 1 87  ? 0.144   -4.983  -13.601 1.00 30.72 ? 112 VAL A C   1 
ATOM   617  O  O   . VAL A 1 87  ? 0.205   -5.130  -14.817 1.00 28.33 ? 112 VAL A O   1 
ATOM   618  C  CB  . VAL A 1 87  ? 2.158   -3.726  -12.769 1.00 32.77 ? 112 VAL A CB  1 
ATOM   619  C  CG1 . VAL A 1 87  ? 2.683   -2.649  -11.907 1.00 32.23 ? 112 VAL A CG1 1 
ATOM   620  C  CG2 . VAL A 1 87  ? 2.558   -5.118  -12.208 1.00 39.22 ? 112 VAL A CG2 1 
ATOM   621  N  N   . ASP A 1 88  ? -0.340  -5.935  -12.793 1.00 30.42 ? 113 ASP A N   1 
ATOM   622  C  CA  . ASP A 1 88  ? -0.779  -7.237  -13.301 1.00 30.14 ? 113 ASP A CA  1 
ATOM   623  C  C   . ASP A 1 88  ? -2.184  -7.143  -13.816 1.00 30.75 ? 113 ASP A C   1 
ATOM   624  O  O   . ASP A 1 88  ? -3.092  -6.719  -13.090 1.00 29.61 ? 113 ASP A O   1 
ATOM   625  C  CB  . ASP A 1 88  ? -0.709  -8.262  -12.173 1.00 31.02 ? 113 ASP A CB  1 
ATOM   626  C  CG  . ASP A 1 88  ? -1.024  -9.661  -12.632 1.00 29.53 ? 113 ASP A CG  1 
ATOM   627  O  OD1 . ASP A 1 88  ? -2.195  -10.009 -12.685 1.00 35.76 ? 113 ASP A OD1 1 
ATOM   628  O  OD2 . ASP A 1 88  ? -0.095  -10.445 -12.897 1.00 31.96 ? 113 ASP A OD2 1 
ATOM   629  N  N   . GLU A 1 89  ? -2.399  -7.549  -15.069 1.00 32.81 ? 114 GLU A N   1 
ATOM   630  C  CA  . GLU A 1 89  ? -3.729  -7.348  -15.669 1.00 34.32 ? 114 GLU A CA  1 
ATOM   631  C  C   . GLU A 1 89  ? -4.820  -8.223  -15.101 1.00 33.75 ? 114 GLU A C   1 
ATOM   632  O  O   . GLU A 1 89  ? -5.974  -7.786  -15.104 1.00 32.90 ? 114 GLU A O   1 
ATOM   633  C  CB  . GLU A 1 89  ? -3.738  -7.476  -17.198 1.00 35.33 ? 114 GLU A CB  1 
ATOM   634  C  CG  . GLU A 1 89  ? -3.155  -8.752  -17.663 1.00 42.19 ? 114 GLU A CG  1 
ATOM   635  C  CD  . GLU A 1 89  ? -1.728  -8.542  -18.090 1.00 49.16 ? 114 GLU A CD  1 
ATOM   636  O  OE1 . GLU A 1 89  ? -0.853  -8.277  -17.197 1.00 52.01 ? 114 GLU A OE1 1 
ATOM   637  O  OE2 . GLU A 1 89  ? -1.508  -8.615  -19.342 1.00 53.69 ? 114 GLU A OE2 1 
ATOM   638  N  N   . GLU A 1 90  ? -4.476  -9.452  -14.687 1.00 33.88 ? 115 GLU A N   1 
ATOM   639  C  CA  . GLU A 1 90  ? -5.408  -10.278 -13.907 1.00 34.93 ? 115 GLU A CA  1 
ATOM   640  C  C   . GLU A 1 90  ? -5.692  -9.643  -12.553 1.00 34.55 ? 115 GLU A C   1 
ATOM   641  O  O   . GLU A 1 90  ? -6.839  -9.562  -12.129 1.00 34.73 ? 115 GLU A O   1 
ATOM   642  C  CB  . GLU A 1 90  ? -4.865  -11.682 -13.691 1.00 35.71 ? 115 GLU A CB  1 
ATOM   643  C  CG  . GLU A 1 90  ? -5.076  -12.611 -14.869 1.00 41.55 ? 115 GLU A CG  1 
ATOM   644  C  CD  . GLU A 1 90  ? -4.380  -13.944 -14.685 1.00 48.09 ? 115 GLU A CD  1 
ATOM   645  O  OE1 . GLU A 1 90  ? -5.067  -14.997 -14.732 1.00 47.68 ? 115 GLU A OE1 1 
ATOM   646  O  OE2 . GLU A 1 90  ? -3.137  -13.917 -14.484 1.00 51.23 ? 115 GLU A OE2 1 
ATOM   647  N  N   . PHE A 1 91  ? -4.642  -9.209  -11.861 1.00 32.91 ? 116 PHE A N   1 
ATOM   648  C  CA  . PHE A 1 91  ? -4.826  -8.566  -10.578 1.00 32.83 ? 116 PHE A CA  1 
ATOM   649  C  C   . PHE A 1 91  ? -5.598  -7.247  -10.697 1.00 32.24 ? 116 PHE A C   1 
ATOM   650  O  O   . PHE A 1 91  ? -6.414  -6.932  -9.847  1.00 31.65 ? 116 PHE A O   1 
ATOM   651  C  CB  . PHE A 1 91  ? -3.468  -8.376  -9.843  1.00 32.27 ? 116 PHE A CB  1 
ATOM   652  C  CG  . PHE A 1 91  ? -2.803  -9.691  -9.483  1.00 30.71 ? 116 PHE A CG  1 
ATOM   653  C  CD1 . PHE A 1 91  ? -3.566  -10.868 -9.441  1.00 25.43 ? 116 PHE A CD1 1 
ATOM   654  C  CD2 . PHE A 1 91  ? -1.462  -9.747  -9.156  1.00 28.95 ? 116 PHE A CD2 1 
ATOM   655  C  CE1 . PHE A 1 91  ? -2.980  -12.094 -9.107  1.00 28.18 ? 116 PHE A CE1 1 
ATOM   656  C  CE2 . PHE A 1 91  ? -0.860  -10.973 -8.833  1.00 30.41 ? 116 PHE A CE2 1 
ATOM   657  C  CZ  . PHE A 1 91  ? -1.633  -12.154 -8.809  1.00 27.90 ? 116 PHE A CZ  1 
ATOM   658  N  N   . PHE A 1 92  ? -5.323  -6.501  -11.767 1.00 32.64 ? 117 PHE A N   1 
ATOM   659  C  CA  . PHE A 1 92  ? -6.077  -5.276  -12.115 1.00 32.24 ? 117 PHE A CA  1 
ATOM   660  C  C   . PHE A 1 92  ? -7.606  -5.538  -12.276 1.00 30.95 ? 117 PHE A C   1 
ATOM   661  O  O   . PHE A 1 92  ? -8.449  -4.749  -11.794 1.00 30.12 ? 117 PHE A O   1 
ATOM   662  C  CB  . PHE A 1 92  ? -5.495  -4.621  -13.403 1.00 31.73 ? 117 PHE A CB  1 
ATOM   663  C  CG  . PHE A 1 92  ? -6.246  -3.384  -13.830 1.00 31.48 ? 117 PHE A CG  1 
ATOM   664  C  CD1 . PHE A 1 92  ? -7.388  -3.477  -14.618 1.00 34.10 ? 117 PHE A CD1 1 
ATOM   665  C  CD2 . PHE A 1 92  ? -5.824  -2.139  -13.428 1.00 29.18 ? 117 PHE A CD2 1 
ATOM   666  C  CE1 . PHE A 1 92  ? -8.073  -2.314  -14.999 1.00 35.82 ? 117 PHE A CE1 1 
ATOM   667  C  CE2 . PHE A 1 92  ? -6.492  -0.989  -13.806 1.00 28.83 ? 117 PHE A CE2 1 
ATOM   668  C  CZ  . PHE A 1 92  ? -7.623  -1.050  -14.553 1.00 30.01 ? 117 PHE A CZ  1 
ATOM   669  N  N   . GLU A 1 93  ? -7.942  -6.638  -12.945 1.00 29.80 ? 118 GLU A N   1 
ATOM   670  C  CA  . GLU A 1 93  ? -9.330  -7.090  -13.161 1.00 29.46 ? 118 GLU A CA  1 
ATOM   671  C  C   . GLU A 1 93  ? -10.097 -7.351  -11.830 1.00 28.32 ? 118 GLU A C   1 
ATOM   672  O  O   . GLU A 1 93  ? -11.235 -6.919  -11.603 1.00 28.57 ? 118 GLU A O   1 
ATOM   673  C  CB  . GLU A 1 93  ? -9.287  -8.356  -14.034 1.00 29.52 ? 118 GLU A CB  1 
ATOM   674  C  CG  . GLU A 1 93  ? -10.466 -8.653  -14.960 1.00 35.37 ? 118 GLU A CG  1 
ATOM   675  C  CD  . GLU A 1 93  ? -11.680 -7.729  -14.801 1.00 40.24 ? 118 GLU A CD  1 
ATOM   676  O  OE1 . GLU A 1 93  ? -12.782 -8.257  -14.475 1.00 40.44 ? 118 GLU A OE1 1 
ATOM   677  O  OE2 . GLU A 1 93  ? -11.511 -6.489  -15.027 1.00 42.38 ? 118 GLU A OE2 1 
ATOM   678  N  N   . TYR A 1 94  ? -9.469  -8.070  -10.924 1.00 28.43 ? 119 TYR A N   1 
ATOM   679  C  CA  . TYR A 1 94  ? -10.021 -8.235  -9.559  1.00 26.86 ? 119 TYR A CA  1 
ATOM   680  C  C   . TYR A 1 94  ? -10.122 -6.931  -8.737  1.00 27.46 ? 119 TYR A C   1 
ATOM   681  O  O   . TYR A 1 94  ? -11.128 -6.688  -8.050  1.00 28.60 ? 119 TYR A O   1 
ATOM   682  C  CB  . TYR A 1 94  ? -9.166  -9.256  -8.824  1.00 26.08 ? 119 TYR A CB  1 
ATOM   683  C  CG  . TYR A 1 94  ? -9.513  -10.669 -9.130  1.00 24.49 ? 119 TYR A CG  1 
ATOM   684  C  CD1 . TYR A 1 94  ? -10.076 -11.480 -8.148  1.00 24.88 ? 119 TYR A CD1 1 
ATOM   685  C  CD2 . TYR A 1 94  ? -9.298  -11.210 -10.404 1.00 25.27 ? 119 TYR A CD2 1 
ATOM   686  C  CE1 . TYR A 1 94  ? -10.421 -12.787 -8.396  1.00 21.16 ? 119 TYR A CE1 1 
ATOM   687  C  CE2 . TYR A 1 94  ? -9.628  -12.550 -10.669 1.00 27.77 ? 119 TYR A CE2 1 
ATOM   688  C  CZ  . TYR A 1 94  ? -10.205 -13.311 -9.650  1.00 27.11 ? 119 TYR A CZ  1 
ATOM   689  O  OH  . TYR A 1 94  ? -10.534 -14.607 -9.860  1.00 26.91 ? 119 TYR A OH  1 
ATOM   690  N  N   . ALA A 1 95  ? -9.079  -6.108  -8.746  1.00 27.71 ? 120 ALA A N   1 
ATOM   691  C  CA  . ALA A 1 95  ? -9.165  -4.750  -8.163  1.00 28.05 ? 120 ALA A CA  1 
ATOM   692  C  C   . ALA A 1 95  ? -10.404 -3.977  -8.692  1.00 28.57 ? 120 ALA A C   1 
ATOM   693  O  O   . ALA A 1 95  ? -11.226 -3.495  -7.899  1.00 30.15 ? 120 ALA A O   1 
ATOM   694  C  CB  . ALA A 1 95  ? -7.869  -3.959  -8.404  1.00 27.31 ? 120 ALA A CB  1 
ATOM   695  N  N   . ARG A 1 96  ? -10.550 -3.885  -10.016 1.00 29.05 ? 121 ARG A N   1 
ATOM   696  C  CA  . ARG A 1 96  ? -11.750 -3.322  -10.666 1.00 29.40 ? 121 ARG A CA  1 
ATOM   697  C  C   . ARG A 1 96  ? -13.061 -3.876  -10.111 1.00 30.19 ? 121 ARG A C   1 
ATOM   698  O  O   . ARG A 1 96  ? -13.969 -3.117  -9.762  1.00 30.17 ? 121 ARG A O   1 
ATOM   699  C  CB  . ARG A 1 96  ? -11.727 -3.595  -12.151 1.00 28.67 ? 121 ARG A CB  1 
ATOM   700  C  CG  . ARG A 1 96  ? -12.853 -2.880  -12.911 1.00 30.07 ? 121 ARG A CG  1 
ATOM   701  C  CD  . ARG A 1 96  ? -12.937 -3.249  -14.397 1.00 29.14 ? 121 ARG A CD  1 
ATOM   702  N  NE  . ARG A 1 96  ? -13.503 -4.581  -14.613 1.00 31.64 ? 121 ARG A NE  1 
ATOM   703  C  CZ  . ARG A 1 96  ? -14.761 -4.938  -14.347 1.00 32.41 ? 121 ARG A CZ  1 
ATOM   704  N  NH1 . ARG A 1 96  ? -15.613 -4.077  -13.798 1.00 29.88 ? 121 ARG A NH1 1 
ATOM   705  N  NH2 . ARG A 1 96  ? -15.155 -6.186  -14.591 1.00 31.57 ? 121 ARG A NH2 1 
ATOM   706  N  N   . ARG A 1 97  ? -13.167 -5.202  -10.088 1.00 30.86 ? 122 ARG A N   1 
ATOM   707  C  CA  . ARG A 1 97  ? -14.332 -5.885  -9.518  1.00 31.70 ? 122 ARG A CA  1 
ATOM   708  C  C   . ARG A 1 97  ? -14.511 -5.649  -8.011  1.00 31.47 ? 122 ARG A C   1 
ATOM   709  O  O   . ARG A 1 97  ? -15.632 -5.501  -7.532  1.00 31.43 ? 122 ARG A O   1 
ATOM   710  C  CB  . ARG A 1 97  ? -14.207 -7.379  -9.783  1.00 32.94 ? 122 ARG A CB  1 
ATOM   711  C  CG  . ARG A 1 97  ? -14.116 -7.723  -11.280 1.00 36.25 ? 122 ARG A CG  1 
ATOM   712  C  CD  . ARG A 1 97  ? -14.890 -8.968  -11.574 1.00 41.93 ? 122 ARG A CD  1 
ATOM   713  N  NE  . ARG A 1 97  ? -14.197 -10.134 -11.042 1.00 47.08 ? 122 ARG A NE  1 
ATOM   714  C  CZ  . ARG A 1 97  ? -13.417 -10.939 -11.763 1.00 50.98 ? 122 ARG A CZ  1 
ATOM   715  N  NH1 . ARG A 1 97  ? -13.198 -10.716 -13.064 1.00 49.73 ? 122 ARG A NH1 1 
ATOM   716  N  NH2 . ARG A 1 97  ? -12.849 -11.983 -11.174 1.00 53.17 ? 122 ARG A NH2 1 
ATOM   717  N  N   . ASN A 1 98  ? -13.413 -5.642  -7.247  1.00 30.89 ? 123 ASN A N   1 
ATOM   718  C  CA  . ASN A 1 98  ? -13.551 -5.364  -5.811  1.00 30.06 ? 123 ASN A CA  1 
ATOM   719  C  C   . ASN A 1 98  ? -13.962 -3.913  -5.561  1.00 29.88 ? 123 ASN A C   1 
ATOM   720  O  O   . ASN A 1 98  ? -14.718 -3.644  -4.660  1.00 29.67 ? 123 ASN A O   1 
ATOM   721  C  CB  . ASN A 1 98  ? -12.288 -5.741  -5.012  1.00 29.17 ? 123 ASN A CB  1 
ATOM   722  C  CG  . ASN A 1 98  ? -12.176 -7.229  -4.792  1.00 28.16 ? 123 ASN A CG  1 
ATOM   723  O  OD1 . ASN A 1 98  ? -13.095 -7.862  -4.265  1.00 27.28 ? 123 ASN A OD1 1 
ATOM   724  N  ND2 . ASN A 1 98  ? -11.042 -7.810  -5.197  1.00 27.84 ? 123 ASN A ND2 1 
ATOM   725  N  N   . ILE A 1 99  ? -13.469 -2.988  -6.377  1.00 30.88 ? 124 ILE A N   1 
ATOM   726  C  CA  . ILE A 1 99  ? -13.824 -1.571  -6.234  1.00 31.98 ? 124 ILE A CA  1 
ATOM   727  C  C   . ILE A 1 99  ? -15.325 -1.371  -6.527  1.00 33.09 ? 124 ILE A C   1 
ATOM   728  O  O   . ILE A 1 99  ? -16.056 -0.735  -5.723  1.00 31.43 ? 124 ILE A O   1 
ATOM   729  C  CB  . ILE A 1 99  ? -12.911 -0.682  -7.085  1.00 31.75 ? 124 ILE A CB  1 
ATOM   730  C  CG1 . ILE A 1 99  ? -11.550 -0.528  -6.417  1.00 28.97 ? 124 ILE A CG1 1 
ATOM   731  C  CG2 . ILE A 1 99  ? -13.487 0.702   -7.277  1.00 34.59 ? 124 ILE A CG2 1 
ATOM   732  C  CD1 . ILE A 1 99  ? -10.524 -0.092  -7.470  1.00 24.81 ? 124 ILE A CD1 1 
ATOM   733  N  N   . GLU A 1 100 ? -15.776 -2.000  -7.618  1.00 34.44 ? 125 GLU A N   1 
ATOM   734  C  CA  . GLU A 1 100 ? -17.184 -2.036  -7.997  1.00 36.50 ? 125 GLU A CA  1 
ATOM   735  C  C   . GLU A 1 100 ? -18.102 -2.780  -6.990  1.00 35.90 ? 125 GLU A C   1 
ATOM   736  O  O   . GLU A 1 100 ? -19.169 -2.275  -6.633  1.00 36.40 ? 125 GLU A O   1 
ATOM   737  C  CB  . GLU A 1 100 ? -17.326 -2.623  -9.426  1.00 36.20 ? 125 GLU A CB  1 
ATOM   738  C  CG  . GLU A 1 100 ? -18.774 -2.846  -9.903  1.00 37.61 ? 125 GLU A CG  1 
ATOM   739  C  CD  . GLU A 1 100 ? -18.814 -3.578  -11.254 1.00 41.52 ? 125 GLU A CD  1 
ATOM   740  O  OE1 . GLU A 1 100 ? -19.241 -2.981  -12.285 1.00 45.88 ? 125 GLU A OE1 1 
ATOM   741  O  OE2 . GLU A 1 100 ? -18.359 -4.749  -11.297 1.00 48.51 ? 125 GLU A OE2 1 
ATOM   742  N  N   . ARG A 1 101 ? -17.726 -3.974  -6.549  1.00 35.75 ? 126 ARG A N   1 
ATOM   743  C  CA  . ARG A 1 101 ? -18.576 -4.702  -5.607  1.00 37.54 ? 126 ARG A CA  1 
ATOM   744  C  C   . ARG A 1 101 ? -18.756 -3.902  -4.292  1.00 36.11 ? 126 ARG A C   1 
ATOM   745  O  O   . ARG A 1 101 ? -19.684 -4.172  -3.515  1.00 37.40 ? 126 ARG A O   1 
ATOM   746  C  CB  . ARG A 1 101 ? -17.925 -6.043  -5.272  1.00 38.11 ? 126 ARG A CB  1 
ATOM   747  C  CG  . ARG A 1 101 ? -18.848 -7.161  -4.707  1.00 41.89 ? 126 ARG A CG  1 
ATOM   748  C  CD  . ARG A 1 101 ? -18.024 -8.432  -4.288  1.00 42.24 ? 126 ARG A CD  1 
ATOM   749  N  NE  . ARG A 1 101 ? -16.671 -8.428  -4.876  1.00 51.39 ? 126 ARG A NE  1 
ATOM   750  C  CZ  . ARG A 1 101 ? -16.383 -9.000  -6.047  1.00 50.34 ? 126 ARG A CZ  1 
ATOM   751  N  NH1 . ARG A 1 101 ? -17.327 -9.623  -6.703  1.00 53.69 ? 126 ARG A NH1 1 
ATOM   752  N  NH2 . ARG A 1 101 ? -15.165 -8.957  -6.565  1.00 52.29 ? 126 ARG A NH2 1 
ATOM   753  N  N   . ASN A 1 102 ? -17.885 -2.932  -4.022  1.00 33.06 ? 127 ASN A N   1 
ATOM   754  C  CA  . ASN A 1 102 ? -17.986 -2.179  -2.782  1.00 31.52 ? 127 ASN A CA  1 
ATOM   755  C  C   . ASN A 1 102 ? -18.383 -0.729  -2.920  1.00 30.54 ? 127 ASN A C   1 
ATOM   756  O  O   . ASN A 1 102 ? -18.117 0.072   -1.994  1.00 27.11 ? 127 ASN A O   1 
ATOM   757  C  CB  . ASN A 1 102 ? -16.713 -2.296  -1.932  1.00 30.76 ? 127 ASN A CB  1 
ATOM   758  C  CG  . ASN A 1 102 ? -16.516 -3.669  -1.398  1.00 30.78 ? 127 ASN A CG  1 
ATOM   759  O  OD1 . ASN A 1 102 ? -17.176 -4.066  -0.420  1.00 32.67 ? 127 ASN A OD1 1 
ATOM   760  N  ND2 . ASN A 1 102 ? -15.665 -4.453  -2.075  1.00 27.67 ? 127 ASN A ND2 1 
ATOM   761  N  N   . ASN A 1 103 ? -19.018 -0.419  -4.055  1.00 30.54 ? 128 ASN A N   1 
ATOM   762  C  CA  . ASN A 1 103 ? -19.561 0.909   -4.321  1.00 31.49 ? 128 ASN A CA  1 
ATOM   763  C  C   . ASN A 1 103 ? -18.531 2.001   -4.048  1.00 31.05 ? 128 ASN A C   1 
ATOM   764  O  O   . ASN A 1 103 ? -18.829 2.977   -3.364  1.00 31.83 ? 128 ASN A O   1 
ATOM   765  C  CB  . ASN A 1 103 ? -20.804 1.140   -3.453  1.00 31.52 ? 128 ASN A CB  1 
ATOM   766  C  CG  . ASN A 1 103 ? -21.854 0.057   -3.646  1.00 34.47 ? 128 ASN A CG  1 
ATOM   767  O  OD1 . ASN A 1 103 ? -22.489 -0.392  -2.701  1.00 37.89 ? 128 ASN A OD1 1 
ATOM   768  N  ND2 . ASN A 1 103 ? -22.040 -0.363  -4.882  1.00 33.54 ? 128 ASN A ND2 1 
ATOM   769  N  N   . SER A 1 104 ? -17.322 1.825   -4.590  1.00 31.01 ? 129 SER A N   1 
ATOM   770  C  CA  . SER A 1 104 ? -16.178 2.667   -4.251  1.00 30.18 ? 129 SER A CA  1 
ATOM   771  C  C   . SER A 1 104 ? -15.838 3.633   -5.369  1.00 30.15 ? 129 SER A C   1 
ATOM   772  O  O   . SER A 1 104 ? -16.062 3.352   -6.548  1.00 30.70 ? 129 SER A O   1 
ATOM   773  C  CB  . SER A 1 104 ? -14.963 1.794   -3.875  1.00 30.89 ? 129 SER A CB  1 
ATOM   774  O  OG  . SER A 1 104 ? -13.698 2.452   -4.044  1.00 27.77 ? 129 SER A OG  1 
ATOM   775  N  N   . ASN A 1 105 ? -15.336 4.792   -4.979  1.00 29.21 ? 130 ASN A N   1 
ATOM   776  C  CA  . ASN A 1 105 ? -14.878 5.782   -5.911  1.00 29.98 ? 130 ASN A CA  1 
ATOM   777  C  C   . ASN A 1 105 ? -13.382 5.762   -6.130  1.00 29.14 ? 130 ASN A C   1 
ATOM   778  O  O   . ASN A 1 105 ? -12.885 6.693   -6.757  1.00 28.51 ? 130 ASN A O   1 
ATOM   779  C  CB  . ASN A 1 105 ? -15.241 7.177   -5.421  1.00 30.17 ? 130 ASN A CB  1 
ATOM   780  C  CG  . ASN A 1 105 ? -16.710 7.456   -5.553  1.00 34.31 ? 130 ASN A CG  1 
ATOM   781  O  OD1 . ASN A 1 105 ? -17.397 7.770   -4.557  1.00 36.90 ? 130 ASN A OD1 1 
ATOM   782  N  ND2 . ASN A 1 105 ? -17.229 7.326   -6.781  1.00 35.10 ? 130 ASN A ND2 1 
ATOM   783  N  N   . VAL A 1 106 ? -12.654 4.737   -5.656  1.00 28.74 ? 131 VAL A N   1 
ATOM   784  C  CA  . VAL A 1 106 ? -11.229 4.751   -5.921  1.00 27.98 ? 131 VAL A CA  1 
ATOM   785  C  C   . VAL A 1 106 ? -10.979 4.797   -7.425  1.00 29.03 ? 131 VAL A C   1 
ATOM   786  O  O   . VAL A 1 106 ? -11.722 4.187   -8.195  1.00 28.09 ? 131 VAL A O   1 
ATOM   787  C  CB  . VAL A 1 106 ? -10.280 3.796   -5.057  1.00 29.08 ? 131 VAL A CB  1 
ATOM   788  C  CG1 . VAL A 1 106 ? -10.885 3.137   -3.812  1.00 28.24 ? 131 VAL A CG1 1 
ATOM   789  C  CG2 . VAL A 1 106 ? -9.358  2.887   -5.868  1.00 27.16 ? 131 VAL A CG2 1 
ATOM   790  N  N   . ARG A 1 107 ? -9.995  5.590   -7.823  1.00 28.62 ? 132 ARG A N   1 
ATOM   791  C  CA  . ARG A 1 107 ? -9.489  5.621   -9.206  1.00 30.16 ? 132 ARG A CA  1 
ATOM   792  C  C   . ARG A 1 107 ? -8.405  4.578   -9.485  1.00 29.64 ? 132 ARG A C   1 
ATOM   793  O  O   . ARG A 1 107 ? -7.275  4.697   -9.012  1.00 29.74 ? 132 ARG A O   1 
ATOM   794  C  CB  . ARG A 1 107 ? -8.926  7.003   -9.498  1.00 29.89 ? 132 ARG A CB  1 
ATOM   795  C  CG  . ARG A 1 107 ? -8.740  7.244   -10.955 1.00 35.08 ? 132 ARG A CG  1 
ATOM   796  C  CD  . ARG A 1 107 ? -7.849  8.450   -11.205 1.00 37.53 ? 132 ARG A CD  1 
ATOM   797  N  NE  . ARG A 1 107 ? -7.483  8.473   -12.601 1.00 36.70 ? 132 ARG A NE  1 
ATOM   798  C  CZ  . ARG A 1 107 ? -6.316  8.907   -13.075 1.00 39.14 ? 132 ARG A CZ  1 
ATOM   799  N  NH1 . ARG A 1 107 ? -5.369  9.378   -12.248 1.00 40.52 ? 132 ARG A NH1 1 
ATOM   800  N  NH2 . ARG A 1 107 ? -6.108  8.886   -14.385 1.00 34.73 ? 132 ARG A NH2 1 
ATOM   801  N  N   . LEU A 1 108 ? -8.748  3.538   -10.240 1.00 30.36 ? 133 LEU A N   1 
ATOM   802  C  CA  . LEU A 1 108 ? -7.806  2.449   -10.527 1.00 30.69 ? 133 LEU A CA  1 
ATOM   803  C  C   . LEU A 1 108 ? -7.039  2.759   -11.791 1.00 30.36 ? 133 LEU A C   1 
ATOM   804  O  O   . LEU A 1 108 ? -7.662  2.973   -12.856 1.00 30.01 ? 133 LEU A O   1 
ATOM   805  C  CB  . LEU A 1 108 ? -8.545  1.161   -10.818 1.00 30.98 ? 133 LEU A CB  1 
ATOM   806  C  CG  . LEU A 1 108 ? -8.130  -0.180  -10.197 1.00 33.48 ? 133 LEU A CG  1 
ATOM   807  C  CD1 . LEU A 1 108 ? -8.428  -1.290  -11.150 1.00 24.63 ? 133 LEU A CD1 1 
ATOM   808  C  CD2 . LEU A 1 108 ? -6.698  -0.305  -9.507  1.00 32.93 ? 133 LEU A CD2 1 
ATOM   809  N  N   . VAL A 1 109 ? -5.709  2.808   -11.695 1.00 29.22 ? 134 VAL A N   1 
ATOM   810  C  CA  . VAL A 1 109 ? -4.873  3.072   -12.873 1.00 27.95 ? 134 VAL A CA  1 
ATOM   811  C  C   . VAL A 1 109 ? -4.000  1.855   -13.176 1.00 29.49 ? 134 VAL A C   1 
ATOM   812  O  O   . VAL A 1 109 ? -3.265  1.355   -12.290 1.00 29.17 ? 134 VAL A O   1 
ATOM   813  C  CB  . VAL A 1 109 ? -3.944  4.331   -12.635 1.00 27.74 ? 134 VAL A CB  1 
ATOM   814  C  CG1 . VAL A 1 109 ? -3.154  4.760   -13.926 1.00 27.58 ? 134 VAL A CG1 1 
ATOM   815  C  CG2 . VAL A 1 109 ? -4.757  5.480   -12.132 1.00 24.89 ? 134 VAL A CG2 1 
ATOM   816  N  N   . LYS A 1 110 ? -4.002  1.451   -14.442 1.00 30.01 ? 135 LYS A N   1 
ATOM   817  C  CA  . LYS A 1 110 ? -3.153  0.401   -14.948 1.00 30.99 ? 135 LYS A CA  1 
ATOM   818  C  C   . LYS A 1 110 ? -1.717  0.894   -15.145 1.00 31.06 ? 135 LYS A C   1 
ATOM   819  O  O   . LYS A 1 110 ? -1.490  1.901   -15.822 1.00 32.26 ? 135 LYS A O   1 
ATOM   820  C  CB  . LYS A 1 110 ? -3.706  -0.076  -16.287 1.00 31.76 ? 135 LYS A CB  1 
ATOM   821  C  CG  . LYS A 1 110 ? -3.715  -1.551  -16.413 1.00 33.56 ? 135 LYS A CG  1 
ATOM   822  C  CD  . LYS A 1 110 ? -2.372  -2.129  -16.627 1.00 36.45 ? 135 LYS A CD  1 
ATOM   823  C  CE  . LYS A 1 110 ? -2.355  -3.583  -16.176 1.00 37.61 ? 135 LYS A CE  1 
ATOM   824  N  NZ  . LYS A 1 110 ? -1.202  -4.283  -16.855 1.00 36.58 ? 135 LYS A NZ  1 
ATOM   825  N  N   . SER A 1 111 ? -0.755  0.206   -14.532 1.00 29.27 ? 136 SER A N   1 
ATOM   826  C  CA  . SER A 1 111 ? 0.631   0.477   -14.792 1.00 28.33 ? 136 SER A CA  1 
ATOM   827  C  C   . SER A 1 111 ? 1.183   -0.442  -15.825 1.00 27.83 ? 136 SER A C   1 
ATOM   828  O  O   . SER A 1 111 ? 0.912   -1.641  -15.785 1.00 27.96 ? 136 SER A O   1 
ATOM   829  C  CB  . SER A 1 111 ? 1.501   0.389   -13.526 1.00 28.06 ? 136 SER A CB  1 
ATOM   830  O  OG  . SER A 1 111 ? 2.840   0.598   -13.994 1.00 31.57 ? 136 SER A OG  1 
ATOM   831  N  N   . ASN A 1 112 ? 1.928   0.108   -16.801 1.00 28.34 ? 137 ASN A N   1 
ATOM   832  C  CA  . ASN A 1 112 ? 2.581   -0.735  -17.826 1.00 27.32 ? 137 ASN A CA  1 
ATOM   833  C  C   . ASN A 1 112 ? 3.974   -1.138  -17.296 1.00 27.82 ? 137 ASN A C   1 
ATOM   834  O  O   . ASN A 1 112 ? 4.816   -1.609  -18.060 1.00 27.35 ? 137 ASN A O   1 
ATOM   835  C  CB  . ASN A 1 112 ? 2.866   -0.005  -19.158 1.00 25.71 ? 137 ASN A CB  1 
ATOM   836  C  CG  . ASN A 1 112 ? 1.630   0.395   -19.908 1.00 26.54 ? 137 ASN A CG  1 
ATOM   837  O  OD1 . ASN A 1 112 ? 0.492   -0.060  -19.640 1.00 23.69 ? 137 ASN A OD1 1 
ATOM   838  N  ND2 . ASN A 1 112 ? 1.853   1.255   -20.897 1.00 23.20 ? 137 ASN A ND2 1 
ATOM   839  N  N   . GLY A 1 113 ? 4.201   -0.968  -16.009 1.00 27.20 ? 138 GLY A N   1 
ATOM   840  C  CA  . GLY A 1 113 ? 5.413   -1.479  -15.434 1.00 27.86 ? 138 GLY A CA  1 
ATOM   841  C  C   . GLY A 1 113 ? 6.131   -0.507  -14.499 1.00 27.86 ? 138 GLY A C   1 
ATOM   842  O  O   . GLY A 1 113 ? 6.908   -0.936  -13.655 1.00 27.05 ? 138 GLY A O   1 
ATOM   843  N  N   . GLY A 1 114 ? 5.924   0.796   -14.699 1.00 28.44 ? 139 GLY A N   1 
ATOM   844  C  CA  . GLY A 1 114 ? 6.542   1.840   -13.845 1.00 27.84 ? 139 GLY A CA  1 
ATOM   845  C  C   . GLY A 1 114 ? 5.867   1.915   -12.506 1.00 28.56 ? 139 GLY A C   1 
ATOM   846  O  O   . GLY A 1 114 ? 4.904   1.159   -12.229 1.00 28.18 ? 139 GLY A O   1 
ATOM   847  N  N   . ILE A 1 115 ? 6.320   2.860   -11.691 1.00 28.56 ? 140 ILE A N   1 
ATOM   848  C  CA  . ILE A 1 115 ? 5.956   2.915   -10.294 1.00 28.59 ? 140 ILE A CA  1 
ATOM   849  C  C   . ILE A 1 115 ? 5.014   4.093   -10.237 1.00 30.45 ? 140 ILE A C   1 
ATOM   850  O  O   . ILE A 1 115 ? 3.823   3.880   -10.125 1.00 29.73 ? 140 ILE A O   1 
ATOM   851  C  CB  . ILE A 1 115 ? 7.187   3.072   -9.334  1.00 29.11 ? 140 ILE A CB  1 
ATOM   852  C  CG1 . ILE A 1 115 ? 8.253   1.996   -9.634  1.00 26.34 ? 140 ILE A CG1 1 
ATOM   853  C  CG2 . ILE A 1 115 ? 6.711   3.151   -7.831  1.00 27.22 ? 140 ILE A CG2 1 
ATOM   854  C  CD1 . ILE A 1 115 ? 9.446   1.994   -8.715  1.00 27.54 ? 140 ILE A CD1 1 
ATOM   855  N  N   . ILE A 1 116 ? 5.537   5.318   -10.388 1.00 31.85 ? 141 ILE A N   1 
ATOM   856  C  CA  . ILE A 1 116 ? 4.681   6.498   -10.539 1.00 32.62 ? 141 ILE A CA  1 
ATOM   857  C  C   . ILE A 1 116 ? 4.948   7.324   -11.803 1.00 31.86 ? 141 ILE A C   1 
ATOM   858  O  O   . ILE A 1 116 ? 3.994   7.633   -12.500 1.00 31.75 ? 141 ILE A O   1 
ATOM   859  C  CB  . ILE A 1 116 ? 4.481   7.401   -9.191  1.00 34.80 ? 141 ILE A CB  1 
ATOM   860  C  CG1 . ILE A 1 116 ? 4.832   8.863   -9.394  1.00 36.68 ? 141 ILE A CG1 1 
ATOM   861  C  CG2 . ILE A 1 116 ? 4.982   6.809   -7.912  1.00 35.04 ? 141 ILE A CG2 1 
ATOM   862  C  CD1 . ILE A 1 116 ? 3.546   9.633   -9.469  1.00 40.00 ? 141 ILE A CD1 1 
ATOM   863  N  N   . LYS A 1 117 ? 6.211   7.619   -12.152 1.00 31.09 ? 142 LYS A N   1 
ATOM   864  C  CA  . LYS A 1 117 ? 6.490   8.339   -13.397 1.00 30.77 ? 142 LYS A CA  1 
ATOM   865  C  C   . LYS A 1 117 ? 6.147   7.441   -14.528 1.00 30.60 ? 142 LYS A C   1 
ATOM   866  O  O   . LYS A 1 117 ? 6.566   6.292   -14.550 1.00 30.06 ? 142 LYS A O   1 
ATOM   867  C  CB  . LYS A 1 117 ? 7.953   8.681   -13.537 1.00 30.20 ? 142 LYS A CB  1 
ATOM   868  C  CG  . LYS A 1 117 ? 8.506   9.368   -12.370 1.00 35.81 ? 142 LYS A CG  1 
ATOM   869  C  CD  . LYS A 1 117 ? 7.980   10.763  -12.185 1.00 41.32 ? 142 LYS A CD  1 
ATOM   870  C  CE  . LYS A 1 117 ? 8.936   11.551  -11.219 1.00 47.57 ? 142 LYS A CE  1 
ATOM   871  N  NZ  . LYS A 1 117 ? 8.566   13.009  -11.038 1.00 49.35 ? 142 LYS A NZ  1 
ATOM   872  N  N   . GLY A 1 118 ? 5.389   7.971   -15.473 1.00 30.00 ? 143 GLY A N   1 
ATOM   873  C  CA  . GLY A 1 118 ? 4.904   7.197   -16.527 1.00 31.26 ? 143 GLY A CA  1 
ATOM   874  C  C   . GLY A 1 118 ? 3.677   6.385   -16.229 1.00 31.60 ? 143 GLY A C   1 
ATOM   875  O  O   . GLY A 1 118 ? 3.233   5.649   -17.105 1.00 32.18 ? 143 GLY A O   1 
ATOM   876  N  N   . VAL A 1 119 ? 3.088   6.565   -15.050 1.00 30.98 ? 144 VAL A N   1 
ATOM   877  C  CA  . VAL A 1 119 ? 1.900   5.851   -14.648 1.00 30.17 ? 144 VAL A CA  1 
ATOM   878  C  C   . VAL A 1 119 ? 0.797   6.822   -14.214 1.00 31.41 ? 144 VAL A C   1 
ATOM   879  O  O   . VAL A 1 119 ? -0.329  6.737   -14.691 1.00 31.89 ? 144 VAL A O   1 
ATOM   880  C  CB  . VAL A 1 119 ? 2.222   4.874   -13.433 1.00 30.06 ? 144 VAL A CB  1 
ATOM   881  C  CG1 . VAL A 1 119 ? 0.971   4.150   -13.007 1.00 25.68 ? 144 VAL A CG1 1 
ATOM   882  C  CG2 . VAL A 1 119 ? 3.280   3.884   -13.825 1.00 28.31 ? 144 VAL A CG2 1 
ATOM   883  N  N   . VAL A 1 120 ? 1.102   7.722   -13.263 1.00 31.98 ? 145 VAL A N   1 
ATOM   884  C  CA  . VAL A 1 120 ? 0.101   8.686   -12.799 1.00 32.58 ? 145 VAL A CA  1 
ATOM   885  C  C   . VAL A 1 120 ? 0.735   10.062  -12.826 1.00 33.14 ? 145 VAL A C   1 
ATOM   886  O  O   . VAL A 1 120 ? 1.980   10.200  -12.727 1.00 32.92 ? 145 VAL A O   1 
ATOM   887  C  CB  . VAL A 1 120 ? -0.421  8.429   -11.294 1.00 32.76 ? 145 VAL A CB  1 
ATOM   888  C  CG1 . VAL A 1 120 ? -1.207  7.145   -11.147 1.00 32.03 ? 145 VAL A CG1 1 
ATOM   889  C  CG2 . VAL A 1 120 ? 0.710   8.406   -10.349 1.00 33.57 ? 145 VAL A CG2 1 
ATOM   890  N  N   . GLU A 1 121 ? -0.117  11.081  -12.935 1.00 32.88 ? 146 GLU A N   1 
ATOM   891  C  CA  . GLU A 1 121 ? 0.312   12.470  -12.697 1.00 33.94 ? 146 GLU A CA  1 
ATOM   892  C  C   . GLU A 1 121 ? -0.429  13.128  -11.526 1.00 33.39 ? 146 GLU A C   1 
ATOM   893  O  O   . GLU A 1 121 ? -1.526  12.697  -11.093 1.00 32.13 ? 146 GLU A O   1 
ATOM   894  C  CB  . GLU A 1 121 ? 0.102   13.301  -13.979 1.00 35.02 ? 146 GLU A CB  1 
ATOM   895  C  CG  . GLU A 1 121 ? 1.376   13.429  -14.827 1.00 40.68 ? 146 GLU A CG  1 
ATOM   896  C  CD  . GLU A 1 121 ? 1.148   13.087  -16.282 1.00 49.18 ? 146 GLU A CD  1 
ATOM   897  O  OE1 . GLU A 1 121 ? 0.468   12.063  -16.561 1.00 52.24 ? 146 GLU A OE1 1 
ATOM   898  O  OE2 . GLU A 1 121 ? 1.663   13.826  -17.162 1.00 52.59 ? 146 GLU A OE2 1 
ATOM   899  N  N   . GLY A 1 122 ? 0.167   14.207  -11.050 1.00 32.72 ? 147 GLY A N   1 
ATOM   900  C  CA  . GLY A 1 122 ? -0.483  15.041  -10.107 1.00 32.14 ? 147 GLY A CA  1 
ATOM   901  C  C   . GLY A 1 122 ? 0.301   14.937  -8.839  1.00 32.22 ? 147 GLY A C   1 
ATOM   902  O  O   . GLY A 1 122 ? 1.396   14.326  -8.806  1.00 31.47 ? 147 GLY A O   1 
ATOM   903  N  N   . THR A 1 123 ? -0.239  15.576  -7.803  1.00 31.15 ? 148 THR A N   1 
ATOM   904  C  CA  . THR A 1 123 ? 0.418   15.566  -6.497  1.00 31.43 ? 148 THR A CA  1 
ATOM   905  C  C   . THR A 1 123 ? -0.529  14.993  -5.418  1.00 31.21 ? 148 THR A C   1 
ATOM   906  O  O   . THR A 1 123 ? -1.773  14.936  -5.598  1.00 29.78 ? 148 THR A O   1 
ATOM   907  C  CB  . THR A 1 123 ? 0.907   16.944  -6.108  1.00 31.87 ? 148 THR A CB  1 
ATOM   908  O  OG1 . THR A 1 123 ? -0.211  17.868  -6.076  1.00 30.78 ? 148 THR A OG1 1 
ATOM   909  C  CG2 . THR A 1 123 ? 2.001   17.421  -7.086  1.00 30.14 ? 148 THR A CG2 1 
ATOM   910  N  N   . PHE A 1 124 ? 0.080   14.579  -4.305  1.00 32.01 ? 149 PHE A N   1 
ATOM   911  C  CA  . PHE A 1 124 ? -0.627  13.835  -3.231  1.00 31.01 ? 149 PHE A CA  1 
ATOM   912  C  C   . PHE A 1 124 ? -0.164  14.229  -1.855  1.00 30.10 ? 149 PHE A C   1 
ATOM   913  O  O   . PHE A 1 124 ? 0.936   14.766  -1.677  1.00 30.46 ? 149 PHE A O   1 
ATOM   914  C  CB  . PHE A 1 124 ? -0.456  12.320  -3.451  1.00 31.27 ? 149 PHE A CB  1 
ATOM   915  C  CG  . PHE A 1 124 ? -1.006  11.857  -4.750  1.00 33.56 ? 149 PHE A CG  1 
ATOM   916  C  CD1 . PHE A 1 124 ? -2.356  11.492  -4.868  1.00 33.14 ? 149 PHE A CD1 1 
ATOM   917  C  CD2 . PHE A 1 124 ? -0.178  11.781  -5.884  1.00 33.72 ? 149 PHE A CD2 1 
ATOM   918  C  CE1 . PHE A 1 124 ? -2.854  11.069  -6.092  1.00 33.89 ? 149 PHE A CE1 1 
ATOM   919  C  CE2 . PHE A 1 124 ? -0.674  11.361  -7.117  1.00 33.32 ? 149 PHE A CE2 1 
ATOM   920  C  CZ  . PHE A 1 124 ? -1.998  11.009  -7.223  1.00 34.48 ? 149 PHE A CZ  1 
ATOM   921  N  N   . ASP A 1 125 ? -1.031  14.017  -0.869  1.00 30.39 ? 150 ASP A N   1 
ATOM   922  C  CA  . ASP A 1 125 ? -0.678  14.283  0.506   1.00 30.81 ? 150 ASP A CA  1 
ATOM   923  C  C   . ASP A 1 125 ? -0.027  13.010  0.975   1.00 30.61 ? 150 ASP A C   1 
ATOM   924  O  O   . ASP A 1 125 ? 0.831   13.068  1.809   1.00 30.95 ? 150 ASP A O   1 
ATOM   925  C  CB  . ASP A 1 125 ? -1.907  14.561  1.397   1.00 31.04 ? 150 ASP A CB  1 
ATOM   926  C  CG  . ASP A 1 125 ? -2.760  15.693  0.879   1.00 32.92 ? 150 ASP A CG  1 
ATOM   927  O  OD1 . ASP A 1 125 ? -2.168  16.740  0.551   1.00 32.94 ? 150 ASP A OD1 1 
ATOM   928  O  OD2 . ASP A 1 125 ? -4.013  15.533  0.785   1.00 32.28 ? 150 ASP A OD2 1 
ATOM   929  N  N   . VAL A 1 126 ? -0.441  11.861  0.436   1.00 30.03 ? 151 VAL A N   1 
ATOM   930  C  CA  . VAL A 1 126 ? 0.176   10.601  0.827   1.00 29.89 ? 151 VAL A CA  1 
ATOM   931  C  C   . VAL A 1 126 ? 0.266   9.644   -0.301  1.00 29.73 ? 151 VAL A C   1 
ATOM   932  O  O   . VAL A 1 126 ? -0.644  9.543   -1.156  1.00 29.91 ? 151 VAL A O   1 
ATOM   933  C  CB  . VAL A 1 126 ? -0.557  9.906   2.048   1.00 32.67 ? 151 VAL A CB  1 
ATOM   934  C  CG1 . VAL A 1 126 ? -1.993  9.395   1.674   1.00 29.49 ? 151 VAL A CG1 1 
ATOM   935  C  CG2 . VAL A 1 126 ? 0.285   8.766   2.589   1.00 33.71 ? 151 VAL A CG2 1 
ATOM   936  N  N   . ILE A 1 127 ? 1.382   8.928   -0.318  1.00 28.37 ? 152 ILE A N   1 
ATOM   937  C  CA  . ILE A 1 127 ? 1.654   7.928   -1.331  1.00 27.70 ? 152 ILE A CA  1 
ATOM   938  C  C   . ILE A 1 127 ? 2.058   6.745   -0.491  1.00 28.69 ? 152 ILE A C   1 
ATOM   939  O  O   . ILE A 1 127 ? 2.875   6.870   0.405   1.00 29.63 ? 152 ILE A O   1 
ATOM   940  C  CB  . ILE A 1 127 ? 2.792   8.392   -2.302  1.00 28.28 ? 152 ILE A CB  1 
ATOM   941  C  CG1 . ILE A 1 127 ? 2.325   9.583   -3.168  1.00 23.80 ? 152 ILE A CG1 1 
ATOM   942  C  CG2 . ILE A 1 127 ? 3.259   7.213   -3.235  1.00 27.82 ? 152 ILE A CG2 1 
ATOM   943  C  CD1 . ILE A 1 127 ? 3.499   10.269  -3.906  1.00 28.36 ? 152 ILE A CD1 1 
ATOM   944  N  N   . PHE A 1 128 ? 1.380   5.614   -0.640  1.00 28.20 ? 153 PHE A N   1 
ATOM   945  C  CA  . PHE A 1 128 ? 1.740   4.485   0.201   1.00 28.73 ? 153 PHE A CA  1 
ATOM   946  C  C   . PHE A 1 128 ? 1.720   3.222   -0.599  1.00 28.89 ? 153 PHE A C   1 
ATOM   947  O  O   . PHE A 1 128 ? 1.126   3.167   -1.700  1.00 28.31 ? 153 PHE A O   1 
ATOM   948  C  CB  . PHE A 1 128 ? 0.831   4.385   1.456   1.00 27.27 ? 153 PHE A CB  1 
ATOM   949  C  CG  . PHE A 1 128 ? -0.629  4.293   1.165   1.00 30.10 ? 153 PHE A CG  1 
ATOM   950  C  CD1 . PHE A 1 128 ? -1.265  3.048   1.044   1.00 30.44 ? 153 PHE A CD1 1 
ATOM   951  C  CD2 . PHE A 1 128 ? -1.410  5.451   1.060   1.00 32.65 ? 153 PHE A CD2 1 
ATOM   952  C  CE1 . PHE A 1 128 ? -2.635  2.972   0.808   1.00 28.28 ? 153 PHE A CE1 1 
ATOM   953  C  CE2 . PHE A 1 128 ? -2.800  5.373   0.830   1.00 29.64 ? 153 PHE A CE2 1 
ATOM   954  C  CZ  . PHE A 1 128 ? -3.393  4.115   0.695   1.00 29.70 ? 153 PHE A CZ  1 
ATOM   955  N  N   . SER A 1 129 ? 2.351   2.208   -0.025  1.00 29.59 ? 154 SER A N   1 
ATOM   956  C  CA  . SER A 1 129 ? 2.552   0.933   -0.727  1.00 28.90 ? 154 SER A CA  1 
ATOM   957  C  C   . SER A 1 129 ? 2.888   -0.140  0.258   1.00 30.10 ? 154 SER A C   1 
ATOM   958  O  O   . SER A 1 129 ? 3.537   0.158   1.238   1.00 29.18 ? 154 SER A O   1 
ATOM   959  C  CB  . SER A 1 129 ? 3.696   1.025   -1.745  1.00 28.29 ? 154 SER A CB  1 
ATOM   960  O  OG  . SER A 1 129 ? 3.569   -0.097  -2.625  1.00 29.55 ? 154 SER A OG  1 
ATOM   961  N  N   . ALA A 1 130 ? 2.454   -1.380  -0.026  1.00 31.08 ? 155 ALA A N   1 
ATOM   962  C  CA  . ALA A 1 130 ? 3.109   -2.588  0.507   1.00 33.31 ? 155 ALA A CA  1 
ATOM   963  C  C   . ALA A 1 130 ? 3.968   -3.262  -0.568  1.00 34.70 ? 155 ALA A C   1 
ATOM   964  O  O   . ALA A 1 130 ? 3.500   -4.181  -1.265  1.00 34.12 ? 155 ALA A O   1 
ATOM   965  C  CB  . ALA A 1 130 ? 2.060   -3.630  1.076   1.00 33.21 ? 155 ALA A CB  1 
ATOM   966  N  N   . PRO A 1 131 ? 5.232   -2.828  -0.693  1.00 37.01 ? 156 PRO A N   1 
ATOM   967  C  CA  . PRO A 1 131 ? 6.152   -3.239  -1.754  1.00 38.03 ? 156 PRO A CA  1 
ATOM   968  C  C   . PRO A 1 131 ? 6.451   -4.702  -1.675  1.00 40.78 ? 156 PRO A C   1 
ATOM   969  O  O   . PRO A 1 131 ? 6.413   -5.219  -0.581  1.00 41.31 ? 156 PRO A O   1 
ATOM   970  C  CB  . PRO A 1 131 ? 7.465   -2.526  -1.397  1.00 37.30 ? 156 PRO A CB  1 
ATOM   971  C  CG  . PRO A 1 131 ? 7.237   -1.768  -0.280  1.00 36.60 ? 156 PRO A CG  1 
ATOM   972  C  CD  . PRO A 1 131 ? 5.885   -1.935  0.283   1.00 36.07 ? 156 PRO A CD  1 
ATOM   973  N  N   . PRO A 1 132 ? 6.762   -5.368  -2.826  1.00 43.59 ? 157 PRO A N   1 
ATOM   974  C  CA  . PRO A 1 132 ? 7.180   -6.796  -2.915  1.00 46.37 ? 157 PRO A CA  1 
ATOM   975  C  C   . PRO A 1 132 ? 8.400   -7.292  -2.077  1.00 47.00 ? 157 PRO A C   1 
ATOM   976  O  O   . PRO A 1 132 ? 8.329   -8.420  -1.529  1.00 47.72 ? 157 PRO A O   1 
ATOM   977  C  CB  . PRO A 1 132 ? 7.476   -6.988  -4.431  1.00 46.78 ? 157 PRO A CB  1 
ATOM   978  C  CG  . PRO A 1 132 ? 7.676   -5.571  -5.001  1.00 46.39 ? 157 PRO A CG  1 
ATOM   979  C  CD  . PRO A 1 132 ? 6.645   -4.769  -4.172  1.00 43.07 ? 157 PRO A CD  1 
ATOM   980  N  N   . TYR A 1 133 ? 9.489   -6.506  -2.053  1.00 48.06 ? 158 TYR A N   1 
ATOM   981  C  CA  . TYR A 1 133 ? 10.681  -6.616  -1.114  1.00 50.30 ? 158 TYR A CA  1 
ATOM   982  C  C   . TYR A 1 133 ? 11.711  -7.788  -1.187  1.00 52.40 ? 158 TYR A C   1 
ATOM   983  O  O   . TYR A 1 133 ? 12.613  -7.855  -0.353  1.00 52.43 ? 158 TYR A O   1 
ATOM   984  C  CB  . TYR A 1 133 ? 10.273  -6.409  0.380   1.00 51.43 ? 158 TYR A CB  1 
ATOM   985  C  CG  . TYR A 1 133 ? 9.504   -7.588  1.035   1.00 52.74 ? 158 TYR A CG  1 
ATOM   986  C  CD1 . TYR A 1 133 ? 10.126  -8.837  1.284   1.00 54.07 ? 158 TYR A CD1 1 
ATOM   987  C  CD2 . TYR A 1 133 ? 8.160   -7.438  1.413   1.00 53.51 ? 158 TYR A CD2 1 
ATOM   988  C  CE1 . TYR A 1 133 ? 9.422   -9.895  1.893   1.00 54.89 ? 158 TYR A CE1 1 
ATOM   989  C  CE2 . TYR A 1 133 ? 7.442   -8.496  2.015   1.00 55.13 ? 158 TYR A CE2 1 
ATOM   990  C  CZ  . TYR A 1 133 ? 8.073   -9.719  2.243   1.00 54.45 ? 158 TYR A CZ  1 
ATOM   991  O  OH  . TYR A 1 133 ? 7.350   -10.718 2.863   1.00 53.53 ? 158 TYR A OH  1 
ATOM   992  N  N   . TYR A 1 134 ? 11.588  -8.702  -2.148  1.00 54.60 ? 159 TYR A N   1 
ATOM   993  C  CA  . TYR A 1 134 ? 12.441  -9.917  -2.176  1.00 56.24 ? 159 TYR A CA  1 
ATOM   994  C  C   . TYR A 1 134 ? 13.840  -9.773  -2.788  1.00 55.76 ? 159 TYR A C   1 
ATOM   995  O  O   . TYR A 1 134 ? 14.835  -10.146 -2.150  1.00 55.65 ? 159 TYR A O   1 
ATOM   996  C  CB  . TYR A 1 134 ? 11.669  -11.115 -2.783  1.00 57.63 ? 159 TYR A CB  1 
ATOM   997  C  CG  . TYR A 1 134 ? 10.922  -11.878 -1.709  1.00 59.62 ? 159 TYR A CG  1 
ATOM   998  C  CD1 . TYR A 1 134 ? 9.738   -11.364 -1.162  1.00 60.39 ? 159 TYR A CD1 1 
ATOM   999  C  CD2 . TYR A 1 134 ? 11.434  -13.089 -1.198  1.00 61.57 ? 159 TYR A CD2 1 
ATOM   1000 C  CE1 . TYR A 1 134 ? 9.056   -12.051 -0.152  1.00 61.68 ? 159 TYR A CE1 1 
ATOM   1001 C  CE2 . TYR A 1 134 ? 10.769  -13.786 -0.180  1.00 62.04 ? 159 TYR A CE2 1 
ATOM   1002 C  CZ  . TYR A 1 134 ? 9.577   -13.262 0.339   1.00 61.54 ? 159 TYR A CZ  1 
ATOM   1003 O  OH  . TYR A 1 134 ? 8.905   -13.940 1.343   1.00 60.81 ? 159 TYR A OH  1 
ATOM   1004 N  N   . GLY A 1 150 ? 14.867  -5.520  -7.463  1.00 46.11 ? 175 GLY A N   1 
ATOM   1005 C  CA  . GLY A 1 150 ? 15.459  -6.345  -6.414  1.00 45.81 ? 175 GLY A CA  1 
ATOM   1006 C  C   . GLY A 1 150 ? 16.417  -5.578  -5.512  1.00 45.50 ? 175 GLY A C   1 
ATOM   1007 O  O   . GLY A 1 150 ? 16.024  -5.046  -4.483  1.00 44.82 ? 175 GLY A O   1 
ATOM   1008 N  N   . GLY A 1 151 ? 17.683  -5.523  -5.917  1.00 45.17 ? 176 GLY A N   1 
ATOM   1009 C  CA  . GLY A 1 151 ? 18.732  -4.975  -5.090  1.00 44.50 ? 176 GLY A CA  1 
ATOM   1010 C  C   . GLY A 1 151 ? 19.400  -6.069  -4.279  1.00 44.73 ? 176 GLY A C   1 
ATOM   1011 O  O   . GLY A 1 151 ? 18.990  -7.231  -4.291  1.00 44.13 ? 176 GLY A O   1 
ATOM   1012 N  N   . LYS A 1 152 ? 20.445  -5.672  -3.567  1.00 44.96 ? 177 LYS A N   1 
ATOM   1013 C  CA  . LYS A 1 152 ? 21.167  -6.539  -2.650  1.00 44.94 ? 177 LYS A CA  1 
ATOM   1014 C  C   . LYS A 1 152 ? 20.307  -7.047  -1.505  1.00 44.17 ? 177 LYS A C   1 
ATOM   1015 O  O   . LYS A 1 152 ? 20.493  -8.173  -1.043  1.00 44.43 ? 177 LYS A O   1 
ATOM   1016 C  CB  . LYS A 1 152 ? 22.371  -5.783  -2.074  1.00 45.65 ? 177 LYS A CB  1 
ATOM   1017 C  CG  . LYS A 1 152 ? 23.719  -6.111  -2.719  1.00 47.18 ? 177 LYS A CG  1 
ATOM   1018 C  CD  . LYS A 1 152 ? 24.404  -7.202  -1.932  1.00 48.64 ? 177 LYS A CD  1 
ATOM   1019 C  CE  . LYS A 1 152 ? 24.058  -7.086  -0.441  1.00 48.39 ? 177 LYS A CE  1 
ATOM   1020 N  NZ  . LYS A 1 152 ? 24.911  -7.981  0.389   1.00 49.80 ? 177 LYS A NZ  1 
ATOM   1021 N  N   . TYR A 1 153 ? 19.386  -6.218  -1.026  1.00 43.19 ? 178 TYR A N   1 
ATOM   1022 C  CA  . TYR A 1 153 ? 18.525  -6.622  0.073   1.00 41.98 ? 178 TYR A CA  1 
ATOM   1023 C  C   . TYR A 1 153 ? 17.018  -6.632  -0.268  1.00 40.80 ? 178 TYR A C   1 
ATOM   1024 O  O   . TYR A 1 153 ? 16.195  -6.780  0.646   1.00 40.24 ? 178 TYR A O   1 
ATOM   1025 C  CB  . TYR A 1 153 ? 18.817  -5.776  1.337   1.00 43.39 ? 178 TYR A CB  1 
ATOM   1026 C  CG  . TYR A 1 153 ? 20.309  -5.664  1.718   1.00 45.31 ? 178 TYR A CG  1 
ATOM   1027 C  CD1 . TYR A 1 153 ? 20.948  -6.672  2.451   1.00 45.24 ? 178 TYR A CD1 1 
ATOM   1028 C  CD2 . TYR A 1 153 ? 21.073  -4.538  1.334   1.00 46.02 ? 178 TYR A CD2 1 
ATOM   1029 C  CE1 . TYR A 1 153 ? 22.303  -6.561  2.803   1.00 46.60 ? 178 TYR A CE1 1 
ATOM   1030 C  CE2 . TYR A 1 153 ? 22.425  -4.417  1.672   1.00 47.40 ? 178 TYR A CE2 1 
ATOM   1031 C  CZ  . TYR A 1 153 ? 23.046  -5.432  2.414   1.00 47.39 ? 178 TYR A CZ  1 
ATOM   1032 O  OH  . TYR A 1 153 ? 24.410  -5.334  2.731   1.00 45.77 ? 178 TYR A OH  1 
ATOM   1033 N  N   . GLY A 1 154 ? 16.648  -6.511  -1.552  1.00 38.86 ? 179 GLY A N   1 
ATOM   1034 C  CA  . GLY A 1 154 ? 15.200  -6.385  -1.929  1.00 37.96 ? 179 GLY A CA  1 
ATOM   1035 C  C   . GLY A 1 154 ? 14.619  -4.965  -1.811  1.00 37.53 ? 179 GLY A C   1 
ATOM   1036 O  O   . GLY A 1 154 ? 13.394  -4.731  -1.860  1.00 37.50 ? 179 GLY A O   1 
ATOM   1037 N  N   . GLU A 1 155 ? 15.500  -4.001  -1.678  1.00 36.86 ? 180 GLU A N   1 
ATOM   1038 C  CA  . GLU A 1 155 ? 15.153  -2.640  -1.405  1.00 36.24 ? 180 GLU A CA  1 
ATOM   1039 C  C   . GLU A 1 155 ? 14.940  -1.721  -2.578  1.00 35.38 ? 180 GLU A C   1 
ATOM   1040 O  O   . GLU A 1 155 ? 14.494  -0.632  -2.391  1.00 35.16 ? 180 GLU A O   1 
ATOM   1041 C  CB  . GLU A 1 155 ? 16.238  -2.045  -0.537  1.00 36.64 ? 180 GLU A CB  1 
ATOM   1042 C  CG  . GLU A 1 155 ? 17.460  -1.554  -1.293  1.00 40.84 ? 180 GLU A CG  1 
ATOM   1043 C  CD  . GLU A 1 155 ? 18.366  -2.662  -1.775  1.00 43.33 ? 180 GLU A CD  1 
ATOM   1044 O  OE1 . GLU A 1 155 ? 18.249  -3.789  -1.324  1.00 44.70 ? 180 GLU A OE1 1 
ATOM   1045 O  OE2 . GLU A 1 155 ? 19.198  -2.402  -2.609  1.00 45.70 ? 180 GLU A OE2 1 
ATOM   1046 N  N   . GLU A 1 156 ? 15.324  -2.149  -3.764  1.00 34.80 ? 181 GLU A N   1 
ATOM   1047 C  CA  . GLU A 1 156 ? 15.309  -1.313  -4.943  1.00 34.80 ? 181 GLU A CA  1 
ATOM   1048 C  C   . GLU A 1 156 ? 13.989  -0.663  -5.203  1.00 33.10 ? 181 GLU A C   1 
ATOM   1049 O  O   . GLU A 1 156 ? 13.920  0.500   -5.319  1.00 31.78 ? 181 GLU A O   1 
ATOM   1050 C  CB  . GLU A 1 156 ? 15.808  -2.083  -6.166  1.00 35.84 ? 181 GLU A CB  1 
ATOM   1051 C  CG  . GLU A 1 156 ? 15.842  -1.293  -7.486  1.00 37.88 ? 181 GLU A CG  1 
ATOM   1052 C  CD  . GLU A 1 156 ? 15.833  -2.186  -8.803  1.00 39.26 ? 181 GLU A CD  1 
ATOM   1053 O  OE1 . GLU A 1 156 ? 15.146  -3.213  -8.855  1.00 46.56 ? 181 GLU A OE1 1 
ATOM   1054 O  OE2 . GLU A 1 156 ? 16.506  -1.847  -9.767  1.00 42.65 ? 181 GLU A OE2 1 
ATOM   1055 N  N   . PHE A 1 157 ? 12.940  -1.440  -5.304  1.00 32.55 ? 182 PHE A N   1 
ATOM   1056 C  CA  . PHE A 1 157 ? 11.636  -0.878  -5.538  1.00 31.61 ? 182 PHE A CA  1 
ATOM   1057 C  C   . PHE A 1 157 ? 11.263  0.265   -4.568  1.00 31.68 ? 182 PHE A C   1 
ATOM   1058 O  O   . PHE A 1 157 ? 10.776  1.275   -4.969  1.00 30.18 ? 182 PHE A O   1 
ATOM   1059 C  CB  . PHE A 1 157 ? 10.573  -1.975  -5.526  1.00 32.89 ? 182 PHE A CB  1 
ATOM   1060 C  CG  . PHE A 1 157 ? 9.200   -1.468  -5.723  1.00 35.09 ? 182 PHE A CG  1 
ATOM   1061 C  CD1 . PHE A 1 157 ? 8.394   -1.168  -4.659  1.00 34.85 ? 182 PHE A CD1 1 
ATOM   1062 C  CD2 . PHE A 1 157 ? 8.724   -1.243  -6.962  1.00 39.71 ? 182 PHE A CD2 1 
ATOM   1063 C  CE1 . PHE A 1 157 ? 7.175   -0.672  -4.856  1.00 37.41 ? 182 PHE A CE1 1 
ATOM   1064 C  CE2 . PHE A 1 157 ? 7.502   -0.754  -7.148  1.00 39.67 ? 182 PHE A CE2 1 
ATOM   1065 C  CZ  . PHE A 1 157 ? 6.724   -0.464  -6.099  1.00 37.82 ? 182 PHE A CZ  1 
ATOM   1066 N  N   . SER A 1 158 ? 11.515  0.055   -3.288  1.00 30.81 ? 183 SER A N   1 
ATOM   1067 C  CA  . SER A 1 158 ? 11.128  1.022   -2.218  1.00 31.08 ? 183 SER A CA  1 
ATOM   1068 C  C   . SER A 1 158 ? 11.930  2.274   -2.410  1.00 30.83 ? 183 SER A C   1 
ATOM   1069 O  O   . SER A 1 158 ? 11.410  3.360   -2.222  1.00 29.90 ? 183 SER A O   1 
ATOM   1070 C  CB  . SER A 1 158 ? 11.423  0.483   -0.824  1.00 30.02 ? 183 SER A CB  1 
ATOM   1071 O  OG  . SER A 1 158 ? 10.591  -0.615  -0.501  1.00 31.81 ? 183 SER A OG  1 
ATOM   1072 N  N   . VAL A 1 159 ? 13.195  2.111   -2.811  1.00 30.93 ? 184 VAL A N   1 
ATOM   1073 C  CA  . VAL A 1 159 ? 14.090  3.270   -2.982  1.00 31.00 ? 184 VAL A CA  1 
ATOM   1074 C  C   . VAL A 1 159 ? 13.671  4.114   -4.206  1.00 29.75 ? 184 VAL A C   1 
ATOM   1075 O  O   . VAL A 1 159 ? 13.636  5.356   -4.120  1.00 28.96 ? 184 VAL A O   1 
ATOM   1076 C  CB  . VAL A 1 159 ? 15.607  2.874   -2.959  1.00 32.29 ? 184 VAL A CB  1 
ATOM   1077 C  CG1 . VAL A 1 159 ? 16.505  4.091   -3.353  1.00 36.18 ? 184 VAL A CG1 1 
ATOM   1078 C  CG2 . VAL A 1 159 ? 16.007  2.350   -1.550  1.00 30.34 ? 184 VAL A CG2 1 
ATOM   1079 N  N   . LYS A 1 160 ? 13.287  3.433   -5.296  1.00 27.75 ? 185 LYS A N   1 
ATOM   1080 C  CA  . LYS A 1 160 ? 12.792  4.098   -6.502  1.00 26.93 ? 185 LYS A CA  1 
ATOM   1081 C  C   . LYS A 1 160 ? 11.468  4.818   -6.294  1.00 26.80 ? 185 LYS A C   1 
ATOM   1082 O  O   . LYS A 1 160 ? 11.313  5.977   -6.675  1.00 26.53 ? 185 LYS A O   1 
ATOM   1083 C  CB  . LYS A 1 160 ? 12.747  3.116   -7.681  1.00 28.94 ? 185 LYS A CB  1 
ATOM   1084 C  CG  . LYS A 1 160 ? 14.164  2.569   -8.099  1.00 31.07 ? 185 LYS A CG  1 
ATOM   1085 C  CD  . LYS A 1 160 ? 14.077  1.028   -8.192  1.00 39.04 ? 185 LYS A CD  1 
ATOM   1086 C  CE  . LYS A 1 160 ? 13.521  0.419   -9.532  1.00 43.21 ? 185 LYS A CE  1 
ATOM   1087 N  NZ  . LYS A 1 160 ? 12.599  -0.817  -9.374  1.00 40.52 ? 185 LYS A NZ  1 
ATOM   1088 N  N   . LEU A 1 161 ? 10.539  4.167   -5.602  1.00 26.86 ? 186 LEU A N   1 
ATOM   1089 C  CA  . LEU A 1 161 ? 9.314   4.791   -5.173  1.00 27.92 ? 186 LEU A CA  1 
ATOM   1090 C  C   . LEU A 1 161 ? 9.573   6.055   -4.385  1.00 29.43 ? 186 LEU A C   1 
ATOM   1091 O  O   . LEU A 1 161 ? 8.937   7.061   -4.664  1.00 30.92 ? 186 LEU A O   1 
ATOM   1092 C  CB  . LEU A 1 161 ? 8.512   3.854   -4.291  1.00 28.28 ? 186 LEU A CB  1 
ATOM   1093 C  CG  . LEU A 1 161 ? 7.288   4.451   -3.627  1.00 30.02 ? 186 LEU A CG  1 
ATOM   1094 C  CD1 . LEU A 1 161 ? 6.463   5.223   -4.622  1.00 32.91 ? 186 LEU A CD1 1 
ATOM   1095 C  CD2 . LEU A 1 161 ? 6.427   3.240   -3.306  1.00 36.82 ? 186 LEU A CD2 1 
ATOM   1096 N  N   . LEU A 1 162 ? 10.449  6.005   -3.373  1.00 29.50 ? 187 LEU A N   1 
ATOM   1097 C  CA  . LEU A 1 162 ? 10.804  7.195   -2.598  1.00 30.43 ? 187 LEU A CA  1 
ATOM   1098 C  C   . LEU A 1 162 ? 11.449  8.303   -3.477  1.00 31.79 ? 187 LEU A C   1 
ATOM   1099 O  O   . LEU A 1 162 ? 11.141  9.469   -3.272  1.00 32.25 ? 187 LEU A O   1 
ATOM   1100 C  CB  . LEU A 1 162 ? 11.772  6.841   -1.446  1.00 31.51 ? 187 LEU A CB  1 
ATOM   1101 C  CG  . LEU A 1 162 ? 11.301  5.975   -0.247  1.00 30.53 ? 187 LEU A CG  1 
ATOM   1102 C  CD1 . LEU A 1 162 ? 12.565  5.446   0.496   1.00 27.06 ? 187 LEU A CD1 1 
ATOM   1103 C  CD2 . LEU A 1 162 ? 10.518  6.885   0.602   1.00 33.30 ? 187 LEU A CD2 1 
ATOM   1104 N  N   . GLU A 1 163 ? 12.324  7.938   -4.438  1.00 31.32 ? 188 GLU A N   1 
ATOM   1105 C  CA  . GLU A 1 163 ? 12.871  8.897   -5.395  1.00 33.05 ? 188 GLU A CA  1 
ATOM   1106 C  C   . GLU A 1 163 ? 11.825  9.582   -6.259  1.00 32.35 ? 188 GLU A C   1 
ATOM   1107 O  O   . GLU A 1 163 ? 11.853  10.820  -6.387  1.00 33.76 ? 188 GLU A O   1 
ATOM   1108 C  CB  . GLU A 1 163 ? 13.873  8.225   -6.324  1.00 32.37 ? 188 GLU A CB  1 
ATOM   1109 C  CG  . GLU A 1 163 ? 15.217  7.991   -5.655  1.00 35.16 ? 188 GLU A CG  1 
ATOM   1110 C  CD  . GLU A 1 163 ? 16.263  7.398   -6.644  1.00 37.34 ? 188 GLU A CD  1 
ATOM   1111 O  OE1 . GLU A 1 163 ? 16.049  7.428   -7.867  1.00 41.15 ? 188 GLU A OE1 1 
ATOM   1112 O  OE2 . GLU A 1 163 ? 17.313  6.906   -6.194  1.00 46.04 ? 188 GLU A OE2 1 
ATOM   1113 N  N   . GLU A 1 164 ? 10.908  8.795   -6.834  1.00 30.82 ? 189 GLU A N   1 
ATOM   1114 C  CA  . GLU A 1 164 ? 9.905   9.303   -7.765  1.00 30.75 ? 189 GLU A CA  1 
ATOM   1115 C  C   . GLU A 1 164 ? 8.787   10.070  -7.000  1.00 30.96 ? 189 GLU A C   1 
ATOM   1116 O  O   . GLU A 1 164 ? 8.148   10.973  -7.556  1.00 32.46 ? 189 GLU A O   1 
ATOM   1117 C  CB  . GLU A 1 164 ? 9.270   8.130   -8.542  1.00 30.55 ? 189 GLU A CB  1 
ATOM   1118 C  CG  . GLU A 1 164 ? 10.133  7.472   -9.626  1.00 32.75 ? 189 GLU A CG  1 
ATOM   1119 C  CD  . GLU A 1 164 ? 9.365   6.463   -10.507 1.00 31.01 ? 189 GLU A CD  1 
ATOM   1120 O  OE1 . GLU A 1 164 ? 8.154   6.261   -10.327 1.00 32.61 ? 189 GLU A OE1 1 
ATOM   1121 O  OE2 . GLU A 1 164 ? 9.981   5.871   -11.401 1.00 27.91 ? 189 GLU A OE2 1 
ATOM   1122 N  N   . ALA A 1 165 ? 8.531   9.691   -5.761  1.00 29.25 ? 190 ALA A N   1 
ATOM   1123 C  CA  . ALA A 1 165 ? 7.382   10.213  -5.009  1.00 31.85 ? 190 ALA A CA  1 
ATOM   1124 C  C   . ALA A 1 165 ? 7.602   11.686  -4.664  1.00 33.53 ? 190 ALA A C   1 
ATOM   1125 O  O   . ALA A 1 165 ? 6.624   12.490  -4.607  1.00 33.67 ? 190 ALA A O   1 
ATOM   1126 C  CB  . ALA A 1 165 ? 7.189   9.447   -3.754  1.00 28.74 ? 190 ALA A CB  1 
ATOM   1127 N  N   . PHE A 1 166 ? 8.882   12.025  -4.468  1.00 34.59 ? 191 PHE A N   1 
ATOM   1128 C  CA  . PHE A 1 166 ? 9.268   13.359  -4.040  1.00 36.71 ? 191 PHE A CA  1 
ATOM   1129 C  C   . PHE A 1 166 ? 8.545   14.537  -4.721  1.00 36.38 ? 191 PHE A C   1 
ATOM   1130 O  O   . PHE A 1 166 ? 7.981   15.368  -4.048  1.00 35.70 ? 191 PHE A O   1 
ATOM   1131 C  CB  . PHE A 1 166 ? 10.774  13.561  -4.128  1.00 38.04 ? 191 PHE A CB  1 
ATOM   1132 C  CG  . PHE A 1 166 ? 11.259  14.625  -3.211  1.00 39.64 ? 191 PHE A CG  1 
ATOM   1133 C  CD1 . PHE A 1 166 ? 11.480  14.343  -1.877  1.00 42.42 ? 191 PHE A CD1 1 
ATOM   1134 C  CD2 . PHE A 1 166 ? 11.457  15.932  -3.686  1.00 43.02 ? 191 PHE A CD2 1 
ATOM   1135 C  CE1 . PHE A 1 166 ? 11.953  15.343  -0.987  1.00 46.53 ? 191 PHE A CE1 1 
ATOM   1136 C  CE2 . PHE A 1 166 ? 11.920  16.947  -2.844  1.00 45.83 ? 191 PHE A CE2 1 
ATOM   1137 C  CZ  . PHE A 1 166 ? 12.186  16.668  -1.482  1.00 44.45 ? 191 PHE A CZ  1 
ATOM   1138 N  N   . ASP A 1 167 ? 8.565   14.587  -6.046  1.00 37.01 ? 192 ASP A N   1 
ATOM   1139 C  CA  . ASP A 1 167 ? 7.897   15.622  -6.810  1.00 37.79 ? 192 ASP A CA  1 
ATOM   1140 C  C   . ASP A 1 167 ? 6.371   15.475  -6.904  1.00 38.15 ? 192 ASP A C   1 
ATOM   1141 O  O   . ASP A 1 167 ? 5.685   16.305  -7.523  1.00 38.19 ? 192 ASP A O   1 
ATOM   1142 C  CB  . ASP A 1 167 ? 8.422   15.517  -8.225  1.00 39.21 ? 192 ASP A CB  1 
ATOM   1143 C  CG  . ASP A 1 167 ? 9.707   16.328  -8.461  1.00 43.70 ? 192 ASP A CG  1 
ATOM   1144 O  OD1 . ASP A 1 167 ? 10.382  16.783  -7.479  1.00 45.94 ? 192 ASP A OD1 1 
ATOM   1145 O  OD2 . ASP A 1 167 ? 10.013  16.511  -9.687  1.00 49.68 ? 192 ASP A OD2 1 
ATOM   1146 N  N   . HIS A 1 168 ? 5.825   14.392  -6.364  1.00 37.33 ? 193 HIS A N   1 
ATOM   1147 C  CA  . HIS A 1 168 ? 4.406   14.173  -6.467  1.00 36.53 ? 193 HIS A CA  1 
ATOM   1148 C  C   . HIS A 1 168 ? 3.759   14.344  -5.130  1.00 35.30 ? 193 HIS A C   1 
ATOM   1149 O  O   . HIS A 1 168 ? 2.580   14.025  -4.955  1.00 34.20 ? 193 HIS A O   1 
ATOM   1150 C  CB  . HIS A 1 168 ? 4.099   12.802  -7.104  1.00 37.30 ? 193 HIS A CB  1 
ATOM   1151 C  CG  . HIS A 1 168 ? 4.424   12.756  -8.565  1.00 37.42 ? 193 HIS A CG  1 
ATOM   1152 N  ND1 . HIS A 1 168 ? 5.642   12.322  -9.049  1.00 39.69 ? 193 HIS A ND1 1 
ATOM   1153 C  CD2 . HIS A 1 168 ? 3.697   13.118  -9.649  1.00 37.76 ? 193 HIS A CD2 1 
ATOM   1154 C  CE1 . HIS A 1 168 ? 5.646   12.418  -10.367 1.00 37.20 ? 193 HIS A CE1 1 
ATOM   1155 N  NE2 . HIS A 1 168 ? 4.478   12.890  -10.757 1.00 38.39 ? 193 HIS A NE2 1 
ATOM   1156 N  N   . LEU A 1 169 ? 4.535   14.885  -4.187  1.00 34.67 ? 194 LEU A N   1 
ATOM   1157 C  CA  . LEU A 1 169 ? 3.987   15.258  -2.887  1.00 33.73 ? 194 LEU A CA  1 
ATOM   1158 C  C   . LEU A 1 169 ? 3.846   16.746  -2.644  1.00 34.87 ? 194 LEU A C   1 
ATOM   1159 O  O   . LEU A 1 169 ? 4.814   17.521  -2.809  1.00 34.65 ? 194 LEU A O   1 
ATOM   1160 C  CB  . LEU A 1 169 ? 4.836   14.693  -1.772  1.00 31.95 ? 194 LEU A CB  1 
ATOM   1161 C  CG  . LEU A 1 169 ? 5.022   13.213  -1.677  1.00 31.75 ? 194 LEU A CG  1 
ATOM   1162 C  CD1 . LEU A 1 169 ? 6.215   12.831  -0.791  1.00 23.73 ? 194 LEU A CD1 1 
ATOM   1163 C  CD2 . LEU A 1 169 ? 3.734   12.641  -1.143  1.00 29.45 ? 194 LEU A CD2 1 
ATOM   1164 N  N   . ASN A 1 170 ? 2.646   17.103  -2.159  1.00 36.63 ? 195 ASN A N   1 
ATOM   1165 C  CA  . ASN A 1 170 ? 2.286   18.399  -1.592  1.00 36.73 ? 195 ASN A CA  1 
ATOM   1166 C  C   . ASN A 1 170 ? 3.164   18.693  -0.365  1.00 38.01 ? 195 ASN A C   1 
ATOM   1167 O  O   . ASN A 1 170 ? 3.631   17.742  0.283   1.00 39.71 ? 195 ASN A O   1 
ATOM   1168 C  CB  . ASN A 1 170 ? 0.820   18.342  -1.125  1.00 36.83 ? 195 ASN A CB  1 
ATOM   1169 C  CG  . ASN A 1 170 ? -0.164  18.019  -2.251  1.00 35.21 ? 195 ASN A CG  1 
ATOM   1170 O  OD1 . ASN A 1 170 ? -1.213  17.408  -2.005  1.00 33.20 ? 195 ASN A OD1 1 
ATOM   1171 N  ND2 . ASN A 1 170 ? 0.132   18.486  -3.469  1.00 34.88 ? 195 ASN A ND2 1 
ATOM   1172 N  N   . PRO A 1 171 ? 3.366   19.997  -0.009  1.00 37.82 ? 196 PRO A N   1 
ATOM   1173 C  CA  . PRO A 1 171 ? 4.151   20.335  1.178   1.00 37.35 ? 196 PRO A CA  1 
ATOM   1174 C  C   . PRO A 1 171 ? 3.657   19.528  2.383   1.00 37.41 ? 196 PRO A C   1 
ATOM   1175 O  O   . PRO A 1 171 ? 2.422   19.373  2.528   1.00 38.04 ? 196 PRO A O   1 
ATOM   1176 C  CB  . PRO A 1 171 ? 3.787   21.812  1.398   1.00 37.53 ? 196 PRO A CB  1 
ATOM   1177 C  CG  . PRO A 1 171 ? 3.470   22.317  0.048   1.00 36.48 ? 196 PRO A CG  1 
ATOM   1178 C  CD  . PRO A 1 171 ? 2.832   21.210  -0.675  1.00 37.03 ? 196 PRO A CD  1 
ATOM   1179 N  N   . GLY A 1 172 ? 4.550   19.036  3.259   1.00 35.62 ? 197 GLY A N   1 
ATOM   1180 C  CA  . GLY A 1 172 ? 4.042   18.186  4.383   1.00 34.57 ? 197 GLY A CA  1 
ATOM   1181 C  C   . GLY A 1 172 ? 3.434   16.814  3.951   1.00 33.20 ? 197 GLY A C   1 
ATOM   1182 O  O   . GLY A 1 172 ? 2.906   16.087  4.751   1.00 33.49 ? 197 GLY A O   1 
ATOM   1183 N  N   . GLY A 1 173 ? 3.519   16.457  2.691   1.00 31.42 ? 198 GLY A N   1 
ATOM   1184 C  CA  . GLY A 1 173 ? 3.126   15.108  2.267   1.00 31.29 ? 198 GLY A CA  1 
ATOM   1185 C  C   . GLY A 1 173 ? 4.001   14.002  2.789   1.00 30.15 ? 198 GLY A C   1 
ATOM   1186 O  O   . GLY A 1 173 ? 5.104   14.260  3.264   1.00 29.26 ? 198 GLY A O   1 
ATOM   1187 N  N   . LYS A 1 174 ? 3.526   12.759  2.701   1.00 30.10 ? 199 LYS A N   1 
ATOM   1188 C  CA  . LYS A 1 174 ? 4.389   11.631  3.087   1.00 30.48 ? 199 LYS A CA  1 
ATOM   1189 C  C   . LYS A 1 174 ? 4.303   10.385  2.235   1.00 29.96 ? 199 LYS A C   1 
ATOM   1190 O  O   . LYS A 1 174 ? 3.393   10.195  1.450   1.00 28.82 ? 199 LYS A O   1 
ATOM   1191 C  CB  . LYS A 1 174 ? 4.244   11.289  4.599   1.00 32.83 ? 199 LYS A CB  1 
ATOM   1192 C  CG  . LYS A 1 174 ? 2.845   11.078  5.109   1.00 35.59 ? 199 LYS A CG  1 
ATOM   1193 C  CD  . LYS A 1 174 ? 2.666   11.956  6.342   1.00 42.88 ? 199 LYS A CD  1 
ATOM   1194 C  CE  . LYS A 1 174 ? 1.323   12.653  6.393   1.00 48.40 ? 199 LYS A CE  1 
ATOM   1195 N  NZ  . LYS A 1 174 ? 0.397   12.007  5.405   1.00 53.68 ? 199 LYS A NZ  1 
ATOM   1196 N  N   . VAL A 1 175 ? 5.291   9.532   2.383   1.00 29.87 ? 200 VAL A N   1 
ATOM   1197 C  CA  . VAL A 1 175 ? 5.274   8.180   1.759   1.00 29.45 ? 200 VAL A CA  1 
ATOM   1198 C  C   . VAL A 1 175 ? 5.310   7.193   2.927   1.00 30.93 ? 200 VAL A C   1 
ATOM   1199 O  O   . VAL A 1 175 ? 6.232   7.297   3.797   1.00 32.02 ? 200 VAL A O   1 
ATOM   1200 C  CB  . VAL A 1 175 ? 6.570   7.926   0.957   1.00 29.26 ? 200 VAL A CB  1 
ATOM   1201 C  CG1 . VAL A 1 175 ? 6.434   6.652   0.051   1.00 23.99 ? 200 VAL A CG1 1 
ATOM   1202 C  CG2 . VAL A 1 175 ? 6.963   9.168   0.142   1.00 30.75 ? 200 VAL A CG2 1 
ATOM   1203 N  N   . ALA A 1 176 ? 4.349   6.262   2.985   1.00 30.51 ? 201 ALA A N   1 
ATOM   1204 C  CA  . ALA A 1 176 ? 4.438   5.210   3.955   1.00 29.66 ? 201 ALA A CA  1 
ATOM   1205 C  C   . ALA A 1 176 ? 4.602   3.847   3.291   1.00 30.01 ? 201 ALA A C   1 
ATOM   1206 O  O   . ALA A 1 176 ? 3.921   3.532   2.299   1.00 29.76 ? 201 ALA A O   1 
ATOM   1207 C  CB  . ALA A 1 176 ? 3.280   5.242   4.956   1.00 29.11 ? 201 ALA A CB  1 
ATOM   1208 N  N   . LEU A 1 177 ? 5.534   3.036   3.836   1.00 29.14 ? 202 LEU A N   1 
ATOM   1209 C  CA  . LEU A 1 177 ? 5.791   1.675   3.283   1.00 28.57 ? 202 LEU A CA  1 
ATOM   1210 C  C   . LEU A 1 177 ? 5.545   0.609   4.344   1.00 28.64 ? 202 LEU A C   1 
ATOM   1211 O  O   . LEU A 1 177 ? 6.001   0.770   5.468   1.00 28.53 ? 202 LEU A O   1 
ATOM   1212 C  CB  . LEU A 1 177 ? 7.250   1.540   2.784   1.00 28.29 ? 202 LEU A CB  1 
ATOM   1213 C  CG  . LEU A 1 177 ? 7.771   2.621   1.803   1.00 28.29 ? 202 LEU A CG  1 
ATOM   1214 C  CD1 . LEU A 1 177 ? 9.241   2.428   1.632   1.00 27.81 ? 202 LEU A CD1 1 
ATOM   1215 C  CD2 . LEU A 1 177 ? 7.046   2.458   0.437   1.00 27.73 ? 202 LEU A CD2 1 
ATOM   1216 N  N   . TYR A 1 178 ? 4.847   -0.468  3.981   1.00 27.39 ? 203 TYR A N   1 
ATOM   1217 C  CA  . TYR A 1 178 ? 4.533   -1.551  4.884   1.00 26.91 ? 203 TYR A CA  1 
ATOM   1218 C  C   . TYR A 1 178 ? 5.524   -2.652  4.560   1.00 26.86 ? 203 TYR A C   1 
ATOM   1219 O  O   . TYR A 1 178 ? 5.601   -3.128  3.432   1.00 28.05 ? 203 TYR A O   1 
ATOM   1220 C  CB  . TYR A 1 178 ? 3.103   -1.972  4.609   1.00 26.99 ? 203 TYR A CB  1 
ATOM   1221 C  CG  . TYR A 1 178 ? 2.578   -3.238  5.279   1.00 30.84 ? 203 TYR A CG  1 
ATOM   1222 C  CD1 . TYR A 1 178 ? 2.202   -3.260  6.645   1.00 31.83 ? 203 TYR A CD1 1 
ATOM   1223 C  CD2 . TYR A 1 178 ? 2.396   -4.392  4.539   1.00 31.44 ? 203 TYR A CD2 1 
ATOM   1224 C  CE1 . TYR A 1 178 ? 1.665   -4.406  7.213   1.00 33.83 ? 203 TYR A CE1 1 
ATOM   1225 C  CE2 . TYR A 1 178 ? 1.905   -5.511  5.083   1.00 31.90 ? 203 TYR A CE2 1 
ATOM   1226 C  CZ  . TYR A 1 178 ? 1.498   -5.525  6.410   1.00 31.87 ? 203 TYR A CZ  1 
ATOM   1227 O  OH  . TYR A 1 178 ? 1.020   -6.707  6.932   1.00 34.59 ? 203 TYR A OH  1 
ATOM   1228 N  N   . LEU A 1 179 ? 6.294   -3.079  5.541   1.00 25.77 ? 204 LEU A N   1 
ATOM   1229 C  CA  . LEU A 1 179 ? 7.538   -3.778  5.245   1.00 25.32 ? 204 LEU A CA  1 
ATOM   1230 C  C   . LEU A 1 179 ? 7.749   -4.887  6.269   1.00 24.14 ? 204 LEU A C   1 
ATOM   1231 O  O   . LEU A 1 179 ? 7.269   -4.779  7.376   1.00 22.78 ? 204 LEU A O   1 
ATOM   1232 C  CB  . LEU A 1 179 ? 8.700   -2.748  5.279   1.00 24.49 ? 204 LEU A CB  1 
ATOM   1233 C  CG  . LEU A 1 179 ? 8.791   -1.761  4.092   1.00 25.96 ? 204 LEU A CG  1 
ATOM   1234 C  CD1 . LEU A 1 179 ? 9.830   -0.621  4.304   1.00 22.65 ? 204 LEU A CD1 1 
ATOM   1235 C  CD2 . LEU A 1 179 ? 9.253   -2.457  2.811   1.00 29.31 ? 204 LEU A CD2 1 
ATOM   1236 N  N   . PRO A 1 180 ? 8.460   -5.915  5.893   1.00 25.02 ? 205 PRO A N   1 
ATOM   1237 C  CA  . PRO A 1 180 ? 8.767   -6.974  6.806   1.00 25.94 ? 205 PRO A CA  1 
ATOM   1238 C  C   . PRO A 1 180 ? 9.876   -6.602  7.766   1.00 26.12 ? 205 PRO A C   1 
ATOM   1239 O  O   . PRO A 1 180 ? 10.562  -5.654  7.591   1.00 26.75 ? 205 PRO A O   1 
ATOM   1240 C  CB  . PRO A 1 180 ? 9.215   -8.066  5.882   1.00 26.21 ? 205 PRO A CB  1 
ATOM   1241 C  CG  . PRO A 1 180 ? 9.767   -7.393  4.810   1.00 24.37 ? 205 PRO A CG  1 
ATOM   1242 C  CD  . PRO A 1 180 ? 9.011   -6.212  4.579   1.00 24.71 ? 205 PRO A CD  1 
ATOM   1243 N  N   . ASP A 1 181 ? 9.955   -7.413  8.788   1.00 27.07 ? 206 ASP A N   1 
ATOM   1244 C  CA  . ASP A 1 181 ? 10.893  -7.403  9.867   1.00 28.73 ? 206 ASP A CA  1 
ATOM   1245 C  C   . ASP A 1 181 ? 12.290  -7.839  9.434   1.00 29.05 ? 206 ASP A C   1 
ATOM   1246 O  O   . ASP A 1 181 ? 12.834  -8.782  9.933   1.00 28.50 ? 206 ASP A O   1 
ATOM   1247 C  CB  . ASP A 1 181 ? 10.363  -8.427  10.837  1.00 29.56 ? 206 ASP A CB  1 
ATOM   1248 C  CG  . ASP A 1 181 ? 10.972  -8.341  12.189  1.00 33.35 ? 206 ASP A CG  1 
ATOM   1249 O  OD1 . ASP A 1 181 ? 11.648  -7.373  12.500  1.00 36.16 ? 206 ASP A OD1 1 
ATOM   1250 O  OD2 . ASP A 1 181 ? 10.758  -9.282  12.933  1.00 38.09 ? 206 ASP A OD2 1 
ATOM   1251 N  N   . LYS A 1 182 ? 12.863  -7.135  8.494   1.00 29.18 ? 207 LYS A N   1 
ATOM   1252 C  CA  . LYS A 1 182 ? 14.146  -7.512  7.979   1.00 30.02 ? 207 LYS A CA  1 
ATOM   1253 C  C   . LYS A 1 182 ? 15.102  -6.378  8.144   1.00 28.70 ? 207 LYS A C   1 
ATOM   1254 O  O   . LYS A 1 182 ? 15.004  -5.384  7.491   1.00 26.85 ? 207 LYS A O   1 
ATOM   1255 C  CB  . LYS A 1 182 ? 14.024  -7.948  6.556   1.00 30.75 ? 207 LYS A CB  1 
ATOM   1256 C  CG  . LYS A 1 182 ? 13.437  -9.253  6.451   1.00 35.01 ? 207 LYS A CG  1 
ATOM   1257 C  CD  . LYS A 1 182 ? 13.266  -9.620  5.061   1.00 44.72 ? 207 LYS A CD  1 
ATOM   1258 C  CE  . LYS A 1 182 ? 12.307  -10.770 4.958   1.00 51.27 ? 207 LYS A CE  1 
ATOM   1259 N  NZ  . LYS A 1 182 ? 11.883  -11.338 6.279   1.00 52.75 ? 207 LYS A NZ  1 
ATOM   1260 N  N   . GLU A 1 183 ? 16.009  -6.565  9.088   1.00 28.99 ? 208 GLU A N   1 
ATOM   1261 C  CA  . GLU A 1 183 ? 16.763  -5.469  9.693   1.00 30.50 ? 208 GLU A CA  1 
ATOM   1262 C  C   . GLU A 1 183 ? 17.577  -4.730  8.638   1.00 29.62 ? 208 GLU A C   1 
ATOM   1263 O  O   . GLU A 1 183 ? 17.404  -3.534  8.519   1.00 29.69 ? 208 GLU A O   1 
ATOM   1264 C  CB  . GLU A 1 183 ? 17.600  -5.916  10.914  1.00 29.99 ? 208 GLU A CB  1 
ATOM   1265 C  CG  . GLU A 1 183 ? 18.898  -5.062  11.155  1.00 33.12 ? 208 GLU A CG  1 
ATOM   1266 C  CD  . GLU A 1 183 ? 19.378  -4.893  12.667  1.00 35.79 ? 208 GLU A CD  1 
ATOM   1267 O  OE1 . GLU A 1 183 ? 18.898  -5.642  13.569  1.00 43.03 ? 208 GLU A OE1 1 
ATOM   1268 O  OE2 . GLU A 1 183 ? 20.260  -4.001  12.958  1.00 40.03 ? 208 GLU A OE2 1 
ATOM   1269 N  N   . LYS A 1 184 ? 18.437  -5.439  7.876   1.00 29.70 ? 209 LYS A N   1 
ATOM   1270 C  CA  . LYS A 1 184 ? 19.256  -4.883  6.762   1.00 29.48 ? 209 LYS A CA  1 
ATOM   1271 C  C   . LYS A 1 184 ? 18.416  -4.130  5.731   1.00 29.12 ? 209 LYS A C   1 
ATOM   1272 O  O   . LYS A 1 184 ? 18.748  -3.003  5.344   1.00 28.27 ? 209 LYS A O   1 
ATOM   1273 C  CB  . LYS A 1 184 ? 20.019  -5.998  6.023   1.00 30.32 ? 209 LYS A CB  1 
ATOM   1274 C  CG  . LYS A 1 184 ? 21.504  -6.100  6.357   1.00 33.92 ? 209 LYS A CG  1 
ATOM   1275 C  CD  . LYS A 1 184 ? 21.991  -7.566  6.485   1.00 35.75 ? 209 LYS A CD  1 
ATOM   1276 C  CE  . LYS A 1 184 ? 23.507  -7.653  6.302   1.00 37.49 ? 209 LYS A CE  1 
ATOM   1277 N  NZ  . LYS A 1 184 ? 24.183  -7.185  7.530   1.00 38.45 ? 209 LYS A NZ  1 
ATOM   1278 N  N   . LEU A 1 185 ? 17.314  -4.755  5.297   1.00 28.63 ? 210 LEU A N   1 
ATOM   1279 C  CA  . LEU A 1 185 ? 16.420  -4.112  4.336   1.00 28.01 ? 210 LEU A CA  1 
ATOM   1280 C  C   . LEU A 1 185 ? 15.845  -2.744  4.864   1.00 27.54 ? 210 LEU A C   1 
ATOM   1281 O  O   . LEU A 1 185 ? 15.799  -1.762  4.131   1.00 27.92 ? 210 LEU A O   1 
ATOM   1282 C  CB  . LEU A 1 185 ? 15.302  -5.079  3.861   1.00 27.59 ? 210 LEU A CB  1 
ATOM   1283 C  CG  . LEU A 1 185 ? 14.008  -4.464  3.214   1.00 29.75 ? 210 LEU A CG  1 
ATOM   1284 C  CD1 . LEU A 1 185 ? 14.266  -4.191  1.768   1.00 29.67 ? 210 LEU A CD1 1 
ATOM   1285 C  CD2 . LEU A 1 185 ? 12.766  -5.317  3.337   1.00 30.59 ? 210 LEU A CD2 1 
ATOM   1286 N  N   . LEU A 1 186 ? 15.394  -2.729  6.101   1.00 26.13 ? 211 LEU A N   1 
ATOM   1287 C  CA  . LEU A 1 186 ? 14.831  -1.560  6.686   1.00 25.90 ? 211 LEU A CA  1 
ATOM   1288 C  C   . LEU A 1 186 ? 15.834  -0.444  6.820   1.00 26.76 ? 211 LEU A C   1 
ATOM   1289 O  O   . LEU A 1 186 ? 15.519  0.671   6.589   1.00 25.83 ? 211 LEU A O   1 
ATOM   1290 C  CB  . LEU A 1 186 ? 14.198  -1.889  8.038   1.00 25.44 ? 211 LEU A CB  1 
ATOM   1291 C  CG  . LEU A 1 186 ? 13.054  -2.884  8.145   1.00 23.36 ? 211 LEU A CG  1 
ATOM   1292 C  CD1 . LEU A 1 186 ? 12.854  -3.270  9.549   1.00 24.48 ? 211 LEU A CD1 1 
ATOM   1293 C  CD2 . LEU A 1 186 ? 11.839  -2.333  7.582   1.00 17.52 ? 211 LEU A CD2 1 
ATOM   1294 N  N   . ASN A 1 187 ? 17.054  -0.791  7.179   1.00 20.00 ? 212 ASN A N   1 
ATOM   1295 C  CA  . ASN A 1 187 ? 18.103  0.187   7.454   1.00 20.00 ? 212 ASN A CA  1 
ATOM   1296 C  C   . ASN A 1 187 ? 18.548  0.886   6.173   1.00 20.00 ? 212 ASN A C   1 
ATOM   1297 O  O   . ASN A 1 187 ? 18.721  2.052   6.150   1.00 29.03 ? 212 ASN A O   1 
ATOM   1298 C  CB  . ASN A 1 187 ? 19.305  -0.394  8.246   1.00 20.00 ? 212 ASN A CB  1 
ATOM   1299 C  CG  . ASN A 1 187 ? 18.942  -0.892  9.663   1.00 20.00 ? 212 ASN A CG  1 
ATOM   1300 O  OD1 . ASN A 1 187 ? 18.190  -0.274  10.411  1.00 20.00 ? 212 ASN A OD1 1 
ATOM   1301 N  ND2 . ASN A 1 187 ? 19.502  -2.016  10.020  1.00 20.00 ? 212 ASN A ND2 1 
ATOM   1302 N  N   . VAL A 1 188 ? 18.640  0.119   5.108   1.00 30.22 ? 213 VAL A N   1 
ATOM   1303 C  CA  . VAL A 1 188 ? 18.938  0.619   3.788   1.00 30.65 ? 213 VAL A CA  1 
ATOM   1304 C  C   . VAL A 1 188 ? 17.880  1.567   3.237   1.00 30.52 ? 213 VAL A C   1 
ATOM   1305 O  O   . VAL A 1 188 ? 18.205  2.586   2.699   1.00 30.88 ? 213 VAL A O   1 
ATOM   1306 C  CB  . VAL A 1 188 ? 19.125  -0.538  2.832   1.00 29.91 ? 213 VAL A CB  1 
ATOM   1307 C  CG1 . VAL A 1 188 ? 19.306  -0.067  1.473   1.00 31.59 ? 213 VAL A CG1 1 
ATOM   1308 C  CG2 . VAL A 1 188 ? 20.225  -1.340  3.231   1.00 31.24 ? 213 VAL A CG2 1 
ATOM   1309 N  N   . ILE A 1 189 ? 16.625  1.196   3.370   1.00 28.58 ? 214 ILE A N   1 
ATOM   1310 C  CA  . ILE A 1 189 ? 15.534  2.007   2.905   1.00 28.27 ? 214 ILE A CA  1 
ATOM   1311 C  C   . ILE A 1 189 ? 15.533  3.318   3.693   1.00 29.65 ? 214 ILE A C   1 
ATOM   1312 O  O   . ILE A 1 189 ? 15.421  4.379   3.128   1.00 29.25 ? 214 ILE A O   1 
ATOM   1313 C  CB  . ILE A 1 189 ? 14.175  1.286   2.953   1.00 28.52 ? 214 ILE A CB  1 
ATOM   1314 C  CG1 . ILE A 1 189 ? 14.145  0.077   2.030   1.00 25.09 ? 214 ILE A CG1 1 
ATOM   1315 C  CG2 . ILE A 1 189 ? 13.114  2.191   2.566   1.00 27.99 ? 214 ILE A CG2 1 
ATOM   1316 C  CD1 . ILE A 1 189 ? 12.952  -0.684  2.119   1.00 27.65 ? 214 ILE A CD1 1 
ATOM   1317 N  N   . LYS A 1 190 ? 15.729  3.214   4.996   1.00 27.90 ? 215 LYS A N   1 
ATOM   1318 C  CA  . LYS A 1 190 ? 15.751  4.389   5.857   1.00 28.93 ? 215 LYS A CA  1 
ATOM   1319 C  C   . LYS A 1 190 ? 16.880  5.362   5.482   1.00 28.17 ? 215 LYS A C   1 
ATOM   1320 O  O   . LYS A 1 190 ? 16.635  6.503   5.226   1.00 28.36 ? 215 LYS A O   1 
ATOM   1321 C  CB  . LYS A 1 190 ? 15.809  3.979   7.326   1.00 26.90 ? 215 LYS A CB  1 
ATOM   1322 C  CG  . LYS A 1 190 ? 14.494  3.509   7.904   1.00 28.48 ? 215 LYS A CG  1 
ATOM   1323 C  CD  . LYS A 1 190 ? 14.453  3.386   9.431   1.00 27.71 ? 215 LYS A CD  1 
ATOM   1324 C  CE  . LYS A 1 190 ? 15.054  2.132   9.910   1.00 27.23 ? 215 LYS A CE  1 
ATOM   1325 N  NZ  . LYS A 1 190 ? 15.115  2.024   11.349  1.00 30.50 ? 215 LYS A NZ  1 
ATOM   1326 N  N   . GLU A 1 191 ? 18.095  4.857   5.396   1.00 28.15 ? 216 GLU A N   1 
ATOM   1327 C  CA  . GLU A 1 191 ? 19.210  5.712   5.036   1.00 29.27 ? 216 GLU A CA  1 
ATOM   1328 C  C   . GLU A 1 191 ? 19.016  6.319   3.631   1.00 29.60 ? 216 GLU A C   1 
ATOM   1329 O  O   . GLU A 1 191 ? 19.220  7.482   3.440   1.00 30.39 ? 216 GLU A O   1 
ATOM   1330 C  CB  . GLU A 1 191 ? 20.534  5.013   5.208   1.00 30.46 ? 216 GLU A CB  1 
ATOM   1331 C  CG  . GLU A 1 191 ? 20.825  4.358   6.587   1.00 38.76 ? 216 GLU A CG  1 
ATOM   1332 C  CD  . GLU A 1 191 ? 20.310  5.126   7.877   1.00 50.17 ? 216 GLU A CD  1 
ATOM   1333 O  OE1 . GLU A 1 191 ? 20.673  6.317   8.080   1.00 56.73 ? 216 GLU A OE1 1 
ATOM   1334 O  OE2 . GLU A 1 191 ? 19.540  4.513   8.661   1.00 45.57 ? 216 GLU A OE2 1 
ATOM   1335 N  N   . ARG A 1 192 ? 18.484  5.553   2.690   1.00 27.44 ? 217 ARG A N   1 
ATOM   1336 C  CA  . ARG A 1 192 ? 18.239  6.093   1.380   1.00 27.63 ? 217 ARG A CA  1 
ATOM   1337 C  C   . ARG A 1 192 ? 17.193  7.189   1.377   1.00 27.46 ? 217 ARG A C   1 
ATOM   1338 O  O   . ARG A 1 192 ? 17.363  8.170   0.742   1.00 26.16 ? 217 ARG A O   1 
ATOM   1339 C  CB  . ARG A 1 192 ? 17.876  4.991   0.385   1.00 29.45 ? 217 ARG A CB  1 
ATOM   1340 C  CG  . ARG A 1 192 ? 18.917  3.925   0.161   1.00 32.50 ? 217 ARG A CG  1 
ATOM   1341 C  CD  . ARG A 1 192 ? 20.201  4.452   -0.472  1.00 34.87 ? 217 ARG A CD  1 
ATOM   1342 N  NE  . ARG A 1 192 ? 19.960  5.068   -1.757  1.00 36.13 ? 217 ARG A NE  1 
ATOM   1343 C  CZ  . ARG A 1 192 ? 20.165  4.460   -2.911  1.00 36.48 ? 217 ARG A CZ  1 
ATOM   1344 N  NH1 . ARG A 1 192 ? 20.628  3.247   -2.949  1.00 36.32 ? 217 ARG A NH1 1 
ATOM   1345 N  NH2 . ARG A 1 192 ? 19.874  5.070   -4.017  1.00 36.64 ? 217 ARG A NH2 1 
ATOM   1346 N  N   . GLY A 1 193 ? 16.117  7.010   2.122   1.00 26.87 ? 218 GLY A N   1 
ATOM   1347 C  CA  . GLY A 1 193 ? 15.088  8.007   2.199   1.00 27.09 ? 218 GLY A CA  1 
ATOM   1348 C  C   . GLY A 1 193 ? 15.563  9.269   2.871   1.00 28.60 ? 218 GLY A C   1 
ATOM   1349 O  O   . GLY A 1 193 ? 15.194  10.343  2.531   1.00 28.35 ? 218 GLY A O   1 
ATOM   1350 N  N   . ILE A 1 194 ? 16.427  9.107   3.835   1.00 27.71 ? 219 ILE A N   1 
ATOM   1351 C  CA  . ILE A 1 194 ? 16.946  10.271  4.458   1.00 28.33 ? 219 ILE A CA  1 
ATOM   1352 C  C   . ILE A 1 194 ? 17.855  11.027  3.481   1.00 30.04 ? 219 ILE A C   1 
ATOM   1353 O  O   . ILE A 1 194 ? 17.752  12.205  3.372   1.00 30.59 ? 219 ILE A O   1 
ATOM   1354 C  CB  . ILE A 1 194 ? 17.640  9.938   5.763   1.00 28.93 ? 219 ILE A CB  1 
ATOM   1355 C  CG1 . ILE A 1 194 ? 16.601  9.526   6.798   1.00 27.12 ? 219 ILE A CG1 1 
ATOM   1356 C  CG2 . ILE A 1 194 ? 18.425  11.095  6.243   1.00 29.39 ? 219 ILE A CG2 1 
ATOM   1357 C  CD1 . ILE A 1 194 ? 17.156  9.033   8.074   1.00 30.28 ? 219 ILE A CD1 1 
ATOM   1358 N  N   . LYS A 1 195 ? 18.710  10.306  2.783   1.00 28.10 ? 220 LYS A N   1 
ATOM   1359 C  CA  . LYS A 1 195 ? 19.550  10.916  1.780   1.00 29.85 ? 220 LYS A CA  1 
ATOM   1360 C  C   . LYS A 1 195 ? 18.757  11.629  0.704   1.00 29.51 ? 220 LYS A C   1 
ATOM   1361 O  O   . LYS A 1 195 ? 19.211  12.538  0.164   1.00 30.60 ? 220 LYS A O   1 
ATOM   1362 C  CB  . LYS A 1 195 ? 20.541  9.926   1.217   1.00 29.54 ? 220 LYS A CB  1 
ATOM   1363 C  CG  . LYS A 1 195 ? 21.732  9.767   2.067   1.00 29.96 ? 220 LYS A CG  1 
ATOM   1364 C  CD  . LYS A 1 195 ? 22.620  8.743   1.546   1.00 30.82 ? 220 LYS A CD  1 
ATOM   1365 C  CE  . LYS A 1 195 ? 23.904  8.716   2.224   1.00 28.44 ? 220 LYS A CE  1 
ATOM   1366 N  NZ  . LYS A 1 195 ? 23.998  7.812   3.279   1.00 26.65 ? 220 LYS A NZ  1 
ATOM   1367 N  N   . LEU A 1 196 ? 17.519  11.238  0.488   1.00 30.33 ? 221 LEU A N   1 
ATOM   1368 C  CA  . LEU A 1 196 ? 16.616  11.934  -0.429  1.00 29.41 ? 221 LEU A CA  1 
ATOM   1369 C  C   . LEU A 1 196 ? 15.957  13.208  0.138   1.00 29.54 ? 221 LEU A C   1 
ATOM   1370 O  O   . LEU A 1 196 ? 15.385  13.985  -0.606  1.00 31.02 ? 221 LEU A O   1 
ATOM   1371 C  CB  . LEU A 1 196 ? 15.572  10.974  -0.959  1.00 29.39 ? 221 LEU A CB  1 
ATOM   1372 C  CG  . LEU A 1 196 ? 16.074  9.895   -1.954  1.00 26.64 ? 221 LEU A CG  1 
ATOM   1373 C  CD1 . LEU A 1 196 ? 14.960  8.859   -2.131  1.00 26.98 ? 221 LEU A CD1 1 
ATOM   1374 C  CD2 . LEU A 1 196 ? 16.444  10.462  -3.334  1.00 30.92 ? 221 LEU A CD2 1 
ATOM   1375 N  N   . GLY A 1 197 ? 16.061  13.474  1.429   1.00 29.48 ? 222 GLY A N   1 
ATOM   1376 C  CA  . GLY A 1 197 ? 15.507  14.729  1.959   1.00 28.86 ? 222 GLY A CA  1 
ATOM   1377 C  C   . GLY A 1 197 ? 14.354  14.514  2.920   1.00 28.82 ? 222 GLY A C   1 
ATOM   1378 O  O   . GLY A 1 197 ? 13.829  15.464  3.539   1.00 28.64 ? 222 GLY A O   1 
ATOM   1379 N  N   . TYR A 1 198 ? 13.921  13.277  3.047   1.00 28.26 ? 223 TYR A N   1 
ATOM   1380 C  CA  . TYR A 1 198 ? 12.911  12.953  4.051   1.00 27.74 ? 223 TYR A CA  1 
ATOM   1381 C  C   . TYR A 1 198 ? 13.393  12.763  5.507   1.00 27.13 ? 223 TYR A C   1 
ATOM   1382 O  O   . TYR A 1 198 ? 14.540  12.383  5.764   1.00 26.49 ? 223 TYR A O   1 
ATOM   1383 C  CB  . TYR A 1 198 ? 12.271  11.633  3.646   1.00 28.35 ? 223 TYR A CB  1 
ATOM   1384 C  CG  . TYR A 1 198 ? 11.659  11.547  2.258   1.00 28.36 ? 223 TYR A CG  1 
ATOM   1385 C  CD1 . TYR A 1 198 ? 10.346  11.989  2.026   1.00 24.49 ? 223 TYR A CD1 1 
ATOM   1386 C  CD2 . TYR A 1 198 ? 12.316  10.899  1.240   1.00 25.85 ? 223 TYR A CD2 1 
ATOM   1387 C  CE1 . TYR A 1 198 ? 9.755   11.865  0.818   1.00 29.10 ? 223 TYR A CE1 1 
ATOM   1388 C  CE2 . TYR A 1 198 ? 11.742  10.766  -0.002  1.00 27.74 ? 223 TYR A CE2 1 
ATOM   1389 C  CZ  . TYR A 1 198 ? 10.446  11.224  -0.218  1.00 31.71 ? 223 TYR A CZ  1 
ATOM   1390 O  OH  . TYR A 1 198 ? 9.834   11.023  -1.465  1.00 29.96 ? 223 TYR A OH  1 
ATOM   1391 N  N   . SER A 1 199 ? 12.494  12.993  6.475   1.00 26.89 ? 224 SER A N   1 
ATOM   1392 C  CA  . SER A 1 199 ? 12.665  12.409  7.785   1.00 28.50 ? 224 SER A CA  1 
ATOM   1393 C  C   . SER A 1 199 ? 11.813  11.142  7.922   1.00 29.57 ? 224 SER A C   1 
ATOM   1394 O  O   . SER A 1 199 ? 10.838  10.907  7.150   1.00 29.61 ? 224 SER A O   1 
ATOM   1395 C  CB  . SER A 1 199 ? 12.334  13.407  8.913   1.00 27.95 ? 224 SER A CB  1 
ATOM   1396 O  OG  . SER A 1 199 ? 11.039  13.942  8.753   1.00 27.52 ? 224 SER A OG  1 
ATOM   1397 N  N   . VAL A 1 200 ? 12.111  10.312  8.884   1.00 29.28 ? 225 VAL A N   1 
ATOM   1398 C  CA  . VAL A 1 200 ? 11.457  9.042   8.986   1.00 30.62 ? 225 VAL A CA  1 
ATOM   1399 C  C   . VAL A 1 200 ? 10.963  8.644   10.392  1.00 29.97 ? 225 VAL A C   1 
ATOM   1400 O  O   . VAL A 1 200 ? 11.618  8.911   11.341  1.00 30.14 ? 225 VAL A O   1 
ATOM   1401 C  CB  . VAL A 1 200 ? 12.360  7.960   8.412   1.00 30.37 ? 225 VAL A CB  1 
ATOM   1402 C  CG1 . VAL A 1 200 ? 13.530  7.723   9.265   1.00 30.73 ? 225 VAL A CG1 1 
ATOM   1403 C  CG2 . VAL A 1 200 ? 11.627  6.739   8.160   1.00 29.87 ? 225 VAL A CG2 1 
ATOM   1404 N  N   . LYS A 1 201 ? 9.809   8.005   10.463  1.00 20.00 ? 226 LYS A N   1 
ATOM   1405 C  CA  . LYS A 1 201 ? 9.273   7.346   11.626  1.00 20.00 ? 226 LYS A CA  1 
ATOM   1406 C  C   . LYS A 1 201 ? 9.181   5.879   11.315  1.00 20.00 ? 226 LYS A C   1 
ATOM   1407 O  O   . LYS A 1 201 ? 8.622   5.532   10.332  1.00 32.94 ? 226 LYS A O   1 
ATOM   1408 C  CB  . LYS A 1 201 ? 7.881   7.858   11.947  1.00 20.00 ? 226 LYS A CB  1 
ATOM   1409 C  CG  . LYS A 1 201 ? 7.795   9.180   12.558  1.00 20.00 ? 226 LYS A CG  1 
ATOM   1410 C  CD  . LYS A 1 201 ? 6.382   9.673   12.859  1.00 20.00 ? 226 LYS A CD  1 
ATOM   1411 C  CE  . LYS A 1 201 ? 5.631   8.885   13.872  1.00 20.00 ? 226 LYS A CE  1 
ATOM   1412 N  NZ  . LYS A 1 201 ? 4.557   9.691   14.496  1.00 20.00 ? 226 LYS A NZ  1 
ATOM   1413 N  N   . ASP A 1 202 ? 9.738   5.026   12.137  1.00 30.99 ? 227 ASP A N   1 
ATOM   1414 C  CA  . ASP A 1 202 ? 9.622   3.601   11.997  1.00 30.32 ? 227 ASP A CA  1 
ATOM   1415 C  C   . ASP A 1 202 ? 8.796   3.079   13.192  1.00 30.15 ? 227 ASP A C   1 
ATOM   1416 O  O   . ASP A 1 202 ? 9.222   3.160   14.282  1.00 28.86 ? 227 ASP A O   1 
ATOM   1417 C  CB  . ASP A 1 202 ? 11.015  2.977   11.940  1.00 29.83 ? 227 ASP A CB  1 
ATOM   1418 C  CG  . ASP A 1 202 ? 11.025  1.452   11.794  1.00 33.50 ? 227 ASP A CG  1 
ATOM   1419 O  OD1 . ASP A 1 202 ? 10.008  0.796   11.784  1.00 38.83 ? 227 ASP A OD1 1 
ATOM   1420 O  OD2 . ASP A 1 202 ? 12.090  0.880   11.676  1.00 35.54 ? 227 ASP A OD2 1 
ATOM   1421 N  N   . ILE A 1 203 ? 7.616   2.560   12.936  1.00 31.17 ? 228 ILE A N   1 
ATOM   1422 C  CA  . ILE A 1 203 ? 6.753   1.965   13.904  1.00 31.90 ? 228 ILE A CA  1 
ATOM   1423 C  C   . ILE A 1 203 ? 6.532   0.465   13.569  1.00 31.34 ? 228 ILE A C   1 
ATOM   1424 O  O   . ILE A 1 203 ? 6.206   0.063   12.440  1.00 30.37 ? 228 ILE A O   1 
ATOM   1425 C  CB  . ILE A 1 203 ? 5.365   2.661   13.865  1.00 33.21 ? 228 ILE A CB  1 
ATOM   1426 C  CG1 . ILE A 1 203 ? 5.469   4.190   14.173  1.00 36.04 ? 228 ILE A CG1 1 
ATOM   1427 C  CG2 . ILE A 1 203 ? 4.407   1.973   14.870  1.00 32.92 ? 228 ILE A CG2 1 
ATOM   1428 C  CD1 . ILE A 1 203 ? 4.112   5.001   13.878  1.00 34.09 ? 228 ILE A CD1 1 
ATOM   1429 N  N   . LYS A 1 204 ? 6.680   -0.340  14.592  1.00 30.69 ? 229 LYS A N   1 
ATOM   1430 C  CA  . LYS A 1 204 ? 6.779   -1.746  14.505  1.00 30.34 ? 229 LYS A CA  1 
ATOM   1431 C  C   . LYS A 1 204 ? 5.544   -2.292  15.245  1.00 31.18 ? 229 LYS A C   1 
ATOM   1432 O  O   . LYS A 1 204 ? 5.139   -1.775  16.322  1.00 30.47 ? 229 LYS A O   1 
ATOM   1433 C  CB  . LYS A 1 204 ? 8.063   -2.127  15.215  1.00 30.55 ? 229 LYS A CB  1 
ATOM   1434 C  CG  . LYS A 1 204 ? 8.541   -3.518  14.993  1.00 33.88 ? 229 LYS A CG  1 
ATOM   1435 C  CD  . LYS A 1 204 ? 9.569   -3.949  16.070  1.00 37.22 ? 229 LYS A CD  1 
ATOM   1436 C  CE  . LYS A 1 204 ? 10.560  -4.941  15.429  1.00 39.96 ? 229 LYS A CE  1 
ATOM   1437 N  NZ  . LYS A 1 204 ? 11.099  -5.925  16.395  1.00 42.53 ? 229 LYS A NZ  1 
ATOM   1438 N  N   . PHE A 1 205 ? 4.911   -3.309  14.680  1.00 30.33 ? 230 PHE A N   1 
ATOM   1439 C  CA  . PHE A 1 205 ? 3.808   -3.935  15.400  1.00 30.65 ? 230 PHE A CA  1 
ATOM   1440 C  C   . PHE A 1 205 ? 3.650   -5.433  14.971  1.00 31.83 ? 230 PHE A C   1 
ATOM   1441 O  O   . PHE A 1 205 ? 4.057   -5.841  13.861  1.00 29.45 ? 230 PHE A O   1 
ATOM   1442 C  CB  . PHE A 1 205 ? 2.525   -3.104  15.143  1.00 30.85 ? 230 PHE A CB  1 
ATOM   1443 C  CG  . PHE A 1 205 ? 2.180   -2.947  13.673  1.00 31.02 ? 230 PHE A CG  1 
ATOM   1444 C  CD1 . PHE A 1 205 ? 1.299   -3.825  13.063  1.00 29.21 ? 230 PHE A CD1 1 
ATOM   1445 C  CD2 . PHE A 1 205 ? 2.753   -1.942  12.902  1.00 31.68 ? 230 PHE A CD2 1 
ATOM   1446 C  CE1 . PHE A 1 205 ? 0.998   -3.687  11.725  1.00 31.93 ? 230 PHE A CE1 1 
ATOM   1447 C  CE2 . PHE A 1 205 ? 2.478   -1.822  11.513  1.00 31.12 ? 230 PHE A CE2 1 
ATOM   1448 C  CZ  . PHE A 1 205 ? 1.602   -2.672  10.944  1.00 32.30 ? 230 PHE A CZ  1 
ATOM   1449 N  N   . LYS A 1 206 ? 3.063   -6.258  15.826  1.00 33.49 ? 231 LYS A N   1 
ATOM   1450 C  CA  . LYS A 1 206 ? 2.885   -7.676  15.489  1.00 35.71 ? 231 LYS A CA  1 
ATOM   1451 C  C   . LYS A 1 206 ? 1.422   -7.913  15.308  1.00 36.48 ? 231 LYS A C   1 
ATOM   1452 O  O   . LYS A 1 206 ? 0.704   -7.928  16.280  1.00 35.86 ? 231 LYS A O   1 
ATOM   1453 C  CB  . LYS A 1 206 ? 3.450   -8.591  16.607  1.00 35.62 ? 231 LYS A CB  1 
ATOM   1454 C  CG  . LYS A 1 206 ? 3.790   -10.019 16.119  1.00 35.36 ? 231 LYS A CG  1 
ATOM   1455 C  CD  . LYS A 1 206 ? 4.600   -10.798 17.152  1.00 38.11 ? 231 LYS A CD  1 
ATOM   1456 C  CE  . LYS A 1 206 ? 4.368   -12.307 17.049  1.00 42.55 ? 231 LYS A CE  1 
ATOM   1457 N  NZ  . LYS A 1 206 ? 4.383   -12.688 15.599  1.00 46.51 ? 231 LYS A NZ  1 
ATOM   1458 N  N   . VAL A 1 207 ? 0.947   -8.069  14.075  1.00 39.57 ? 232 VAL A N   1 
ATOM   1459 C  CA  . VAL A 1 207 ? -0.481  -8.351  13.900  1.00 42.51 ? 232 VAL A CA  1 
ATOM   1460 C  C   . VAL A 1 207 ? -0.938  -9.356  12.835  1.00 44.51 ? 232 VAL A C   1 
ATOM   1461 O  O   . VAL A 1 207 ? -1.738  -8.986  11.999  1.00 45.89 ? 232 VAL A O   1 
ATOM   1462 C  CB  . VAL A 1 207 ? -1.396  -7.048  13.780  1.00 42.25 ? 232 VAL A CB  1 
ATOM   1463 C  CG1 . VAL A 1 207 ? -1.270  -6.108  14.994  1.00 42.24 ? 232 VAL A CG1 1 
ATOM   1464 C  CG2 . VAL A 1 207 ? -1.087  -6.288  12.575  1.00 44.31 ? 232 VAL A CG2 1 
ATOM   1465 N  N   . GLY A 1 208 ? -0.508  -10.624 12.856  1.00 46.81 ? 233 GLY A N   1 
ATOM   1466 C  CA  . GLY A 1 208 ? 0.555   -11.099 13.706  1.00 48.92 ? 233 GLY A CA  1 
ATOM   1467 C  C   . GLY A 1 208 ? 0.838   -12.579 13.575  1.00 49.61 ? 233 GLY A C   1 
ATOM   1468 O  O   . GLY A 1 208 ? 0.342   -13.354 14.347  1.00 50.46 ? 233 GLY A O   1 
ATOM   1469 N  N   . THR A 1 209 ? 1.649   -12.953 12.585  1.00 51.01 ? 234 THR A N   1 
ATOM   1470 C  CA  . THR A 1 209 ? 2.289   -14.278 12.520  1.00 50.40 ? 234 THR A CA  1 
ATOM   1471 C  C   . THR A 1 209 ? 3.760   -14.062 12.879  1.00 50.02 ? 234 THR A C   1 
ATOM   1472 O  O   . THR A 1 209 ? 4.325   -12.990 12.605  1.00 49.14 ? 234 THR A O   1 
ATOM   1473 C  CB  . THR A 1 209 ? 2.179   -14.915 11.088  1.00 50.76 ? 234 THR A CB  1 
ATOM   1474 O  OG1 . THR A 1 209 ? 0.947   -14.536 10.466  1.00 50.44 ? 234 THR A OG1 1 
ATOM   1475 C  CG2 . THR A 1 209 ? 2.240   -16.429 11.147  1.00 51.16 ? 234 THR A CG2 1 
ATOM   1476 N  N   . TRP A 1 211 ? 5.497   -9.848  12.828  1.00 32.22 ? 236 TRP A N   1 
ATOM   1477 C  CA  . TRP A 1 211 ? 6.189   -8.548  13.005  1.00 32.76 ? 236 TRP A CA  1 
ATOM   1478 C  C   . TRP A 1 211 ? 6.264   -7.723  11.731  1.00 32.04 ? 236 TRP A C   1 
ATOM   1479 O  O   . TRP A 1 211 ? 6.858   -8.136  10.761  1.00 32.31 ? 236 TRP A O   1 
ATOM   1480 C  CB  . TRP A 1 211 ? 7.578   -8.689  13.595  1.00 34.32 ? 236 TRP A CB  1 
ATOM   1481 C  CG  . TRP A 1 211 ? 7.564   -8.908  15.064  1.00 35.25 ? 236 TRP A CG  1 
ATOM   1482 C  CD1 . TRP A 1 211 ? 7.878   -10.061 15.705  1.00 37.91 ? 236 TRP A CD1 1 
ATOM   1483 C  CD2 . TRP A 1 211 ? 7.191   -7.958  16.096  1.00 37.43 ? 236 TRP A CD2 1 
ATOM   1484 N  NE1 . TRP A 1 211 ? 7.731   -9.904  17.091  1.00 39.83 ? 236 TRP A NE1 1 
ATOM   1485 C  CE2 . TRP A 1 211 ? 7.310   -8.620  17.344  1.00 40.25 ? 236 TRP A CE2 1 
ATOM   1486 C  CE3 . TRP A 1 211 ? 6.770   -6.622  16.086  1.00 36.97 ? 236 TRP A CE3 1 
ATOM   1487 C  CZ2 . TRP A 1 211 ? 7.015   -7.985  18.564  1.00 39.05 ? 236 TRP A CZ2 1 
ATOM   1488 C  CZ3 . TRP A 1 211 ? 6.491   -6.007  17.284  1.00 35.27 ? 236 TRP A CZ3 1 
ATOM   1489 C  CH2 . TRP A 1 211 ? 6.612   -6.677  18.500  1.00 37.60 ? 236 TRP A CH2 1 
ATOM   1490 N  N   . ARG A 1 212 ? 5.622   -6.561  11.757  1.00 31.16 ? 237 ARG A N   1 
ATOM   1491 C  CA  . ARG A 1 212 ? 5.526   -5.634  10.628  1.00 31.87 ? 237 ARG A CA  1 
ATOM   1492 C  C   . ARG A 1 212 ? 5.993   -4.243  11.023  1.00 30.55 ? 237 ARG A C   1 
ATOM   1493 O  O   . ARG A 1 212 ? 6.032   -3.931  12.208  1.00 31.30 ? 237 ARG A O   1 
ATOM   1494 C  CB  . ARG A 1 212 ? 4.091   -5.584  10.115  1.00 32.36 ? 237 ARG A CB  1 
ATOM   1495 C  CG  . ARG A 1 212 ? 3.773   -6.810  9.319   1.00 35.74 ? 237 ARG A CG  1 
ATOM   1496 C  CD  . ARG A 1 212 ? 4.271   -6.702  7.880   1.00 38.83 ? 237 ARG A CD  1 
ATOM   1497 N  NE  . ARG A 1 212 ? 4.577   -8.030  7.361   1.00 46.08 ? 237 ARG A NE  1 
ATOM   1498 C  CZ  . ARG A 1 212 ? 4.938   -8.283  6.104   1.00 51.00 ? 237 ARG A CZ  1 
ATOM   1499 N  NH1 . ARG A 1 212 ? 5.029   -7.292  5.194   1.00 50.98 ? 237 ARG A NH1 1 
ATOM   1500 N  NH2 . ARG A 1 212 ? 5.199   -9.543  5.746   1.00 51.68 ? 237 ARG A NH2 1 
ATOM   1501 N  N   . HIS A 1 213 ? 6.361   -3.441  10.029  1.00 30.08 ? 238 HIS A N   1 
ATOM   1502 C  CA  . HIS A 1 213 ? 6.960   -2.132  10.215  1.00 29.12 ? 238 HIS A CA  1 
ATOM   1503 C  C   . HIS A 1 213 ? 6.258   -1.224  9.274   1.00 29.35 ? 238 HIS A C   1 
ATOM   1504 O  O   . HIS A 1 213 ? 6.013   -1.599  8.133   1.00 30.38 ? 238 HIS A O   1 
ATOM   1505 C  CB  . HIS A 1 213 ? 8.405   -2.132  9.813   1.00 29.33 ? 238 HIS A CB  1 
ATOM   1506 C  CG  . HIS A 1 213 ? 9.302   -2.746  10.831  1.00 26.40 ? 238 HIS A CG  1 
ATOM   1507 N  ND1 . HIS A 1 213 ? 10.099  -1.994  11.667  1.00 30.86 ? 238 HIS A ND1 1 
ATOM   1508 C  CD2 . HIS A 1 213 ? 9.531   -4.036  11.151  1.00 26.71 ? 238 HIS A CD2 1 
ATOM   1509 C  CE1 . HIS A 1 213 ? 10.784  -2.795  12.465  1.00 26.84 ? 238 HIS A CE1 1 
ATOM   1510 N  NE2 . HIS A 1 213 ? 10.446  -4.042  12.179  1.00 29.88 ? 238 HIS A NE2 1 
ATOM   1511 N  N   . SER A 1 214 ? 5.888   -0.056  9.784   1.00 27.52 ? 239 SER A N   1 
ATOM   1512 C  CA  . SER A 1 214 ? 5.445   1.035   9.000   1.00 26.79 ? 239 SER A CA  1 
ATOM   1513 C  C   . SER A 1 214 ? 6.587   2.061   8.972   1.00 27.63 ? 239 SER A C   1 
ATOM   1514 O  O   . SER A 1 214 ? 6.863   2.650   9.995   1.00 28.76 ? 239 SER A O   1 
ATOM   1515 C  CB  . SER A 1 214 ? 4.248   1.658   9.696   1.00 25.73 ? 239 SER A CB  1 
ATOM   1516 O  OG  . SER A 1 214 ? 3.762   2.717   8.897   1.00 25.60 ? 239 SER A OG  1 
ATOM   1517 N  N   . LEU A 1 215 ? 7.213   2.282   7.819   1.00 28.55 ? 240 LEU A N   1 
ATOM   1518 C  CA  . LEU A 1 215 ? 8.299   3.276   7.577   1.00 28.33 ? 240 LEU A CA  1 
ATOM   1519 C  C   . LEU A 1 215 ? 7.588   4.457   6.957   1.00 28.42 ? 240 LEU A C   1 
ATOM   1520 O  O   . LEU A 1 215 ? 7.018   4.318   5.889   1.00 29.04 ? 240 LEU A O   1 
ATOM   1521 C  CB  . LEU A 1 215 ? 9.327   2.718   6.546   1.00 28.55 ? 240 LEU A CB  1 
ATOM   1522 C  CG  . LEU A 1 215 ? 10.632  2.167   7.070   1.00 30.36 ? 240 LEU A CG  1 
ATOM   1523 C  CD1 . LEU A 1 215 ? 10.407  1.326   8.307   1.00 31.82 ? 240 LEU A CD1 1 
ATOM   1524 C  CD2 . LEU A 1 215 ? 11.687  1.538   6.074   1.00 26.23 ? 240 LEU A CD2 1 
ATOM   1525 N  N   . ILE A 1 216 ? 7.526   5.588   7.653   1.00 28.93 ? 241 ILE A N   1 
ATOM   1526 C  CA  . ILE A 1 216 ? 6.840   6.789   7.184   1.00 27.83 ? 241 ILE A CA  1 
ATOM   1527 C  C   . ILE A 1 216 ? 7.873   7.898   6.945   1.00 29.92 ? 241 ILE A C   1 
ATOM   1528 O  O   . ILE A 1 216 ? 8.589   8.324   7.863   1.00 31.30 ? 241 ILE A O   1 
ATOM   1529 C  CB  . ILE A 1 216 ? 5.745   7.273   8.158   1.00 27.84 ? 241 ILE A CB  1 
ATOM   1530 C  CG1 . ILE A 1 216 ? 4.761   6.117   8.499   1.00 25.58 ? 241 ILE A CG1 1 
ATOM   1531 C  CG2 . ILE A 1 216 ? 4.936   8.389   7.534   1.00 28.34 ? 241 ILE A CG2 1 
ATOM   1532 C  CD1 . ILE A 1 216 ? 4.259   6.210   9.888   1.00 26.39 ? 241 ILE A CD1 1 
ATOM   1533 N  N   . PHE A 1 217 ? 7.900   8.386   5.706   1.00 29.07 ? 242 PHE A N   1 
ATOM   1534 C  CA  . PHE A 1 217 ? 8.894   9.354   5.268   1.00 29.58 ? 242 PHE A CA  1 
ATOM   1535 C  C   . PHE A 1 217 ? 8.203   10.711  5.066   1.00 29.85 ? 242 PHE A C   1 
ATOM   1536 O  O   . PHE A 1 217 ? 7.225   10.794  4.292   1.00 31.02 ? 242 PHE A O   1 
ATOM   1537 C  CB  . PHE A 1 217 ? 9.556   8.852   3.940   1.00 26.62 ? 242 PHE A CB  1 
ATOM   1538 C  CG  . PHE A 1 217 ? 10.467  7.687   4.140   1.00 27.67 ? 242 PHE A CG  1 
ATOM   1539 C  CD1 . PHE A 1 217 ? 11.780  7.874   4.549   1.00 26.98 ? 242 PHE A CD1 1 
ATOM   1540 C  CD2 . PHE A 1 217 ? 10.001  6.389   4.018   1.00 30.18 ? 242 PHE A CD2 1 
ATOM   1541 C  CE1 . PHE A 1 217 ? 12.631  6.810   4.733   1.00 26.54 ? 242 PHE A CE1 1 
ATOM   1542 C  CE2 . PHE A 1 217 ? 10.861  5.303   4.213   1.00 27.32 ? 242 PHE A CE2 1 
ATOM   1543 C  CZ  . PHE A 1 217 ? 12.148  5.516   4.566   1.00 28.01 ? 242 PHE A CZ  1 
ATOM   1544 N  N   . PHE A 1 218 ? 8.706   11.758  5.724   1.00 29.11 ? 243 PHE A N   1 
ATOM   1545 C  CA  . PHE A 1 218 ? 8.034   13.061  5.701   1.00 28.62 ? 243 PHE A CA  1 
ATOM   1546 C  C   . PHE A 1 218 ? 8.793   13.994  4.779   1.00 28.82 ? 243 PHE A C   1 
ATOM   1547 O  O   . PHE A 1 218 ? 9.979   14.188  4.950   1.00 29.52 ? 243 PHE A O   1 
ATOM   1548 C  CB  . PHE A 1 218 ? 7.909   13.616  7.108   1.00 27.59 ? 243 PHE A CB  1 
ATOM   1549 C  CG  . PHE A 1 218 ? 7.002   12.801  7.979   1.00 27.70 ? 243 PHE A CG  1 
ATOM   1550 C  CD1 . PHE A 1 218 ? 5.694   13.192  8.181   1.00 28.37 ? 243 PHE A CD1 1 
ATOM   1551 C  CD2 . PHE A 1 218 ? 7.456   11.620  8.599   1.00 23.92 ? 243 PHE A CD2 1 
ATOM   1552 C  CE1 . PHE A 1 218 ? 4.823   12.429  9.023   1.00 33.10 ? 243 PHE A CE1 1 
ATOM   1553 C  CE2 . PHE A 1 218 ? 6.635   10.902  9.445   1.00 29.77 ? 243 PHE A CE2 1 
ATOM   1554 C  CZ  . PHE A 1 218 ? 5.300   11.271  9.623   1.00 30.54 ? 243 PHE A CZ  1 
ATOM   1555 N  N   . LYS A 1 219 ? 8.124   14.543  3.786   1.00 28.85 ? 244 LYS A N   1 
ATOM   1556 C  CA  . LYS A 1 219 ? 8.731   15.546  2.925   1.00 32.10 ? 244 LYS A CA  1 
ATOM   1557 C  C   . LYS A 1 219 ? 8.847   16.834  3.749   1.00 35.19 ? 244 LYS A C   1 
ATOM   1558 O  O   . LYS A 1 219 ? 9.936   17.392  3.958   1.00 36.87 ? 244 LYS A O   1 
ATOM   1559 C  CB  . LYS A 1 219 ? 7.877   15.775  1.675   1.00 31.04 ? 244 LYS A CB  1 
ATOM   1560 C  CG  . LYS A 1 219 ? 8.535   16.744  0.705   1.00 32.20 ? 244 LYS A CG  1 
ATOM   1561 C  CD  . LYS A 1 219 ? 7.867   16.720  -0.607  1.00 32.32 ? 244 LYS A CD  1 
ATOM   1562 C  CE  . LYS A 1 219 ? 8.514   17.736  -1.514  1.00 35.61 ? 244 LYS A CE  1 
ATOM   1563 N  NZ  . LYS A 1 219 ? 7.860   17.698  -2.827  1.00 35.07 ? 244 LYS A NZ  1 
ATOM   1564 N  N   . GLY A 1 220 ? 7.727   17.305  4.269   1.00 39.82 ? 245 GLY A N   1 
ATOM   1565 C  CA  . GLY A 1 220 ? 7.780   18.509  5.122   1.00 45.13 ? 245 GLY A CA  1 
ATOM   1566 C  C   . GLY A 1 220 ? 7.707   19.821  4.357   1.00 47.26 ? 245 GLY A C   1 
ATOM   1567 O  O   . GLY A 1 220 ? 7.163   19.855  3.244   1.00 48.82 ? 245 GLY A O   1 
ATOM   1568 N  N   . ILE A 1 221 ? 8.286   20.864  4.972   1.00 50.14 ? 246 ILE A N   1 
ATOM   1569 C  CA  . ILE A 1 221 ? 8.117   22.327  4.686   1.00 51.04 ? 246 ILE A CA  1 
ATOM   1570 C  C   . ILE A 1 221 ? 6.686   22.761  4.271   1.00 51.32 ? 246 ILE A C   1 
ATOM   1571 O  O   . ILE A 1 221 ? 5.679   22.377  4.897   1.00 51.05 ? 246 ILE A O   1 
ATOM   1572 C  CB  . ILE A 1 221 ? 9.162   22.885  3.672   1.00 51.64 ? 246 ILE A CB  1 
ATOM   1573 C  CG1 . ILE A 1 221 ? 10.568  22.290  3.882   1.00 51.50 ? 246 ILE A CG1 1 
ATOM   1574 C  CG2 . ILE A 1 221 ? 9.179   24.433  3.708   1.00 52.84 ? 246 ILE A CG2 1 
ATOM   1575 C  CD1 . ILE A 1 221 ? 11.538  22.574  2.657   1.00 51.39 ? 246 ILE A CD1 1 
HETATM 1576 O  O   . HOH B 2 .   ? -9.980  5.608   11.943  1.00 40.75 ? 1   HOH A O   1 
HETATM 1577 O  O   . HOH B 2 .   ? 0.611   -9.027  5.668   1.00 37.49 ? 2   HOH A O   1 
HETATM 1578 O  O   . HOH B 2 .   ? -1.095  -13.337 -12.458 1.00 41.28 ? 3   HOH A O   1 
HETATM 1579 O  O   . HOH B 2 .   ? -2.235  -8.654  -6.192  1.00 24.08 ? 4   HOH A O   1 
HETATM 1580 O  O   . HOH B 2 .   ? 4.628   2.315   -16.817 1.00 22.67 ? 5   HOH A O   1 
HETATM 1581 O  O   . HOH B 2 .   ? -12.536 -15.345 -2.979  1.00 31.43 ? 6   HOH A O   1 
HETATM 1582 O  O   . HOH B 2 .   ? -11.396 9.258   9.494   1.00 39.77 ? 7   HOH A O   1 
HETATM 1583 O  O   . HOH B 2 .   ? 11.564  -2.894  -2.136  1.00 27.43 ? 8   HOH A O   1 
HETATM 1584 O  O   . HOH B 2 .   ? 1.338   -3.542  -9.114  1.00 23.00 ? 9   HOH A O   1 
HETATM 1585 O  O   . HOH B 2 .   ? -4.096  -2.788  -1.049  1.00 25.23 ? 10  HOH A O   1 
HETATM 1586 O  O   . HOH B 2 .   ? 21.440  8.370   5.353   1.00 27.09 ? 11  HOH A O   1 
HETATM 1587 O  O   . HOH B 2 .   ? 0.164   -1.389  -1.899  1.00 21.46 ? 12  HOH A O   1 
HETATM 1588 O  O   . HOH B 2 .   ? 1.658   3.231   -17.310 1.00 27.68 ? 13  HOH A O   1 
HETATM 1589 O  O   . HOH B 2 .   ? -4.363  -6.746  -2.824  1.00 22.39 ? 14  HOH A O   1 
HETATM 1590 O  O   . HOH B 2 .   ? 7.671   0.685   17.419  1.00 26.34 ? 15  HOH A O   1 
HETATM 1591 O  O   . HOH B 2 .   ? -17.808 -12.076 8.613   1.00 31.28 ? 17  HOH A O   1 
HETATM 1592 O  O   . HOH B 2 .   ? -6.433  10.522  -5.591  1.00 23.16 ? 18  HOH A O   1 
HETATM 1593 O  O   . HOH B 2 .   ? -3.650  14.074  -7.323  1.00 35.30 ? 19  HOH A O   1 
HETATM 1594 O  O   . HOH B 2 .   ? 5.610   -5.293  2.069   1.00 26.95 ? 20  HOH A O   1 
HETATM 1595 O  O   . HOH B 2 .   ? -19.935 -9.410  -5.928  1.00 46.58 ? 21  HOH A O   1 
HETATM 1596 O  O   . HOH B 2 .   ? -5.954  2.602   -16.178 1.00 34.39 ? 22  HOH A O   1 
HETATM 1597 O  O   . HOH B 2 .   ? -11.368 13.688  0.797   1.00 38.76 ? 23  HOH A O   1 
HETATM 1598 O  O   . HOH B 2 .   ? -15.168 -9.900  2.370   1.00 27.35 ? 24  HOH A O   1 
HETATM 1599 O  O   . HOH B 2 .   ? 15.943  -8.969  -4.722  1.00 49.89 ? 256 HOH A O   1 
HETATM 1600 O  O   . HOH B 2 .   ? -19.788 -9.933  9.247   1.00 27.55 ? 257 HOH A O   1 
HETATM 1601 O  O   . HOH B 2 .   ? -7.071  -6.460  -16.804 1.00 37.59 ? 258 HOH A O   1 
HETATM 1602 O  O   . HOH B 2 .   ? 22.330  5.373   1.950   1.00 42.43 ? 259 HOH A O   1 
HETATM 1603 O  O   . HOH B 2 .   ? 11.557  -8.238  16.190  1.00 46.32 ? 260 HOH A O   1 
HETATM 1604 O  O   . HOH B 2 .   ? -20.122 -1.054  6.363   1.00 35.70 ? 261 HOH A O   1 
HETATM 1605 O  O   . HOH B 2 .   ? 19.152  7.621   -1.587  1.00 43.78 ? 262 HOH A O   1 
HETATM 1606 O  O   . HOH B 2 .   ? -6.491  -10.103 9.198   1.00 31.70 ? 263 HOH A O   1 
HETATM 1607 O  O   . HOH B 2 .   ? -19.245 -2.948  0.714   1.00 32.83 ? 264 HOH A O   1 
HETATM 1608 O  O   . HOH B 2 .   ? 0.640   -5.323  -6.567  1.00 40.10 ? 265 HOH A O   1 
HETATM 1609 O  O   . HOH B 2 .   ? -16.446 0.829   -0.033  1.00 25.67 ? 266 HOH A O   1 
HETATM 1610 O  O   . HOH B 2 .   ? 1.220   9.464   -17.336 1.00 41.06 ? 267 HOH A O   1 
HETATM 1611 O  O   . HOH B 2 .   ? -14.211 3.554   -8.581  1.00 39.20 ? 268 HOH A O   1 
HETATM 1612 O  O   . HOH B 2 .   ? 9.564   -4.387  -3.041  1.00 29.76 ? 269 HOH A O   1 
HETATM 1613 O  O   . HOH B 2 .   ? -14.252 2.209   -0.019  1.00 35.44 ? 270 HOH A O   1 
HETATM 1614 O  O   . HOH B 2 .   ? 5.369   13.617  12.887  1.00 37.45 ? 271 HOH A O   1 
HETATM 1615 O  O   . HOH B 2 .   ? 7.352   14.517  11.718  1.00 18.97 ? 272 HOH A O   1 
HETATM 1616 O  O   . HOH B 2 .   ? 2.465   1.689   -10.151 1.00 21.76 ? 273 HOH A O   1 
HETATM 1617 O  O   . HOH B 2 .   ? 8.337   4.672   -12.970 1.00 20.92 ? 274 HOH A O   1 
HETATM 1618 O  O   . HOH B 2 .   ? 4.401   -0.554  -9.386  1.00 27.03 ? 275 HOH A O   1 
HETATM 1619 O  O   . HOH B 2 .   ? 20.277  13.000  -2.397  1.00 27.57 ? 276 HOH A O   1 
HETATM 1620 O  O   . HOH B 2 .   ? 6.937   16.401  10.009  1.00 34.16 ? 277 HOH A O   1 
HETATM 1621 O  O   . HOH B 2 .   ? -0.621  4.518   -16.790 1.00 40.07 ? 278 HOH A O   1 
HETATM 1622 O  O   . HOH B 2 .   ? -3.830  -9.643  10.170  1.00 30.38 ? 279 HOH A O   1 
HETATM 1623 O  O   . HOH B 2 .   ? -13.948 -5.418  -17.936 1.00 40.98 ? 280 HOH A O   1 
HETATM 1624 O  O   . HOH B 2 .   ? 13.212  -5.124  -5.281  1.00 43.09 ? 281 HOH A O   1 
HETATM 1625 O  O   . HOH B 2 .   ? 14.602  4.680   12.713  1.00 39.37 ? 282 HOH A O   1 
HETATM 1626 O  O   . HOH B 2 .   ? -15.649 -16.173 4.584   1.00 32.85 ? 283 HOH A O   1 
# 
